data_5ZKT
# 
_entry.id   5ZKT 
# 
_audit_conform.dict_name       mmcif_pdbx.dic 
_audit_conform.dict_version    5.387 
_audit_conform.dict_location   http://mmcif.pdb.org/dictionaries/ascii/mmcif_pdbx.dic 
# 
loop_
_database_2.database_id 
_database_2.database_code 
_database_2.pdbx_database_accession 
_database_2.pdbx_DOI 
PDB   5ZKT         pdb_00005zkt 10.2210/pdb5zkt/pdb 
WWPDB D_1300007182 ?            ?                   
# 
loop_
_pdbx_audit_revision_history.ordinal 
_pdbx_audit_revision_history.data_content_type 
_pdbx_audit_revision_history.major_revision 
_pdbx_audit_revision_history.minor_revision 
_pdbx_audit_revision_history.revision_date 
1 'Structure model' 1 0 2019-03-27 
2 'Structure model' 1 1 2024-03-27 
# 
_pdbx_audit_revision_details.ordinal             1 
_pdbx_audit_revision_details.revision_ordinal    1 
_pdbx_audit_revision_details.data_content_type   'Structure model' 
_pdbx_audit_revision_details.provider            repository 
_pdbx_audit_revision_details.type                'Initial release' 
_pdbx_audit_revision_details.description         ? 
_pdbx_audit_revision_details.details             ? 
# 
loop_
_pdbx_audit_revision_group.ordinal 
_pdbx_audit_revision_group.revision_ordinal 
_pdbx_audit_revision_group.data_content_type 
_pdbx_audit_revision_group.group 
1 2 'Structure model' 'Data collection'     
2 2 'Structure model' 'Database references' 
# 
loop_
_pdbx_audit_revision_category.ordinal 
_pdbx_audit_revision_category.revision_ordinal 
_pdbx_audit_revision_category.data_content_type 
_pdbx_audit_revision_category.category 
1 2 'Structure model' chem_comp_atom 
2 2 'Structure model' chem_comp_bond 
3 2 'Structure model' database_2     
# 
loop_
_pdbx_audit_revision_item.ordinal 
_pdbx_audit_revision_item.revision_ordinal 
_pdbx_audit_revision_item.data_content_type 
_pdbx_audit_revision_item.item 
1 2 'Structure model' '_database_2.pdbx_DOI'                
2 2 'Structure model' '_database_2.pdbx_database_accession' 
# 
_pdbx_database_status.status_code                     REL 
_pdbx_database_status.status_code_sf                  REL 
_pdbx_database_status.status_code_mr                  ? 
_pdbx_database_status.entry_id                        5ZKT 
_pdbx_database_status.recvd_initial_deposition_date   2018-03-26 
_pdbx_database_status.SG_entry                        N 
_pdbx_database_status.deposit_site                    PDBJ 
_pdbx_database_status.process_site                    PDBJ 
_pdbx_database_status.status_code_cs                  ? 
_pdbx_database_status.methods_development_category    ? 
_pdbx_database_status.pdb_format_compatible           Y 
_pdbx_database_status.status_code_nmr_data            ? 
# 
loop_
_audit_author.name 
_audit_author.pdbx_ordinal 
_audit_author.identifier_ORCID 
'Sun, L.F.' 1 ? 
'Zou, X.M.' 2 ? 
'Wu, Y.K.'  3 ? 
# 
_citation.abstract                  ? 
_citation.abstract_id_CAS           ? 
_citation.book_id_ISBN              ? 
_citation.book_publisher            ? 
_citation.book_publisher_city       ? 
_citation.book_title                ? 
_citation.coordinate_linkage        ? 
_citation.country                   ? 
_citation.database_id_Medline       ? 
_citation.details                   ? 
_citation.id                        primary 
_citation.journal_abbrev            'To be published' 
_citation.journal_id_ASTM           ? 
_citation.journal_id_CSD            0353 
_citation.journal_id_ISSN           ? 
_citation.journal_full              ? 
_citation.journal_issue             ? 
_citation.journal_volume            ? 
_citation.language                  ? 
_citation.page_first                ? 
_citation.page_last                 ? 
_citation.title                     'Crystal structure of TCP domain of PCF6 in Oryza sativa' 
_citation.year                      ? 
_citation.database_id_CSD           ? 
_citation.pdbx_database_id_DOI      ? 
_citation.pdbx_database_id_PubMed   ? 
_citation.unpublished_flag          ? 
# 
loop_
_citation_author.citation_id 
_citation_author.name 
_citation_author.ordinal 
_citation_author.identifier_ORCID 
primary 'Sun, L.F.' 1 ? 
primary 'Zou, X.M.' 2 ? 
# 
loop_
_entity.id 
_entity.type 
_entity.src_method 
_entity.pdbx_description 
_entity.formula_weight 
_entity.pdbx_number_of_molecules 
_entity.pdbx_ec 
_entity.pdbx_mutation 
_entity.pdbx_fragment 
_entity.details 
1 polymer man 'Putative transcription factor PCF6' 6218.169 2  ? ? 'TCP domain' ? 
2 water   nat water                                18.015   86 ? ? ?            ? 
# 
_entity_poly.entity_id                      1 
_entity_poly.type                           'polypeptide(L)' 
_entity_poly.nstd_linkage                   no 
_entity_poly.nstd_monomer                   no 
_entity_poly.pdbx_seq_one_letter_code       SKVYTAKGIRDRRVRLSVSTAIQFYDLQDRLGYDQPSKAIEWLIKAAAAAIDKLP 
_entity_poly.pdbx_seq_one_letter_code_can   SKVYTAKGIRDRRVRLSVSTAIQFYDLQDRLGYDQPSKAIEWLIKAAAAAIDKLP 
_entity_poly.pdbx_strand_id                 A,B 
_entity_poly.pdbx_target_identifier         ? 
# 
_pdbx_entity_nonpoly.entity_id   2 
_pdbx_entity_nonpoly.name        water 
_pdbx_entity_nonpoly.comp_id     HOH 
# 
loop_
_entity_poly_seq.entity_id 
_entity_poly_seq.num 
_entity_poly_seq.mon_id 
_entity_poly_seq.hetero 
1 1  SER n 
1 2  LYS n 
1 3  VAL n 
1 4  TYR n 
1 5  THR n 
1 6  ALA n 
1 7  LYS n 
1 8  GLY n 
1 9  ILE n 
1 10 ARG n 
1 11 ASP n 
1 12 ARG n 
1 13 ARG n 
1 14 VAL n 
1 15 ARG n 
1 16 LEU n 
1 17 SER n 
1 18 VAL n 
1 19 SER n 
1 20 THR n 
1 21 ALA n 
1 22 ILE n 
1 23 GLN n 
1 24 PHE n 
1 25 TYR n 
1 26 ASP n 
1 27 LEU n 
1 28 GLN n 
1 29 ASP n 
1 30 ARG n 
1 31 LEU n 
1 32 GLY n 
1 33 TYR n 
1 34 ASP n 
1 35 GLN n 
1 36 PRO n 
1 37 SER n 
1 38 LYS n 
1 39 ALA n 
1 40 ILE n 
1 41 GLU n 
1 42 TRP n 
1 43 LEU n 
1 44 ILE n 
1 45 LYS n 
1 46 ALA n 
1 47 ALA n 
1 48 ALA n 
1 49 ALA n 
1 50 ALA n 
1 51 ILE n 
1 52 ASP n 
1 53 LYS n 
1 54 LEU n 
1 55 PRO n 
# 
_entity_src_gen.entity_id                          1 
_entity_src_gen.pdbx_src_id                        1 
_entity_src_gen.pdbx_alt_source_flag               sample 
_entity_src_gen.pdbx_seq_type                      'Biological sequence' 
_entity_src_gen.pdbx_beg_seq_num                   1 
_entity_src_gen.pdbx_end_seq_num                   55 
_entity_src_gen.gene_src_common_name               Rice 
_entity_src_gen.gene_src_genus                     ? 
_entity_src_gen.pdbx_gene_src_gene                 'B1364A02.22, OJ1048_C10.23' 
_entity_src_gen.gene_src_species                   ? 
_entity_src_gen.gene_src_strain                    ? 
_entity_src_gen.gene_src_tissue                    ? 
_entity_src_gen.gene_src_tissue_fraction           ? 
_entity_src_gen.gene_src_details                   ? 
_entity_src_gen.pdbx_gene_src_fragment             ? 
_entity_src_gen.pdbx_gene_src_scientific_name      'Oryza sativa subsp. japonica' 
_entity_src_gen.pdbx_gene_src_ncbi_taxonomy_id     39947 
_entity_src_gen.pdbx_gene_src_variant              ? 
_entity_src_gen.pdbx_gene_src_cell_line            ? 
_entity_src_gen.pdbx_gene_src_atcc                 ? 
_entity_src_gen.pdbx_gene_src_organ                ? 
_entity_src_gen.pdbx_gene_src_organelle            ? 
_entity_src_gen.pdbx_gene_src_cell                 ? 
_entity_src_gen.pdbx_gene_src_cellular_location    ? 
_entity_src_gen.host_org_common_name               ? 
_entity_src_gen.pdbx_host_org_scientific_name      'Escherichia coli BL21(DE3)' 
_entity_src_gen.pdbx_host_org_ncbi_taxonomy_id     469008 
_entity_src_gen.host_org_genus                     ? 
_entity_src_gen.pdbx_host_org_gene                 ? 
_entity_src_gen.pdbx_host_org_organ                ? 
_entity_src_gen.host_org_species                   ? 
_entity_src_gen.pdbx_host_org_tissue               ? 
_entity_src_gen.pdbx_host_org_tissue_fraction      ? 
_entity_src_gen.pdbx_host_org_strain               'BL21(DE3)' 
_entity_src_gen.pdbx_host_org_variant              ? 
_entity_src_gen.pdbx_host_org_cell_line            ? 
_entity_src_gen.pdbx_host_org_atcc                 ? 
_entity_src_gen.pdbx_host_org_culture_collection   ? 
_entity_src_gen.pdbx_host_org_cell                 ? 
_entity_src_gen.pdbx_host_org_organelle            ? 
_entity_src_gen.pdbx_host_org_cellular_location    ? 
_entity_src_gen.pdbx_host_org_vector_type          plasmid 
_entity_src_gen.pdbx_host_org_vector               ? 
_entity_src_gen.host_org_details                   ? 
_entity_src_gen.expression_system_id               ? 
_entity_src_gen.plasmid_name                       pET32a 
_entity_src_gen.plasmid_details                    ? 
_entity_src_gen.pdbx_description                   ? 
# 
loop_
_chem_comp.id 
_chem_comp.type 
_chem_comp.mon_nstd_flag 
_chem_comp.name 
_chem_comp.pdbx_synonyms 
_chem_comp.formula 
_chem_comp.formula_weight 
ALA 'L-peptide linking' y ALANINE         ? 'C3 H7 N O2'     89.093  
ARG 'L-peptide linking' y ARGININE        ? 'C6 H15 N4 O2 1' 175.209 
ASP 'L-peptide linking' y 'ASPARTIC ACID' ? 'C4 H7 N O4'     133.103 
GLN 'L-peptide linking' y GLUTAMINE       ? 'C5 H10 N2 O3'   146.144 
GLU 'L-peptide linking' y 'GLUTAMIC ACID' ? 'C5 H9 N O4'     147.129 
GLY 'peptide linking'   y GLYCINE         ? 'C2 H5 N O2'     75.067  
HOH non-polymer         . WATER           ? 'H2 O'           18.015  
ILE 'L-peptide linking' y ISOLEUCINE      ? 'C6 H13 N O2'    131.173 
LEU 'L-peptide linking' y LEUCINE         ? 'C6 H13 N O2'    131.173 
LYS 'L-peptide linking' y LYSINE          ? 'C6 H15 N2 O2 1' 147.195 
PHE 'L-peptide linking' y PHENYLALANINE   ? 'C9 H11 N O2'    165.189 
PRO 'L-peptide linking' y PROLINE         ? 'C5 H9 N O2'     115.130 
SER 'L-peptide linking' y SERINE          ? 'C3 H7 N O3'     105.093 
THR 'L-peptide linking' y THREONINE       ? 'C4 H9 N O3'     119.119 
TRP 'L-peptide linking' y TRYPTOPHAN      ? 'C11 H12 N2 O2'  204.225 
TYR 'L-peptide linking' y TYROSINE        ? 'C9 H11 N O3'    181.189 
VAL 'L-peptide linking' y VALINE          ? 'C5 H11 N O2'    117.146 
# 
loop_
_pdbx_poly_seq_scheme.asym_id 
_pdbx_poly_seq_scheme.entity_id 
_pdbx_poly_seq_scheme.seq_id 
_pdbx_poly_seq_scheme.mon_id 
_pdbx_poly_seq_scheme.ndb_seq_num 
_pdbx_poly_seq_scheme.pdb_seq_num 
_pdbx_poly_seq_scheme.auth_seq_num 
_pdbx_poly_seq_scheme.pdb_mon_id 
_pdbx_poly_seq_scheme.auth_mon_id 
_pdbx_poly_seq_scheme.pdb_strand_id 
_pdbx_poly_seq_scheme.pdb_ins_code 
_pdbx_poly_seq_scheme.hetero 
A 1 1  SER 1  5  5  SER SER A . n 
A 1 2  LYS 2  6  6  LYS LYS A . n 
A 1 3  VAL 3  7  7  VAL VAL A . n 
A 1 4  TYR 4  8  8  TYR TYR A . n 
A 1 5  THR 5  9  9  THR THR A . n 
A 1 6  ALA 6  10 10 ALA ALA A . n 
A 1 7  LYS 7  11 11 LYS LYS A . n 
A 1 8  GLY 8  12 12 GLY GLY A . n 
A 1 9  ILE 9  13 13 ILE ILE A . n 
A 1 10 ARG 10 14 14 ARG ARG A . n 
A 1 11 ASP 11 15 15 ASP ASP A . n 
A 1 12 ARG 12 16 16 ARG ARG A . n 
A 1 13 ARG 13 17 17 ARG ARG A . n 
A 1 14 VAL 14 18 18 VAL VAL A . n 
A 1 15 ARG 15 19 19 ARG ARG A . n 
A 1 16 LEU 16 20 20 LEU LEU A . n 
A 1 17 SER 17 21 21 SER SER A . n 
A 1 18 VAL 18 22 22 VAL VAL A . n 
A 1 19 SER 19 23 23 SER SER A . n 
A 1 20 THR 20 24 24 THR THR A . n 
A 1 21 ALA 21 25 25 ALA ALA A . n 
A 1 22 ILE 22 26 26 ILE ILE A . n 
A 1 23 GLN 23 27 27 GLN GLN A . n 
A 1 24 PHE 24 28 28 PHE PHE A . n 
A 1 25 TYR 25 29 29 TYR TYR A . n 
A 1 26 ASP 26 30 30 ASP ASP A . n 
A 1 27 LEU 27 31 31 LEU LEU A . n 
A 1 28 GLN 28 32 32 GLN GLN A . n 
A 1 29 ASP 29 33 33 ASP ASP A . n 
A 1 30 ARG 30 34 34 ARG ARG A . n 
A 1 31 LEU 31 35 35 LEU LEU A . n 
A 1 32 GLY 32 36 36 GLY GLY A . n 
A 1 33 TYR 33 37 37 TYR TYR A . n 
A 1 34 ASP 34 38 38 ASP ASP A . n 
A 1 35 GLN 35 39 39 GLN GLN A . n 
A 1 36 PRO 36 40 40 PRO PRO A . n 
A 1 37 SER 37 41 41 SER SER A . n 
A 1 38 LYS 38 42 42 LYS LYS A . n 
A 1 39 ALA 39 43 43 ALA ALA A . n 
A 1 40 ILE 40 44 44 ILE ILE A . n 
A 1 41 GLU 41 45 45 GLU GLU A . n 
A 1 42 TRP 42 46 46 TRP TRP A . n 
A 1 43 LEU 43 47 47 LEU LEU A . n 
A 1 44 ILE 44 48 48 ILE ILE A . n 
A 1 45 LYS 45 49 49 LYS LYS A . n 
A 1 46 ALA 46 50 50 ALA ALA A . n 
A 1 47 ALA 47 51 51 ALA ALA A . n 
A 1 48 ALA 48 52 52 ALA ALA A . n 
A 1 49 ALA 49 53 53 ALA ALA A . n 
A 1 50 ALA 50 54 54 ALA ALA A . n 
A 1 51 ILE 51 55 55 ILE ILE A . n 
A 1 52 ASP 52 56 56 ASP ASP A . n 
A 1 53 LYS 53 57 57 LYS LYS A . n 
A 1 54 LEU 54 58 58 LEU LEU A . n 
A 1 55 PRO 55 59 ?  ?   ?   A . n 
B 1 1  SER 1  5  5  SER SER B . n 
B 1 2  LYS 2  6  6  LYS LYS B . n 
B 1 3  VAL 3  7  7  VAL VAL B . n 
B 1 4  TYR 4  8  8  TYR TYR B . n 
B 1 5  THR 5  9  9  THR THR B . n 
B 1 6  ALA 6  10 10 ALA ALA B . n 
B 1 7  LYS 7  11 11 LYS LYS B . n 
B 1 8  GLY 8  12 12 GLY GLY B . n 
B 1 9  ILE 9  13 13 ILE ILE B . n 
B 1 10 ARG 10 14 14 ARG ARG B . n 
B 1 11 ASP 11 15 15 ASP ASP B . n 
B 1 12 ARG 12 16 16 ARG ARG B . n 
B 1 13 ARG 13 17 17 ARG ARG B . n 
B 1 14 VAL 14 18 18 VAL VAL B . n 
B 1 15 ARG 15 19 19 ARG ARG B . n 
B 1 16 LEU 16 20 20 LEU LEU B . n 
B 1 17 SER 17 21 21 SER SER B . n 
B 1 18 VAL 18 22 22 VAL VAL B . n 
B 1 19 SER 19 23 23 SER SER B . n 
B 1 20 THR 20 24 24 THR THR B . n 
B 1 21 ALA 21 25 25 ALA ALA B . n 
B 1 22 ILE 22 26 26 ILE ILE B . n 
B 1 23 GLN 23 27 27 GLN GLN B . n 
B 1 24 PHE 24 28 28 PHE PHE B . n 
B 1 25 TYR 25 29 29 TYR TYR B . n 
B 1 26 ASP 26 30 30 ASP ASP B . n 
B 1 27 LEU 27 31 31 LEU LEU B . n 
B 1 28 GLN 28 32 32 GLN GLN B . n 
B 1 29 ASP 29 33 33 ASP ASP B . n 
B 1 30 ARG 30 34 34 ARG ARG B . n 
B 1 31 LEU 31 35 35 LEU LEU B . n 
B 1 32 GLY 32 36 36 GLY GLY B . n 
B 1 33 TYR 33 37 37 TYR TYR B . n 
B 1 34 ASP 34 38 38 ASP ASP B . n 
B 1 35 GLN 35 39 39 GLN GLN B . n 
B 1 36 PRO 36 40 40 PRO PRO B . n 
B 1 37 SER 37 41 41 SER SER B . n 
B 1 38 LYS 38 42 42 LYS LYS B . n 
B 1 39 ALA 39 43 43 ALA ALA B . n 
B 1 40 ILE 40 44 44 ILE ILE B . n 
B 1 41 GLU 41 45 45 GLU GLU B . n 
B 1 42 TRP 42 46 46 TRP TRP B . n 
B 1 43 LEU 43 47 47 LEU LEU B . n 
B 1 44 ILE 44 48 48 ILE ILE B . n 
B 1 45 LYS 45 49 49 LYS LYS B . n 
B 1 46 ALA 46 50 50 ALA ALA B . n 
B 1 47 ALA 47 51 51 ALA ALA B . n 
B 1 48 ALA 48 52 52 ALA ALA B . n 
B 1 49 ALA 49 53 53 ALA ALA B . n 
B 1 50 ALA 50 54 54 ALA ALA B . n 
B 1 51 ILE 51 55 55 ILE ILE B . n 
B 1 52 ASP 52 56 56 ASP ASP B . n 
B 1 53 LYS 53 57 57 LYS LYS B . n 
B 1 54 LEU 54 58 58 LEU LEU B . n 
B 1 55 PRO 55 59 59 PRO PRO B . n 
# 
loop_
_pdbx_nonpoly_scheme.asym_id 
_pdbx_nonpoly_scheme.entity_id 
_pdbx_nonpoly_scheme.mon_id 
_pdbx_nonpoly_scheme.ndb_seq_num 
_pdbx_nonpoly_scheme.pdb_seq_num 
_pdbx_nonpoly_scheme.auth_seq_num 
_pdbx_nonpoly_scheme.pdb_mon_id 
_pdbx_nonpoly_scheme.auth_mon_id 
_pdbx_nonpoly_scheme.pdb_strand_id 
_pdbx_nonpoly_scheme.pdb_ins_code 
C 2 HOH 1  101 86 HOH HOH A . 
C 2 HOH 2  102 37 HOH HOH A . 
C 2 HOH 3  103 36 HOH HOH A . 
C 2 HOH 4  104 17 HOH HOH A . 
C 2 HOH 5  105 1  HOH HOH A . 
C 2 HOH 6  106 76 HOH HOH A . 
C 2 HOH 7  107 5  HOH HOH A . 
C 2 HOH 8  108 9  HOH HOH A . 
C 2 HOH 9  109 63 HOH HOH A . 
C 2 HOH 10 110 41 HOH HOH A . 
C 2 HOH 11 111 6  HOH HOH A . 
C 2 HOH 12 112 45 HOH HOH A . 
C 2 HOH 13 113 55 HOH HOH A . 
C 2 HOH 14 114 60 HOH HOH A . 
C 2 HOH 15 115 32 HOH HOH A . 
C 2 HOH 16 116 28 HOH HOH A . 
C 2 HOH 17 117 33 HOH HOH A . 
C 2 HOH 18 118 10 HOH HOH A . 
C 2 HOH 19 119 24 HOH HOH A . 
C 2 HOH 20 120 30 HOH HOH A . 
C 2 HOH 21 121 58 HOH HOH A . 
C 2 HOH 22 122 57 HOH HOH A . 
C 2 HOH 23 123 16 HOH HOH A . 
C 2 HOH 24 124 43 HOH HOH A . 
C 2 HOH 25 125 89 HOH HOH A . 
C 2 HOH 26 126 48 HOH HOH A . 
C 2 HOH 27 127 53 HOH HOH A . 
C 2 HOH 28 128 14 HOH HOH A . 
C 2 HOH 29 129 3  HOH HOH A . 
C 2 HOH 30 130 19 HOH HOH A . 
C 2 HOH 31 131 13 HOH HOH A . 
C 2 HOH 32 132 59 HOH HOH A . 
C 2 HOH 33 133 12 HOH HOH A . 
C 2 HOH 34 134 54 HOH HOH A . 
C 2 HOH 35 135 29 HOH HOH A . 
C 2 HOH 36 136 49 HOH HOH A . 
C 2 HOH 37 137 69 HOH HOH A . 
C 2 HOH 38 138 67 HOH HOH A . 
C 2 HOH 39 139 42 HOH HOH A . 
C 2 HOH 40 140 72 HOH HOH A . 
C 2 HOH 41 141 18 HOH HOH A . 
C 2 HOH 42 142 51 HOH HOH A . 
C 2 HOH 43 143 61 HOH HOH A . 
C 2 HOH 44 144 40 HOH HOH A . 
C 2 HOH 45 145 34 HOH HOH A . 
C 2 HOH 46 146 81 HOH HOH A . 
C 2 HOH 47 147 75 HOH HOH A . 
C 2 HOH 48 148 56 HOH HOH A . 
C 2 HOH 49 149 73 HOH HOH A . 
D 2 HOH 1  101 22 HOH HOH B . 
D 2 HOH 2  102 15 HOH HOH B . 
D 2 HOH 3  103 39 HOH HOH B . 
D 2 HOH 4  104 4  HOH HOH B . 
D 2 HOH 5  105 31 HOH HOH B . 
D 2 HOH 6  106 27 HOH HOH B . 
D 2 HOH 7  107 11 HOH HOH B . 
D 2 HOH 8  108 47 HOH HOH B . 
D 2 HOH 9  109 2  HOH HOH B . 
D 2 HOH 10 110 8  HOH HOH B . 
D 2 HOH 11 111 25 HOH HOH B . 
D 2 HOH 12 112 21 HOH HOH B . 
D 2 HOH 13 113 7  HOH HOH B . 
D 2 HOH 14 114 35 HOH HOH B . 
D 2 HOH 15 115 26 HOH HOH B . 
D 2 HOH 16 116 38 HOH HOH B . 
D 2 HOH 17 117 23 HOH HOH B . 
D 2 HOH 18 118 52 HOH HOH B . 
D 2 HOH 19 119 70 HOH HOH B . 
D 2 HOH 20 120 88 HOH HOH B . 
D 2 HOH 21 121 77 HOH HOH B . 
D 2 HOH 22 122 79 HOH HOH B . 
D 2 HOH 23 123 20 HOH HOH B . 
D 2 HOH 24 124 87 HOH HOH B . 
D 2 HOH 25 125 74 HOH HOH B . 
D 2 HOH 26 126 71 HOH HOH B . 
D 2 HOH 27 127 62 HOH HOH B . 
D 2 HOH 28 128 66 HOH HOH B . 
D 2 HOH 29 129 50 HOH HOH B . 
D 2 HOH 30 130 82 HOH HOH B . 
D 2 HOH 31 131 44 HOH HOH B . 
D 2 HOH 32 132 64 HOH HOH B . 
D 2 HOH 33 133 78 HOH HOH B . 
D 2 HOH 34 134 46 HOH HOH B . 
D 2 HOH 35 135 68 HOH HOH B . 
D 2 HOH 36 136 65 HOH HOH B . 
D 2 HOH 37 137 85 HOH HOH B . 
# 
loop_
_software.citation_id 
_software.classification 
_software.compiler_name 
_software.compiler_version 
_software.contact_author 
_software.contact_author_email 
_software.date 
_software.description 
_software.dependencies 
_software.hardware 
_software.language 
_software.location 
_software.mods 
_software.name 
_software.os 
_software.os_version 
_software.type 
_software.version 
_software.pdbx_ordinal 
? refinement        ? ? ? ? ? ? ? ? ? ? ? PHENIX      ? ? ? 1.11.1_2575 1 
? 'data reduction'  ? ? ? ? ? ? ? ? ? ? ? XDS         ? ? ? .           2 
? 'data scaling'    ? ? ? ? ? ? ? ? ? ? ? Aimless     ? ? ? 0.5.32      3 
? 'data extraction' ? ? ? ? ? ? ? ? ? ? ? PDB_EXTRACT ? ? ? 3.24        4 
? phasing           ? ? ? ? ? ? ? ? ? ? ? PHENIX      ? ? ? 1.11.1_2575 5 
# 
_cell.angle_alpha                  90.000 
_cell.angle_alpha_esd              ? 
_cell.angle_beta                   90.000 
_cell.angle_beta_esd               ? 
_cell.angle_gamma                  90.000 
_cell.angle_gamma_esd              ? 
_cell.entry_id                     5ZKT 
_cell.details                      ? 
_cell.formula_units_Z              ? 
_cell.length_a                     42.280 
_cell.length_a_esd                 ? 
_cell.length_b                     43.710 
_cell.length_b_esd                 ? 
_cell.length_c                     72.370 
_cell.length_c_esd                 ? 
_cell.volume                       ? 
_cell.volume_esd                   ? 
_cell.Z_PDB                        8 
_cell.reciprocal_angle_alpha       ? 
_cell.reciprocal_angle_beta        ? 
_cell.reciprocal_angle_gamma       ? 
_cell.reciprocal_angle_alpha_esd   ? 
_cell.reciprocal_angle_beta_esd    ? 
_cell.reciprocal_angle_gamma_esd   ? 
_cell.reciprocal_length_a          ? 
_cell.reciprocal_length_b          ? 
_cell.reciprocal_length_c          ? 
_cell.reciprocal_length_a_esd      ? 
_cell.reciprocal_length_b_esd      ? 
_cell.reciprocal_length_c_esd      ? 
_cell.pdbx_unique_axis             ? 
# 
_symmetry.entry_id                         5ZKT 
_symmetry.cell_setting                     ? 
_symmetry.Int_Tables_number                19 
_symmetry.space_group_name_Hall            ? 
_symmetry.space_group_name_H-M             'P 21 21 21' 
_symmetry.pdbx_full_space_group_name_H-M   ? 
# 
_exptl.absorpt_coefficient_mu     ? 
_exptl.absorpt_correction_T_max   ? 
_exptl.absorpt_correction_T_min   ? 
_exptl.absorpt_correction_type    ? 
_exptl.absorpt_process_details    ? 
_exptl.entry_id                   5ZKT 
_exptl.crystals_number            1 
_exptl.details                    ? 
_exptl.method                     'X-RAY DIFFRACTION' 
_exptl.method_details             ? 
# 
_exptl_crystal.colour                      ? 
_exptl_crystal.density_diffrn              ? 
_exptl_crystal.density_Matthews            2.66 
_exptl_crystal.density_method              ? 
_exptl_crystal.density_percent_sol         53.79 
_exptl_crystal.description                 ? 
_exptl_crystal.F_000                       ? 
_exptl_crystal.id                          1 
_exptl_crystal.preparation                 ? 
_exptl_crystal.size_max                    ? 
_exptl_crystal.size_mid                    ? 
_exptl_crystal.size_min                    ? 
_exptl_crystal.size_rad                    ? 
_exptl_crystal.colour_lustre               ? 
_exptl_crystal.colour_modifier             ? 
_exptl_crystal.colour_primary              ? 
_exptl_crystal.density_meas                ? 
_exptl_crystal.density_meas_esd            ? 
_exptl_crystal.density_meas_gt             ? 
_exptl_crystal.density_meas_lt             ? 
_exptl_crystal.density_meas_temp           ? 
_exptl_crystal.density_meas_temp_esd       ? 
_exptl_crystal.density_meas_temp_gt        ? 
_exptl_crystal.density_meas_temp_lt        ? 
_exptl_crystal.pdbx_crystal_image_url      ? 
_exptl_crystal.pdbx_crystal_image_format   ? 
_exptl_crystal.pdbx_mosaicity              ? 
_exptl_crystal.pdbx_mosaicity_esd          ? 
# 
_exptl_crystal_grow.apparatus       ? 
_exptl_crystal_grow.atmosphere      ? 
_exptl_crystal_grow.crystal_id      1 
_exptl_crystal_grow.details         ? 
_exptl_crystal_grow.method          'VAPOR DIFFUSION, HANGING DROP' 
_exptl_crystal_grow.method_ref      ? 
_exptl_crystal_grow.pH              4.6 
_exptl_crystal_grow.pressure        ? 
_exptl_crystal_grow.pressure_esd    ? 
_exptl_crystal_grow.seeding         ? 
_exptl_crystal_grow.seeding_ref     ? 
_exptl_crystal_grow.temp            289 
_exptl_crystal_grow.temp_details    ? 
_exptl_crystal_grow.temp_esd        ? 
_exptl_crystal_grow.time            ? 
_exptl_crystal_grow.pdbx_details    '0.2 M Ammonium sulfate, 0.1 M Sodium acetate pH4.6, 30% (w/v) PEG1500' 
_exptl_crystal_grow.pdbx_pH_range   ? 
# 
_diffrn.ambient_environment              ? 
_diffrn.ambient_temp                     100 
_diffrn.ambient_temp_details             ? 
_diffrn.ambient_temp_esd                 ? 
_diffrn.crystal_id                       1 
_diffrn.crystal_support                  ? 
_diffrn.crystal_treatment                ? 
_diffrn.details                          ? 
_diffrn.id                               1 
_diffrn.ambient_pressure                 ? 
_diffrn.ambient_pressure_esd             ? 
_diffrn.ambient_pressure_gt              ? 
_diffrn.ambient_pressure_lt              ? 
_diffrn.ambient_temp_gt                  ? 
_diffrn.ambient_temp_lt                  ? 
_diffrn.pdbx_serial_crystal_experiment   N 
# 
_diffrn_detector.details                      ? 
_diffrn_detector.detector                     CCD 
_diffrn_detector.diffrn_id                    1 
_diffrn_detector.type                         'ADSC QUANTUM 315r' 
_diffrn_detector.area_resol_mean              ? 
_diffrn_detector.dtime                        ? 
_diffrn_detector.pdbx_frames_total            ? 
_diffrn_detector.pdbx_collection_time_total   ? 
_diffrn_detector.pdbx_collection_date         2017-05-01 
_diffrn_detector.pdbx_frequency               ? 
# 
_diffrn_radiation.collimation                      ? 
_diffrn_radiation.diffrn_id                        1 
_diffrn_radiation.filter_edge                      ? 
_diffrn_radiation.inhomogeneity                    ? 
_diffrn_radiation.monochromator                    ? 
_diffrn_radiation.polarisn_norm                    ? 
_diffrn_radiation.polarisn_ratio                   ? 
_diffrn_radiation.probe                            ? 
_diffrn_radiation.type                             ? 
_diffrn_radiation.xray_symbol                      ? 
_diffrn_radiation.wavelength_id                    1 
_diffrn_radiation.pdbx_monochromatic_or_laue_m_l   M 
_diffrn_radiation.pdbx_wavelength_list             ? 
_diffrn_radiation.pdbx_wavelength                  ? 
_diffrn_radiation.pdbx_diffrn_protocol             'SINGLE WAVELENGTH' 
_diffrn_radiation.pdbx_analyzer                    ? 
_diffrn_radiation.pdbx_scattering_type             x-ray 
# 
_diffrn_radiation_wavelength.id           1 
_diffrn_radiation_wavelength.wavelength   0.979 
_diffrn_radiation_wavelength.wt           1.0 
# 
_diffrn_source.current                     ? 
_diffrn_source.details                     ? 
_diffrn_source.diffrn_id                   1 
_diffrn_source.power                       ? 
_diffrn_source.size                        ? 
_diffrn_source.source                      SYNCHROTRON 
_diffrn_source.target                      ? 
_diffrn_source.type                        'SSRF BEAMLINE BL17U1' 
_diffrn_source.voltage                     ? 
_diffrn_source.take-off_angle              ? 
_diffrn_source.pdbx_wavelength_list        0.979 
_diffrn_source.pdbx_wavelength             ? 
_diffrn_source.pdbx_synchrotron_beamline   BL17U1 
_diffrn_source.pdbx_synchrotron_site       SSRF 
# 
_reflns.B_iso_Wilson_estimate            ? 
_reflns.entry_id                         5ZKT 
_reflns.data_reduction_details           ? 
_reflns.data_reduction_method            ? 
_reflns.d_resolution_high                1.740 
_reflns.d_resolution_low                 72.370 
_reflns.details                          ? 
_reflns.limit_h_max                      ? 
_reflns.limit_h_min                      ? 
_reflns.limit_k_max                      ? 
_reflns.limit_k_min                      ? 
_reflns.limit_l_max                      ? 
_reflns.limit_l_min                      ? 
_reflns.number_all                       ? 
_reflns.number_obs                       13997 
_reflns.observed_criterion               ? 
_reflns.observed_criterion_F_max         ? 
_reflns.observed_criterion_F_min         ? 
_reflns.observed_criterion_I_max         ? 
_reflns.observed_criterion_I_min         ? 
_reflns.observed_criterion_sigma_F       ? 
_reflns.observed_criterion_sigma_I       ? 
_reflns.percent_possible_obs             98.000 
_reflns.R_free_details                   ? 
_reflns.Rmerge_F_all                     ? 
_reflns.Rmerge_F_obs                     ? 
_reflns.Friedel_coverage                 ? 
_reflns.number_gt                        ? 
_reflns.threshold_expression             ? 
_reflns.pdbx_redundancy                  14.000 
_reflns.pdbx_Rmerge_I_obs                0.057 
_reflns.pdbx_Rmerge_I_all                ? 
_reflns.pdbx_Rsym_value                  ? 
_reflns.pdbx_netI_over_av_sigmaI         ? 
_reflns.pdbx_netI_over_sigmaI            27.700 
_reflns.pdbx_res_netI_over_av_sigmaI_2   ? 
_reflns.pdbx_res_netI_over_sigmaI_2      ? 
_reflns.pdbx_chi_squared                 ? 
_reflns.pdbx_scaling_rejects             2 
_reflns.pdbx_d_res_high_opt              ? 
_reflns.pdbx_d_res_low_opt               ? 
_reflns.pdbx_d_res_opt_method            ? 
_reflns.phase_calculation_details        ? 
_reflns.pdbx_Rrim_I_all                  0.059 
_reflns.pdbx_Rpim_I_all                  0.016 
_reflns.pdbx_d_opt                       ? 
_reflns.pdbx_number_measured_all         196470 
_reflns.pdbx_diffrn_id                   1 
_reflns.pdbx_ordinal                     1 
_reflns.pdbx_CC_half                     0.999 
_reflns.pdbx_R_split                     ? 
# 
loop_
_reflns_shell.d_res_high 
_reflns_shell.d_res_low 
_reflns_shell.meanI_over_sigI_all 
_reflns_shell.meanI_over_sigI_obs 
_reflns_shell.number_measured_all 
_reflns_shell.number_measured_obs 
_reflns_shell.number_possible 
_reflns_shell.number_unique_all 
_reflns_shell.number_unique_obs 
_reflns_shell.percent_possible_all 
_reflns_shell.percent_possible_obs 
_reflns_shell.Rmerge_F_all 
_reflns_shell.Rmerge_F_obs 
_reflns_shell.Rmerge_I_all 
_reflns_shell.Rmerge_I_obs 
_reflns_shell.meanI_over_sigI_gt 
_reflns_shell.meanI_over_uI_all 
_reflns_shell.meanI_over_uI_gt 
_reflns_shell.number_measured_gt 
_reflns_shell.number_unique_gt 
_reflns_shell.percent_possible_gt 
_reflns_shell.Rmerge_F_gt 
_reflns_shell.Rmerge_I_gt 
_reflns_shell.pdbx_redundancy 
_reflns_shell.pdbx_Rsym_value 
_reflns_shell.pdbx_chi_squared 
_reflns_shell.pdbx_netI_over_sigmaI_all 
_reflns_shell.pdbx_netI_over_sigmaI_obs 
_reflns_shell.pdbx_Rrim_I_all 
_reflns_shell.pdbx_Rpim_I_all 
_reflns_shell.pdbx_rejects 
_reflns_shell.pdbx_ordinal 
_reflns_shell.pdbx_diffrn_id 
_reflns_shell.pdbx_CC_half 
_reflns_shell.pdbx_R_split 
1.740 1.790  ? ? 13415 ? ? ? 970 94.800 ? ? ? ? 0.607 ? ? ? ? ? ? ? ? 13.800 ? ? ? 4.500  0.630 0.166 ? 1 1 0.949 ? 
7.780 72.370 ? ? 1030  ? ? ? 138 63.700 ? ? ? ? 0.046 ? ? ? ? ? ? ? ? 7.500  ? ? ? 35.200 0.049 0.016 ? 2 1 0.997 ? 
# 
_refine.aniso_B[1][1]                            ? 
_refine.aniso_B[1][2]                            ? 
_refine.aniso_B[1][3]                            ? 
_refine.aniso_B[2][2]                            ? 
_refine.aniso_B[2][3]                            ? 
_refine.aniso_B[3][3]                            ? 
_refine.B_iso_max                                65.930 
_refine.B_iso_mean                               32.5724 
_refine.B_iso_min                                17.500 
_refine.correlation_coeff_Fo_to_Fc               ? 
_refine.correlation_coeff_Fo_to_Fc_free          ? 
_refine.details                                  ? 
_refine.diff_density_max                         ? 
_refine.diff_density_max_esd                     ? 
_refine.diff_density_min                         ? 
_refine.diff_density_min_esd                     ? 
_refine.diff_density_rms                         ? 
_refine.diff_density_rms_esd                     ? 
_refine.entry_id                                 5ZKT 
_refine.pdbx_refine_id                           'X-RAY DIFFRACTION' 
_refine.ls_abs_structure_details                 ? 
_refine.ls_abs_structure_Flack                   ? 
_refine.ls_abs_structure_Flack_esd               ? 
_refine.ls_abs_structure_Rogers                  ? 
_refine.ls_abs_structure_Rogers_esd              ? 
_refine.ls_d_res_high                            1.7400 
_refine.ls_d_res_low                             37.4150 
_refine.ls_extinction_coef                       ? 
_refine.ls_extinction_coef_esd                   ? 
_refine.ls_extinction_expression                 ? 
_refine.ls_extinction_method                     ? 
_refine.ls_goodness_of_fit_all                   ? 
_refine.ls_goodness_of_fit_all_esd               ? 
_refine.ls_goodness_of_fit_obs                   ? 
_refine.ls_goodness_of_fit_obs_esd               ? 
_refine.ls_hydrogen_treatment                    ? 
_refine.ls_matrix_type                           ? 
_refine.ls_number_constraints                    ? 
_refine.ls_number_parameters                     ? 
_refine.ls_number_reflns_all                     ? 
_refine.ls_number_reflns_obs                     13957 
_refine.ls_number_reflns_R_free                  735 
_refine.ls_number_reflns_R_work                  13222 
_refine.ls_number_restraints                     ? 
_refine.ls_percent_reflns_obs                    97.5200 
_refine.ls_percent_reflns_R_free                 5.2700 
_refine.ls_R_factor_all                          ? 
_refine.ls_R_factor_obs                          0.2091 
_refine.ls_R_factor_R_free                       0.2198 
_refine.ls_R_factor_R_free_error                 ? 
_refine.ls_R_factor_R_free_error_details         ? 
_refine.ls_R_factor_R_work                       0.2085 
_refine.ls_R_Fsqd_factor_obs                     ? 
_refine.ls_R_I_factor_obs                        ? 
_refine.ls_redundancy_reflns_all                 ? 
_refine.ls_redundancy_reflns_obs                 ? 
_refine.ls_restrained_S_all                      ? 
_refine.ls_restrained_S_obs                      ? 
_refine.ls_shift_over_esd_max                    ? 
_refine.ls_shift_over_esd_mean                   ? 
_refine.ls_structure_factor_coef                 ? 
_refine.ls_weighting_details                     ? 
_refine.ls_weighting_scheme                      ? 
_refine.ls_wR_factor_all                         ? 
_refine.ls_wR_factor_obs                         ? 
_refine.ls_wR_factor_R_free                      ? 
_refine.ls_wR_factor_R_work                      ? 
_refine.occupancy_max                            ? 
_refine.occupancy_min                            ? 
_refine.solvent_model_details                    'FLAT BULK SOLVENT MODEL' 
_refine.solvent_model_param_bsol                 ? 
_refine.solvent_model_param_ksol                 ? 
_refine.ls_R_factor_gt                           ? 
_refine.ls_goodness_of_fit_gt                    ? 
_refine.ls_goodness_of_fit_ref                   ? 
_refine.ls_shift_over_su_max                     ? 
_refine.ls_shift_over_su_max_lt                  ? 
_refine.ls_shift_over_su_mean                    ? 
_refine.ls_shift_over_su_mean_lt                 ? 
_refine.pdbx_ls_sigma_I                          ? 
_refine.pdbx_ls_sigma_F                          1.360 
_refine.pdbx_ls_sigma_Fsqd                       ? 
_refine.pdbx_data_cutoff_high_absF               ? 
_refine.pdbx_data_cutoff_high_rms_absF           ? 
_refine.pdbx_data_cutoff_low_absF                ? 
_refine.pdbx_isotropic_thermal_model             ? 
_refine.pdbx_ls_cross_valid_method               THROUGHOUT 
_refine.pdbx_method_to_determine_struct          SAD 
_refine.pdbx_starting_model                      ? 
_refine.pdbx_stereochemistry_target_values       ML 
_refine.pdbx_R_Free_selection_details            ? 
_refine.pdbx_stereochem_target_val_spec_case     ? 
_refine.pdbx_overall_ESU_R                       ? 
_refine.pdbx_overall_ESU_R_Free                  ? 
_refine.pdbx_solvent_vdw_probe_radii             1.1100 
_refine.pdbx_solvent_ion_probe_radii             ? 
_refine.pdbx_solvent_shrinkage_radii             0.9000 
_refine.pdbx_real_space_R                        ? 
_refine.pdbx_density_correlation                 ? 
_refine.pdbx_pd_number_of_powder_patterns        ? 
_refine.pdbx_pd_number_of_points                 ? 
_refine.pdbx_pd_meas_number_of_points            ? 
_refine.pdbx_pd_proc_ls_prof_R_factor            ? 
_refine.pdbx_pd_proc_ls_prof_wR_factor           ? 
_refine.pdbx_pd_Marquardt_correlation_coeff      ? 
_refine.pdbx_pd_Fsqrd_R_factor                   ? 
_refine.pdbx_pd_ls_matrix_band_width             ? 
_refine.pdbx_overall_phase_error                 23.7700 
_refine.pdbx_overall_SU_R_free_Cruickshank_DPI   ? 
_refine.pdbx_overall_SU_R_free_Blow_DPI          ? 
_refine.pdbx_overall_SU_R_Blow_DPI               ? 
_refine.pdbx_TLS_residual_ADP_flag               ? 
_refine.pdbx_diffrn_id                           1 
_refine.overall_SU_B                             ? 
_refine.overall_SU_ML                            0.1700 
_refine.overall_SU_R_Cruickshank_DPI             ? 
_refine.overall_SU_R_free                        ? 
_refine.overall_FOM_free_R_set                   ? 
_refine.overall_FOM_work_R_set                   ? 
_refine.pdbx_average_fsc_overall                 ? 
_refine.pdbx_average_fsc_work                    ? 
_refine.pdbx_average_fsc_free                    ? 
# 
_refine_hist.cycle_id                         final 
_refine_hist.pdbx_refine_id                   'X-RAY DIFFRACTION' 
_refine_hist.d_res_high                       1.7400 
_refine_hist.d_res_low                        37.4150 
_refine_hist.pdbx_number_atoms_ligand         0 
_refine_hist.number_atoms_solvent             86 
_refine_hist.number_atoms_total               955 
_refine_hist.pdbx_number_residues_total       109 
_refine_hist.pdbx_B_iso_mean_solvent          42.66 
_refine_hist.pdbx_number_atoms_protein        869 
_refine_hist.pdbx_number_atoms_nucleic_acid   0 
# 
loop_
_refine_ls_restr.pdbx_refine_id 
_refine_ls_restr.criterion 
_refine_ls_restr.dev_ideal 
_refine_ls_restr.dev_ideal_target 
_refine_ls_restr.number 
_refine_ls_restr.rejects 
_refine_ls_restr.type 
_refine_ls_restr.weight 
_refine_ls_restr.pdbx_restraint_function 
'X-RAY DIFFRACTION' ? 0.006 ? 882  ? f_bond_d           ? ? 
'X-RAY DIFFRACTION' ? 0.653 ? 1188 ? f_angle_d          ? ? 
'X-RAY DIFFRACTION' ? 0.046 ? 135  ? f_chiral_restr     ? ? 
'X-RAY DIFFRACTION' ? 0.005 ? 148  ? f_plane_restr      ? ? 
'X-RAY DIFFRACTION' ? 2.027 ? 544  ? f_dihedral_angle_d ? ? 
# 
loop_
_refine_ls_shell.pdbx_refine_id 
_refine_ls_shell.d_res_high 
_refine_ls_shell.d_res_low 
_refine_ls_shell.number_reflns_all 
_refine_ls_shell.number_reflns_obs 
_refine_ls_shell.number_reflns_R_free 
_refine_ls_shell.number_reflns_R_work 
_refine_ls_shell.percent_reflns_obs 
_refine_ls_shell.percent_reflns_R_free 
_refine_ls_shell.R_factor_all 
_refine_ls_shell.R_factor_obs 
_refine_ls_shell.R_factor_R_free 
_refine_ls_shell.R_factor_R_free_error 
_refine_ls_shell.R_factor_R_work 
_refine_ls_shell.redundancy_reflns_all 
_refine_ls_shell.redundancy_reflns_obs 
_refine_ls_shell.wR_factor_all 
_refine_ls_shell.wR_factor_obs 
_refine_ls_shell.wR_factor_R_free 
_refine_ls_shell.wR_factor_R_work 
_refine_ls_shell.pdbx_total_number_of_bins_used 
_refine_ls_shell.pdbx_phase_error 
_refine_ls_shell.pdbx_fsc_work 
_refine_ls_shell.pdbx_fsc_free 
'X-RAY DIFFRACTION' 1.7400 1.8744  2667 . 129 2538 96.0000 . . . 0.3082 0.0000 0.2174 . . . . . . 5 . . . 
'X-RAY DIFFRACTION' 1.8744 2.0630  2766 . 149 2617 98.0000 . . . 0.2479 0.0000 0.2083 . . . . . . 5 . . . 
'X-RAY DIFFRACTION' 2.0630 2.3615  2777 . 174 2603 98.0000 . . . 0.2712 0.0000 0.2011 . . . . . . 5 . . . 
'X-RAY DIFFRACTION' 2.3615 2.9750  2827 . 146 2681 99.0000 . . . 0.2090 0.0000 0.2182 . . . . . . 5 . . . 
'X-RAY DIFFRACTION' 2.9750 37.4238 2920 . 137 2783 97.0000 . . . 0.1945 0.0000 0.2055 . . . . . . 5 . . . 
# 
_struct.entry_id                     5ZKT 
_struct.title                        'Crystal structure of TCP domain of PCF6 in Oryza sativa' 
_struct.pdbx_model_details           ? 
_struct.pdbx_formula_weight          ? 
_struct.pdbx_formula_weight_method   ? 
_struct.pdbx_model_type_details      ? 
_struct.pdbx_CASP_flag               N 
# 
_struct_keywords.entry_id        5ZKT 
_struct_keywords.text            'TCP domain, OsPCF6, TRANSCRIPTION' 
_struct_keywords.pdbx_keywords   TRANSCRIPTION 
# 
loop_
_struct_asym.id 
_struct_asym.pdbx_blank_PDB_chainid_flag 
_struct_asym.pdbx_modified 
_struct_asym.entity_id 
_struct_asym.details 
A N N 1 ? 
B N N 1 ? 
C N N 2 ? 
D N N 2 ? 
# 
_struct_ref.id                         1 
_struct_ref.db_name                    UNP 
_struct_ref.db_code                    Q7XIX9_ORYSJ 
_struct_ref.pdbx_db_accession          Q7XIX9 
_struct_ref.pdbx_db_isoform            ? 
_struct_ref.entity_id                  1 
_struct_ref.pdbx_seq_one_letter_code   SKVYTAKGIRDRRVRLSVSTAIQFYDLQDRLGYDQPSKAIEWLIKAAAAAIDKLP 
_struct_ref.pdbx_align_begin           66 
# 
loop_
_struct_ref_seq.align_id 
_struct_ref_seq.ref_id 
_struct_ref_seq.pdbx_PDB_id_code 
_struct_ref_seq.pdbx_strand_id 
_struct_ref_seq.seq_align_beg 
_struct_ref_seq.pdbx_seq_align_beg_ins_code 
_struct_ref_seq.seq_align_end 
_struct_ref_seq.pdbx_seq_align_end_ins_code 
_struct_ref_seq.pdbx_db_accession 
_struct_ref_seq.db_align_beg 
_struct_ref_seq.pdbx_db_align_beg_ins_code 
_struct_ref_seq.db_align_end 
_struct_ref_seq.pdbx_db_align_end_ins_code 
_struct_ref_seq.pdbx_auth_seq_align_beg 
_struct_ref_seq.pdbx_auth_seq_align_end 
1 1 5ZKT A 1 ? 55 ? Q7XIX9 66 ? 120 ? 5 59 
2 1 5ZKT B 1 ? 55 ? Q7XIX9 66 ? 120 ? 5 59 
# 
_pdbx_struct_assembly.id                   1 
_pdbx_struct_assembly.details              author_and_software_defined_assembly 
_pdbx_struct_assembly.method_details       PISA 
_pdbx_struct_assembly.oligomeric_details   dimeric 
_pdbx_struct_assembly.oligomeric_count     2 
# 
loop_
_pdbx_struct_assembly_prop.biol_id 
_pdbx_struct_assembly_prop.type 
_pdbx_struct_assembly_prop.value 
_pdbx_struct_assembly_prop.details 
1 'ABSA (A^2)' 3840 ? 
1 MORE         -18  ? 
1 'SSA (A^2)'  6750 ? 
# 
_pdbx_struct_assembly_gen.assembly_id       1 
_pdbx_struct_assembly_gen.oper_expression   1 
_pdbx_struct_assembly_gen.asym_id_list      A,B,C,D 
# 
_pdbx_struct_assembly_auth_evidence.id                     1 
_pdbx_struct_assembly_auth_evidence.assembly_id            1 
_pdbx_struct_assembly_auth_evidence.experimental_support   'gel filtration' 
_pdbx_struct_assembly_auth_evidence.details                ? 
# 
_pdbx_struct_oper_list.id                   1 
_pdbx_struct_oper_list.type                 'identity operation' 
_pdbx_struct_oper_list.name                 1_555 
_pdbx_struct_oper_list.symmetry_operation   x,y,z 
_pdbx_struct_oper_list.matrix[1][1]         1.0000000000 
_pdbx_struct_oper_list.matrix[1][2]         0.0000000000 
_pdbx_struct_oper_list.matrix[1][3]         0.0000000000 
_pdbx_struct_oper_list.vector[1]            0.0000000000 
_pdbx_struct_oper_list.matrix[2][1]         0.0000000000 
_pdbx_struct_oper_list.matrix[2][2]         1.0000000000 
_pdbx_struct_oper_list.matrix[2][3]         0.0000000000 
_pdbx_struct_oper_list.vector[2]            0.0000000000 
_pdbx_struct_oper_list.matrix[3][1]         0.0000000000 
_pdbx_struct_oper_list.matrix[3][2]         0.0000000000 
_pdbx_struct_oper_list.matrix[3][3]         1.0000000000 
_pdbx_struct_oper_list.vector[3]            0.0000000000 
# 
loop_
_struct_conf.conf_type_id 
_struct_conf.id 
_struct_conf.pdbx_PDB_helix_id 
_struct_conf.beg_label_comp_id 
_struct_conf.beg_label_asym_id 
_struct_conf.beg_label_seq_id 
_struct_conf.pdbx_beg_PDB_ins_code 
_struct_conf.end_label_comp_id 
_struct_conf.end_label_asym_id 
_struct_conf.end_label_seq_id 
_struct_conf.pdbx_end_PDB_ins_code 
_struct_conf.beg_auth_comp_id 
_struct_conf.beg_auth_asym_id 
_struct_conf.beg_auth_seq_id 
_struct_conf.end_auth_comp_id 
_struct_conf.end_auth_asym_id 
_struct_conf.end_auth_seq_id 
_struct_conf.pdbx_PDB_helix_class 
_struct_conf.details 
_struct_conf.pdbx_PDB_helix_length 
HELX_P HELX_P1 AA1 SER A 17 ? GLY A 32 ? SER A 21 GLY A 36 1 ? 16 
HELX_P HELX_P2 AA2 GLN A 35 ? ALA A 47 ? GLN A 39 ALA A 51 1 ? 13 
HELX_P HELX_P3 AA3 ALA A 47 ? LYS A 53 ? ALA A 51 LYS A 57 1 ? 7  
HELX_P HELX_P4 AA4 SER B 17 ? GLY B 32 ? SER B 21 GLY B 36 1 ? 16 
HELX_P HELX_P5 AA5 GLN B 35 ? ALA B 47 ? GLN B 39 ALA B 51 1 ? 13 
HELX_P HELX_P6 AA6 ALA B 47 ? ASP B 52 ? ALA B 51 ASP B 56 1 ? 6  
# 
_struct_conf_type.id          HELX_P 
_struct_conf_type.criteria    ? 
_struct_conf_type.reference   ? 
# 
loop_
_struct_sheet.id 
_struct_sheet.type 
_struct_sheet.number_strands 
_struct_sheet.details 
AA1 ? 2 ? 
AA2 ? 2 ? 
AA3 ? 2 ? 
# 
loop_
_struct_sheet_order.sheet_id 
_struct_sheet_order.range_id_1 
_struct_sheet_order.range_id_2 
_struct_sheet_order.offset 
_struct_sheet_order.sense 
AA1 1 2 ? anti-parallel 
AA2 1 2 ? anti-parallel 
AA3 1 2 ? anti-parallel 
# 
loop_
_struct_sheet_range.sheet_id 
_struct_sheet_range.id 
_struct_sheet_range.beg_label_comp_id 
_struct_sheet_range.beg_label_asym_id 
_struct_sheet_range.beg_label_seq_id 
_struct_sheet_range.pdbx_beg_PDB_ins_code 
_struct_sheet_range.end_label_comp_id 
_struct_sheet_range.end_label_asym_id 
_struct_sheet_range.end_label_seq_id 
_struct_sheet_range.pdbx_end_PDB_ins_code 
_struct_sheet_range.beg_auth_comp_id 
_struct_sheet_range.beg_auth_asym_id 
_struct_sheet_range.beg_auth_seq_id 
_struct_sheet_range.end_auth_comp_id 
_struct_sheet_range.end_auth_asym_id 
_struct_sheet_range.end_auth_seq_id 
AA1 1 LYS A 2  ? THR A 5  ? LYS A 6  THR A 9  
AA1 2 GLY A 8  ? ASP A 11 ? GLY A 12 ASP A 15 
AA2 1 ARG A 13 ? ARG A 15 ? ARG A 17 ARG A 19 
AA2 2 ARG B 13 ? ARG B 15 ? ARG B 17 ARG B 19 
AA3 1 LYS B 2  ? THR B 5  ? LYS B 6  THR B 9  
AA3 2 GLY B 8  ? ASP B 11 ? GLY B 12 ASP B 15 
# 
loop_
_pdbx_struct_sheet_hbond.sheet_id 
_pdbx_struct_sheet_hbond.range_id_1 
_pdbx_struct_sheet_hbond.range_id_2 
_pdbx_struct_sheet_hbond.range_1_label_atom_id 
_pdbx_struct_sheet_hbond.range_1_label_comp_id 
_pdbx_struct_sheet_hbond.range_1_label_asym_id 
_pdbx_struct_sheet_hbond.range_1_label_seq_id 
_pdbx_struct_sheet_hbond.range_1_PDB_ins_code 
_pdbx_struct_sheet_hbond.range_1_auth_atom_id 
_pdbx_struct_sheet_hbond.range_1_auth_comp_id 
_pdbx_struct_sheet_hbond.range_1_auth_asym_id 
_pdbx_struct_sheet_hbond.range_1_auth_seq_id 
_pdbx_struct_sheet_hbond.range_2_label_atom_id 
_pdbx_struct_sheet_hbond.range_2_label_comp_id 
_pdbx_struct_sheet_hbond.range_2_label_asym_id 
_pdbx_struct_sheet_hbond.range_2_label_seq_id 
_pdbx_struct_sheet_hbond.range_2_PDB_ins_code 
_pdbx_struct_sheet_hbond.range_2_auth_atom_id 
_pdbx_struct_sheet_hbond.range_2_auth_comp_id 
_pdbx_struct_sheet_hbond.range_2_auth_asym_id 
_pdbx_struct_sheet_hbond.range_2_auth_seq_id 
AA1 1 2 N VAL A 3  ? N VAL A 7  O ARG A 10 ? O ARG A 14 
AA2 1 2 N VAL A 14 ? N VAL A 18 O VAL B 14 ? O VAL B 18 
AA3 1 2 N VAL B 3  ? N VAL B 7  O ARG B 10 ? O ARG B 14 
# 
_pdbx_unobs_or_zero_occ_residues.id               1 
_pdbx_unobs_or_zero_occ_residues.PDB_model_num    1 
_pdbx_unobs_or_zero_occ_residues.polymer_flag     Y 
_pdbx_unobs_or_zero_occ_residues.occupancy_flag   1 
_pdbx_unobs_or_zero_occ_residues.auth_asym_id     A 
_pdbx_unobs_or_zero_occ_residues.auth_comp_id     PRO 
_pdbx_unobs_or_zero_occ_residues.auth_seq_id      59 
_pdbx_unobs_or_zero_occ_residues.PDB_ins_code     ? 
_pdbx_unobs_or_zero_occ_residues.label_asym_id    A 
_pdbx_unobs_or_zero_occ_residues.label_comp_id    PRO 
_pdbx_unobs_or_zero_occ_residues.label_seq_id     55 
# 
loop_
_chem_comp_atom.comp_id 
_chem_comp_atom.atom_id 
_chem_comp_atom.type_symbol 
_chem_comp_atom.pdbx_aromatic_flag 
_chem_comp_atom.pdbx_stereo_config 
_chem_comp_atom.pdbx_ordinal 
ALA N    N N N 1   
ALA CA   C N S 2   
ALA C    C N N 3   
ALA O    O N N 4   
ALA CB   C N N 5   
ALA OXT  O N N 6   
ALA H    H N N 7   
ALA H2   H N N 8   
ALA HA   H N N 9   
ALA HB1  H N N 10  
ALA HB2  H N N 11  
ALA HB3  H N N 12  
ALA HXT  H N N 13  
ARG N    N N N 14  
ARG CA   C N S 15  
ARG C    C N N 16  
ARG O    O N N 17  
ARG CB   C N N 18  
ARG CG   C N N 19  
ARG CD   C N N 20  
ARG NE   N N N 21  
ARG CZ   C N N 22  
ARG NH1  N N N 23  
ARG NH2  N N N 24  
ARG OXT  O N N 25  
ARG H    H N N 26  
ARG H2   H N N 27  
ARG HA   H N N 28  
ARG HB2  H N N 29  
ARG HB3  H N N 30  
ARG HG2  H N N 31  
ARG HG3  H N N 32  
ARG HD2  H N N 33  
ARG HD3  H N N 34  
ARG HE   H N N 35  
ARG HH11 H N N 36  
ARG HH12 H N N 37  
ARG HH21 H N N 38  
ARG HH22 H N N 39  
ARG HXT  H N N 40  
ASP N    N N N 41  
ASP CA   C N S 42  
ASP C    C N N 43  
ASP O    O N N 44  
ASP CB   C N N 45  
ASP CG   C N N 46  
ASP OD1  O N N 47  
ASP OD2  O N N 48  
ASP OXT  O N N 49  
ASP H    H N N 50  
ASP H2   H N N 51  
ASP HA   H N N 52  
ASP HB2  H N N 53  
ASP HB3  H N N 54  
ASP HD2  H N N 55  
ASP HXT  H N N 56  
GLN N    N N N 57  
GLN CA   C N S 58  
GLN C    C N N 59  
GLN O    O N N 60  
GLN CB   C N N 61  
GLN CG   C N N 62  
GLN CD   C N N 63  
GLN OE1  O N N 64  
GLN NE2  N N N 65  
GLN OXT  O N N 66  
GLN H    H N N 67  
GLN H2   H N N 68  
GLN HA   H N N 69  
GLN HB2  H N N 70  
GLN HB3  H N N 71  
GLN HG2  H N N 72  
GLN HG3  H N N 73  
GLN HE21 H N N 74  
GLN HE22 H N N 75  
GLN HXT  H N N 76  
GLU N    N N N 77  
GLU CA   C N S 78  
GLU C    C N N 79  
GLU O    O N N 80  
GLU CB   C N N 81  
GLU CG   C N N 82  
GLU CD   C N N 83  
GLU OE1  O N N 84  
GLU OE2  O N N 85  
GLU OXT  O N N 86  
GLU H    H N N 87  
GLU H2   H N N 88  
GLU HA   H N N 89  
GLU HB2  H N N 90  
GLU HB3  H N N 91  
GLU HG2  H N N 92  
GLU HG3  H N N 93  
GLU HE2  H N N 94  
GLU HXT  H N N 95  
GLY N    N N N 96  
GLY CA   C N N 97  
GLY C    C N N 98  
GLY O    O N N 99  
GLY OXT  O N N 100 
GLY H    H N N 101 
GLY H2   H N N 102 
GLY HA2  H N N 103 
GLY HA3  H N N 104 
GLY HXT  H N N 105 
HOH O    O N N 106 
HOH H1   H N N 107 
HOH H2   H N N 108 
ILE N    N N N 109 
ILE CA   C N S 110 
ILE C    C N N 111 
ILE O    O N N 112 
ILE CB   C N S 113 
ILE CG1  C N N 114 
ILE CG2  C N N 115 
ILE CD1  C N N 116 
ILE OXT  O N N 117 
ILE H    H N N 118 
ILE H2   H N N 119 
ILE HA   H N N 120 
ILE HB   H N N 121 
ILE HG12 H N N 122 
ILE HG13 H N N 123 
ILE HG21 H N N 124 
ILE HG22 H N N 125 
ILE HG23 H N N 126 
ILE HD11 H N N 127 
ILE HD12 H N N 128 
ILE HD13 H N N 129 
ILE HXT  H N N 130 
LEU N    N N N 131 
LEU CA   C N S 132 
LEU C    C N N 133 
LEU O    O N N 134 
LEU CB   C N N 135 
LEU CG   C N N 136 
LEU CD1  C N N 137 
LEU CD2  C N N 138 
LEU OXT  O N N 139 
LEU H    H N N 140 
LEU H2   H N N 141 
LEU HA   H N N 142 
LEU HB2  H N N 143 
LEU HB3  H N N 144 
LEU HG   H N N 145 
LEU HD11 H N N 146 
LEU HD12 H N N 147 
LEU HD13 H N N 148 
LEU HD21 H N N 149 
LEU HD22 H N N 150 
LEU HD23 H N N 151 
LEU HXT  H N N 152 
LYS N    N N N 153 
LYS CA   C N S 154 
LYS C    C N N 155 
LYS O    O N N 156 
LYS CB   C N N 157 
LYS CG   C N N 158 
LYS CD   C N N 159 
LYS CE   C N N 160 
LYS NZ   N N N 161 
LYS OXT  O N N 162 
LYS H    H N N 163 
LYS H2   H N N 164 
LYS HA   H N N 165 
LYS HB2  H N N 166 
LYS HB3  H N N 167 
LYS HG2  H N N 168 
LYS HG3  H N N 169 
LYS HD2  H N N 170 
LYS HD3  H N N 171 
LYS HE2  H N N 172 
LYS HE3  H N N 173 
LYS HZ1  H N N 174 
LYS HZ2  H N N 175 
LYS HZ3  H N N 176 
LYS HXT  H N N 177 
PHE N    N N N 178 
PHE CA   C N S 179 
PHE C    C N N 180 
PHE O    O N N 181 
PHE CB   C N N 182 
PHE CG   C Y N 183 
PHE CD1  C Y N 184 
PHE CD2  C Y N 185 
PHE CE1  C Y N 186 
PHE CE2  C Y N 187 
PHE CZ   C Y N 188 
PHE OXT  O N N 189 
PHE H    H N N 190 
PHE H2   H N N 191 
PHE HA   H N N 192 
PHE HB2  H N N 193 
PHE HB3  H N N 194 
PHE HD1  H N N 195 
PHE HD2  H N N 196 
PHE HE1  H N N 197 
PHE HE2  H N N 198 
PHE HZ   H N N 199 
PHE HXT  H N N 200 
PRO N    N N N 201 
PRO CA   C N S 202 
PRO C    C N N 203 
PRO O    O N N 204 
PRO CB   C N N 205 
PRO CG   C N N 206 
PRO CD   C N N 207 
PRO OXT  O N N 208 
PRO H    H N N 209 
PRO HA   H N N 210 
PRO HB2  H N N 211 
PRO HB3  H N N 212 
PRO HG2  H N N 213 
PRO HG3  H N N 214 
PRO HD2  H N N 215 
PRO HD3  H N N 216 
PRO HXT  H N N 217 
SER N    N N N 218 
SER CA   C N S 219 
SER C    C N N 220 
SER O    O N N 221 
SER CB   C N N 222 
SER OG   O N N 223 
SER OXT  O N N 224 
SER H    H N N 225 
SER H2   H N N 226 
SER HA   H N N 227 
SER HB2  H N N 228 
SER HB3  H N N 229 
SER HG   H N N 230 
SER HXT  H N N 231 
THR N    N N N 232 
THR CA   C N S 233 
THR C    C N N 234 
THR O    O N N 235 
THR CB   C N R 236 
THR OG1  O N N 237 
THR CG2  C N N 238 
THR OXT  O N N 239 
THR H    H N N 240 
THR H2   H N N 241 
THR HA   H N N 242 
THR HB   H N N 243 
THR HG1  H N N 244 
THR HG21 H N N 245 
THR HG22 H N N 246 
THR HG23 H N N 247 
THR HXT  H N N 248 
TRP N    N N N 249 
TRP CA   C N S 250 
TRP C    C N N 251 
TRP O    O N N 252 
TRP CB   C N N 253 
TRP CG   C Y N 254 
TRP CD1  C Y N 255 
TRP CD2  C Y N 256 
TRP NE1  N Y N 257 
TRP CE2  C Y N 258 
TRP CE3  C Y N 259 
TRP CZ2  C Y N 260 
TRP CZ3  C Y N 261 
TRP CH2  C Y N 262 
TRP OXT  O N N 263 
TRP H    H N N 264 
TRP H2   H N N 265 
TRP HA   H N N 266 
TRP HB2  H N N 267 
TRP HB3  H N N 268 
TRP HD1  H N N 269 
TRP HE1  H N N 270 
TRP HE3  H N N 271 
TRP HZ2  H N N 272 
TRP HZ3  H N N 273 
TRP HH2  H N N 274 
TRP HXT  H N N 275 
TYR N    N N N 276 
TYR CA   C N S 277 
TYR C    C N N 278 
TYR O    O N N 279 
TYR CB   C N N 280 
TYR CG   C Y N 281 
TYR CD1  C Y N 282 
TYR CD2  C Y N 283 
TYR CE1  C Y N 284 
TYR CE2  C Y N 285 
TYR CZ   C Y N 286 
TYR OH   O N N 287 
TYR OXT  O N N 288 
TYR H    H N N 289 
TYR H2   H N N 290 
TYR HA   H N N 291 
TYR HB2  H N N 292 
TYR HB3  H N N 293 
TYR HD1  H N N 294 
TYR HD2  H N N 295 
TYR HE1  H N N 296 
TYR HE2  H N N 297 
TYR HH   H N N 298 
TYR HXT  H N N 299 
VAL N    N N N 300 
VAL CA   C N S 301 
VAL C    C N N 302 
VAL O    O N N 303 
VAL CB   C N N 304 
VAL CG1  C N N 305 
VAL CG2  C N N 306 
VAL OXT  O N N 307 
VAL H    H N N 308 
VAL H2   H N N 309 
VAL HA   H N N 310 
VAL HB   H N N 311 
VAL HG11 H N N 312 
VAL HG12 H N N 313 
VAL HG13 H N N 314 
VAL HG21 H N N 315 
VAL HG22 H N N 316 
VAL HG23 H N N 317 
VAL HXT  H N N 318 
# 
loop_
_chem_comp_bond.comp_id 
_chem_comp_bond.atom_id_1 
_chem_comp_bond.atom_id_2 
_chem_comp_bond.value_order 
_chem_comp_bond.pdbx_aromatic_flag 
_chem_comp_bond.pdbx_stereo_config 
_chem_comp_bond.pdbx_ordinal 
ALA N   CA   sing N N 1   
ALA N   H    sing N N 2   
ALA N   H2   sing N N 3   
ALA CA  C    sing N N 4   
ALA CA  CB   sing N N 5   
ALA CA  HA   sing N N 6   
ALA C   O    doub N N 7   
ALA C   OXT  sing N N 8   
ALA CB  HB1  sing N N 9   
ALA CB  HB2  sing N N 10  
ALA CB  HB3  sing N N 11  
ALA OXT HXT  sing N N 12  
ARG N   CA   sing N N 13  
ARG N   H    sing N N 14  
ARG N   H2   sing N N 15  
ARG CA  C    sing N N 16  
ARG CA  CB   sing N N 17  
ARG CA  HA   sing N N 18  
ARG C   O    doub N N 19  
ARG C   OXT  sing N N 20  
ARG CB  CG   sing N N 21  
ARG CB  HB2  sing N N 22  
ARG CB  HB3  sing N N 23  
ARG CG  CD   sing N N 24  
ARG CG  HG2  sing N N 25  
ARG CG  HG3  sing N N 26  
ARG CD  NE   sing N N 27  
ARG CD  HD2  sing N N 28  
ARG CD  HD3  sing N N 29  
ARG NE  CZ   sing N N 30  
ARG NE  HE   sing N N 31  
ARG CZ  NH1  sing N N 32  
ARG CZ  NH2  doub N N 33  
ARG NH1 HH11 sing N N 34  
ARG NH1 HH12 sing N N 35  
ARG NH2 HH21 sing N N 36  
ARG NH2 HH22 sing N N 37  
ARG OXT HXT  sing N N 38  
ASP N   CA   sing N N 39  
ASP N   H    sing N N 40  
ASP N   H2   sing N N 41  
ASP CA  C    sing N N 42  
ASP CA  CB   sing N N 43  
ASP CA  HA   sing N N 44  
ASP C   O    doub N N 45  
ASP C   OXT  sing N N 46  
ASP CB  CG   sing N N 47  
ASP CB  HB2  sing N N 48  
ASP CB  HB3  sing N N 49  
ASP CG  OD1  doub N N 50  
ASP CG  OD2  sing N N 51  
ASP OD2 HD2  sing N N 52  
ASP OXT HXT  sing N N 53  
GLN N   CA   sing N N 54  
GLN N   H    sing N N 55  
GLN N   H2   sing N N 56  
GLN CA  C    sing N N 57  
GLN CA  CB   sing N N 58  
GLN CA  HA   sing N N 59  
GLN C   O    doub N N 60  
GLN C   OXT  sing N N 61  
GLN CB  CG   sing N N 62  
GLN CB  HB2  sing N N 63  
GLN CB  HB3  sing N N 64  
GLN CG  CD   sing N N 65  
GLN CG  HG2  sing N N 66  
GLN CG  HG3  sing N N 67  
GLN CD  OE1  doub N N 68  
GLN CD  NE2  sing N N 69  
GLN NE2 HE21 sing N N 70  
GLN NE2 HE22 sing N N 71  
GLN OXT HXT  sing N N 72  
GLU N   CA   sing N N 73  
GLU N   H    sing N N 74  
GLU N   H2   sing N N 75  
GLU CA  C    sing N N 76  
GLU CA  CB   sing N N 77  
GLU CA  HA   sing N N 78  
GLU C   O    doub N N 79  
GLU C   OXT  sing N N 80  
GLU CB  CG   sing N N 81  
GLU CB  HB2  sing N N 82  
GLU CB  HB3  sing N N 83  
GLU CG  CD   sing N N 84  
GLU CG  HG2  sing N N 85  
GLU CG  HG3  sing N N 86  
GLU CD  OE1  doub N N 87  
GLU CD  OE2  sing N N 88  
GLU OE2 HE2  sing N N 89  
GLU OXT HXT  sing N N 90  
GLY N   CA   sing N N 91  
GLY N   H    sing N N 92  
GLY N   H2   sing N N 93  
GLY CA  C    sing N N 94  
GLY CA  HA2  sing N N 95  
GLY CA  HA3  sing N N 96  
GLY C   O    doub N N 97  
GLY C   OXT  sing N N 98  
GLY OXT HXT  sing N N 99  
HOH O   H1   sing N N 100 
HOH O   H2   sing N N 101 
ILE N   CA   sing N N 102 
ILE N   H    sing N N 103 
ILE N   H2   sing N N 104 
ILE CA  C    sing N N 105 
ILE CA  CB   sing N N 106 
ILE CA  HA   sing N N 107 
ILE C   O    doub N N 108 
ILE C   OXT  sing N N 109 
ILE CB  CG1  sing N N 110 
ILE CB  CG2  sing N N 111 
ILE CB  HB   sing N N 112 
ILE CG1 CD1  sing N N 113 
ILE CG1 HG12 sing N N 114 
ILE CG1 HG13 sing N N 115 
ILE CG2 HG21 sing N N 116 
ILE CG2 HG22 sing N N 117 
ILE CG2 HG23 sing N N 118 
ILE CD1 HD11 sing N N 119 
ILE CD1 HD12 sing N N 120 
ILE CD1 HD13 sing N N 121 
ILE OXT HXT  sing N N 122 
LEU N   CA   sing N N 123 
LEU N   H    sing N N 124 
LEU N   H2   sing N N 125 
LEU CA  C    sing N N 126 
LEU CA  CB   sing N N 127 
LEU CA  HA   sing N N 128 
LEU C   O    doub N N 129 
LEU C   OXT  sing N N 130 
LEU CB  CG   sing N N 131 
LEU CB  HB2  sing N N 132 
LEU CB  HB3  sing N N 133 
LEU CG  CD1  sing N N 134 
LEU CG  CD2  sing N N 135 
LEU CG  HG   sing N N 136 
LEU CD1 HD11 sing N N 137 
LEU CD1 HD12 sing N N 138 
LEU CD1 HD13 sing N N 139 
LEU CD2 HD21 sing N N 140 
LEU CD2 HD22 sing N N 141 
LEU CD2 HD23 sing N N 142 
LEU OXT HXT  sing N N 143 
LYS N   CA   sing N N 144 
LYS N   H    sing N N 145 
LYS N   H2   sing N N 146 
LYS CA  C    sing N N 147 
LYS CA  CB   sing N N 148 
LYS CA  HA   sing N N 149 
LYS C   O    doub N N 150 
LYS C   OXT  sing N N 151 
LYS CB  CG   sing N N 152 
LYS CB  HB2  sing N N 153 
LYS CB  HB3  sing N N 154 
LYS CG  CD   sing N N 155 
LYS CG  HG2  sing N N 156 
LYS CG  HG3  sing N N 157 
LYS CD  CE   sing N N 158 
LYS CD  HD2  sing N N 159 
LYS CD  HD3  sing N N 160 
LYS CE  NZ   sing N N 161 
LYS CE  HE2  sing N N 162 
LYS CE  HE3  sing N N 163 
LYS NZ  HZ1  sing N N 164 
LYS NZ  HZ2  sing N N 165 
LYS NZ  HZ3  sing N N 166 
LYS OXT HXT  sing N N 167 
PHE N   CA   sing N N 168 
PHE N   H    sing N N 169 
PHE N   H2   sing N N 170 
PHE CA  C    sing N N 171 
PHE CA  CB   sing N N 172 
PHE CA  HA   sing N N 173 
PHE C   O    doub N N 174 
PHE C   OXT  sing N N 175 
PHE CB  CG   sing N N 176 
PHE CB  HB2  sing N N 177 
PHE CB  HB3  sing N N 178 
PHE CG  CD1  doub Y N 179 
PHE CG  CD2  sing Y N 180 
PHE CD1 CE1  sing Y N 181 
PHE CD1 HD1  sing N N 182 
PHE CD2 CE2  doub Y N 183 
PHE CD2 HD2  sing N N 184 
PHE CE1 CZ   doub Y N 185 
PHE CE1 HE1  sing N N 186 
PHE CE2 CZ   sing Y N 187 
PHE CE2 HE2  sing N N 188 
PHE CZ  HZ   sing N N 189 
PHE OXT HXT  sing N N 190 
PRO N   CA   sing N N 191 
PRO N   CD   sing N N 192 
PRO N   H    sing N N 193 
PRO CA  C    sing N N 194 
PRO CA  CB   sing N N 195 
PRO CA  HA   sing N N 196 
PRO C   O    doub N N 197 
PRO C   OXT  sing N N 198 
PRO CB  CG   sing N N 199 
PRO CB  HB2  sing N N 200 
PRO CB  HB3  sing N N 201 
PRO CG  CD   sing N N 202 
PRO CG  HG2  sing N N 203 
PRO CG  HG3  sing N N 204 
PRO CD  HD2  sing N N 205 
PRO CD  HD3  sing N N 206 
PRO OXT HXT  sing N N 207 
SER N   CA   sing N N 208 
SER N   H    sing N N 209 
SER N   H2   sing N N 210 
SER CA  C    sing N N 211 
SER CA  CB   sing N N 212 
SER CA  HA   sing N N 213 
SER C   O    doub N N 214 
SER C   OXT  sing N N 215 
SER CB  OG   sing N N 216 
SER CB  HB2  sing N N 217 
SER CB  HB3  sing N N 218 
SER OG  HG   sing N N 219 
SER OXT HXT  sing N N 220 
THR N   CA   sing N N 221 
THR N   H    sing N N 222 
THR N   H2   sing N N 223 
THR CA  C    sing N N 224 
THR CA  CB   sing N N 225 
THR CA  HA   sing N N 226 
THR C   O    doub N N 227 
THR C   OXT  sing N N 228 
THR CB  OG1  sing N N 229 
THR CB  CG2  sing N N 230 
THR CB  HB   sing N N 231 
THR OG1 HG1  sing N N 232 
THR CG2 HG21 sing N N 233 
THR CG2 HG22 sing N N 234 
THR CG2 HG23 sing N N 235 
THR OXT HXT  sing N N 236 
TRP N   CA   sing N N 237 
TRP N   H    sing N N 238 
TRP N   H2   sing N N 239 
TRP CA  C    sing N N 240 
TRP CA  CB   sing N N 241 
TRP CA  HA   sing N N 242 
TRP C   O    doub N N 243 
TRP C   OXT  sing N N 244 
TRP CB  CG   sing N N 245 
TRP CB  HB2  sing N N 246 
TRP CB  HB3  sing N N 247 
TRP CG  CD1  doub Y N 248 
TRP CG  CD2  sing Y N 249 
TRP CD1 NE1  sing Y N 250 
TRP CD1 HD1  sing N N 251 
TRP CD2 CE2  doub Y N 252 
TRP CD2 CE3  sing Y N 253 
TRP NE1 CE2  sing Y N 254 
TRP NE1 HE1  sing N N 255 
TRP CE2 CZ2  sing Y N 256 
TRP CE3 CZ3  doub Y N 257 
TRP CE3 HE3  sing N N 258 
TRP CZ2 CH2  doub Y N 259 
TRP CZ2 HZ2  sing N N 260 
TRP CZ3 CH2  sing Y N 261 
TRP CZ3 HZ3  sing N N 262 
TRP CH2 HH2  sing N N 263 
TRP OXT HXT  sing N N 264 
TYR N   CA   sing N N 265 
TYR N   H    sing N N 266 
TYR N   H2   sing N N 267 
TYR CA  C    sing N N 268 
TYR CA  CB   sing N N 269 
TYR CA  HA   sing N N 270 
TYR C   O    doub N N 271 
TYR C   OXT  sing N N 272 
TYR CB  CG   sing N N 273 
TYR CB  HB2  sing N N 274 
TYR CB  HB3  sing N N 275 
TYR CG  CD1  doub Y N 276 
TYR CG  CD2  sing Y N 277 
TYR CD1 CE1  sing Y N 278 
TYR CD1 HD1  sing N N 279 
TYR CD2 CE2  doub Y N 280 
TYR CD2 HD2  sing N N 281 
TYR CE1 CZ   doub Y N 282 
TYR CE1 HE1  sing N N 283 
TYR CE2 CZ   sing Y N 284 
TYR CE2 HE2  sing N N 285 
TYR CZ  OH   sing N N 286 
TYR OH  HH   sing N N 287 
TYR OXT HXT  sing N N 288 
VAL N   CA   sing N N 289 
VAL N   H    sing N N 290 
VAL N   H2   sing N N 291 
VAL CA  C    sing N N 292 
VAL CA  CB   sing N N 293 
VAL CA  HA   sing N N 294 
VAL C   O    doub N N 295 
VAL C   OXT  sing N N 296 
VAL CB  CG1  sing N N 297 
VAL CB  CG2  sing N N 298 
VAL CB  HB   sing N N 299 
VAL CG1 HG11 sing N N 300 
VAL CG1 HG12 sing N N 301 
VAL CG1 HG13 sing N N 302 
VAL CG2 HG21 sing N N 303 
VAL CG2 HG22 sing N N 304 
VAL CG2 HG23 sing N N 305 
VAL OXT HXT  sing N N 306 
# 
_pdbx_audit_support.funding_organization   'National Science Foundation (China)' 
_pdbx_audit_support.country                China 
_pdbx_audit_support.grant_number           31470741 
_pdbx_audit_support.ordinal                1 
# 
_atom_sites.entry_id                    5ZKT 
_atom_sites.fract_transf_matrix[1][1]   0.00391095 
_atom_sites.fract_transf_matrix[1][2]   0.02209697 
_atom_sites.fract_transf_matrix[1][3]   -0.00747299 
_atom_sites.fract_transf_matrix[2][1]   0.02254746 
_atom_sites.fract_transf_matrix[2][2]   -0.00330852 
_atom_sites.fract_transf_matrix[2][3]   0.00201709 
_atom_sites.fract_transf_matrix[3][1]   0.00050682 
_atom_sites.fract_transf_matrix[3][2]   -0.00450425 
_atom_sites.fract_transf_matrix[3][3]   -0.01305343 
_atom_sites.fract_transf_vector[1]      0.058566 
_atom_sites.fract_transf_vector[2]      -0.021424 
_atom_sites.fract_transf_vector[3]      -0.122921 
# 
loop_
_atom_type.symbol 
C 
N 
O 
# 
loop_
_atom_site.group_PDB 
_atom_site.id 
_atom_site.type_symbol 
_atom_site.label_atom_id 
_atom_site.label_alt_id 
_atom_site.label_comp_id 
_atom_site.label_asym_id 
_atom_site.label_entity_id 
_atom_site.label_seq_id 
_atom_site.pdbx_PDB_ins_code 
_atom_site.Cartn_x 
_atom_site.Cartn_y 
_atom_site.Cartn_z 
_atom_site.occupancy 
_atom_site.B_iso_or_equiv 
_atom_site.pdbx_formal_charge 
_atom_site.auth_seq_id 
_atom_site.auth_comp_id 
_atom_site.auth_asym_id 
_atom_site.auth_atom_id 
_atom_site.pdbx_PDB_model_num 
ATOM   1   N N   . SER A 1 1  ? 10.226  14.384  4.108   1.00 44.82 ? 5   SER A N   1 
ATOM   2   C CA  . SER A 1 1  ? 9.873   13.468  3.030   1.00 41.24 ? 5   SER A CA  1 
ATOM   3   C C   . SER A 1 1  ? 10.594  12.117  3.133   1.00 38.74 ? 5   SER A C   1 
ATOM   4   O O   . SER A 1 1  ? 10.334  11.216  2.338   1.00 36.54 ? 5   SER A O   1 
ATOM   5   C CB  . SER A 1 1  ? 10.178  14.107  1.671   1.00 44.07 ? 5   SER A CB  1 
ATOM   6   O OG  . SER A 1 1  ? 11.573  14.135  1.412   1.00 49.98 ? 5   SER A OG  1 
ATOM   7   N N   . LYS A 1 2  ? 11.494  11.972  4.107   1.00 35.38 ? 6   LYS A N   1 
ATOM   8   C CA  . LYS A 1 2  ? 12.286  10.757  4.255   1.00 31.36 ? 6   LYS A CA  1 
ATOM   9   C C   . LYS A 1 2  ? 11.989  10.105  5.600   1.00 31.10 ? 6   LYS A C   1 
ATOM   10  O O   . LYS A 1 2  ? 11.435  10.735  6.505   1.00 32.01 ? 6   LYS A O   1 
ATOM   11  C CB  . LYS A 1 2  ? 13.787  11.055  4.136   1.00 34.76 ? 6   LYS A CB  1 
ATOM   12  C CG  . LYS A 1 2  ? 14.174  11.822  2.882   1.00 40.54 ? 6   LYS A CG  1 
ATOM   13  C CD  . LYS A 1 2  ? 14.561  10.878  1.772   1.00 44.71 ? 6   LYS A CD  1 
ATOM   14  C CE  . LYS A 1 2  ? 15.153  11.618  0.575   1.00 49.91 ? 6   LYS A CE  1 
ATOM   15  N NZ  . LYS A 1 2  ? 15.440  10.657  -0.530  1.00 54.60 ? 6   LYS A NZ  1 
ATOM   16  N N   . VAL A 1 3  ? 12.376  8.837   5.723   1.00 26.87 ? 7   VAL A N   1 
ATOM   17  C CA  . VAL A 1 3  ? 12.209  8.071   6.957   1.00 27.10 ? 7   VAL A CA  1 
ATOM   18  C C   . VAL A 1 3  ? 13.411  7.141   7.126   1.00 23.86 ? 7   VAL A C   1 
ATOM   19  O O   . VAL A 1 3  ? 13.952  6.625   6.149   1.00 23.86 ? 7   VAL A O   1 
ATOM   20  C CB  . VAL A 1 3  ? 10.884  7.278   6.930   1.00 28.40 ? 7   VAL A CB  1 
ATOM   21  C CG1 . VAL A 1 3  ? 10.868  6.328   5.742   1.00 30.23 ? 7   VAL A CG1 1 
ATOM   22  C CG2 . VAL A 1 3  ? 10.672  6.536   8.236   1.00 30.49 ? 7   VAL A CG2 1 
ATOM   23  N N   . TYR A 1 4  ? 13.846  6.946   8.369   1.00 26.11 ? 8   TYR A N   1 
ATOM   24  C CA  . TYR A 1 4  ? 14.836  5.912   8.639   1.00 25.18 ? 8   TYR A CA  1 
ATOM   25  C C   . TYR A 1 4  ? 14.167  4.545   8.667   1.00 25.21 ? 8   TYR A C   1 
ATOM   26  O O   . TYR A 1 4  ? 13.092  4.387   9.247   1.00 25.02 ? 8   TYR A O   1 
ATOM   27  C CB  . TYR A 1 4  ? 15.525  6.157   9.982   1.00 24.08 ? 8   TYR A CB  1 
ATOM   28  C CG  . TYR A 1 4  ? 16.414  7.376   10.037  1.00 24.71 ? 8   TYR A CG  1 
ATOM   29  C CD1 . TYR A 1 4  ? 17.645  7.389   9.396   1.00 28.75 ? 8   TYR A CD1 1 
ATOM   30  C CD2 . TYR A 1 4  ? 16.045  8.492   10.773  1.00 26.51 ? 8   TYR A CD2 1 
ATOM   31  C CE1 . TYR A 1 4  ? 18.474  8.494   9.459   1.00 30.10 ? 8   TYR A CE1 1 
ATOM   32  C CE2 . TYR A 1 4  ? 16.875  9.606   10.845  1.00 29.79 ? 8   TYR A CE2 1 
ATOM   33  C CZ  . TYR A 1 4  ? 18.081  9.595   10.186  1.00 29.14 ? 8   TYR A CZ  1 
ATOM   34  O OH  . TYR A 1 4  ? 18.909  10.702  10.257  1.00 33.88 ? 8   TYR A OH  1 
ATOM   35  N N   . THR A 1 5  ? 14.811  3.554   8.038   1.00 24.28 ? 9   THR A N   1 
ATOM   36  C CA  . THR A 1 5  ? 14.434  2.150   8.168   1.00 21.37 ? 9   THR A CA  1 
ATOM   37  C C   . THR A 1 5  ? 15.653  1.348   8.604   1.00 26.49 ? 9   THR A C   1 
ATOM   38  O O   . THR A 1 5  ? 16.787  1.840   8.595   1.00 25.94 ? 9   THR A O   1 
ATOM   39  C CB  . THR A 1 5  ? 13.871  1.557   6.851   1.00 25.08 ? 9   THR A CB  1 
ATOM   40  O OG1 . THR A 1 5  ? 14.945  1.262   5.932   1.00 26.52 ? 9   THR A OG1 1 
ATOM   41  C CG2 . THR A 1 5  ? 12.869  2.500   6.183   1.00 27.26 ? 9   THR A CG2 1 
ATOM   42  N N   . ALA A 1 6  ? 15.416  0.091   8.987   1.00 24.42 ? 10  ALA A N   1 
ATOM   43  C CA  . ALA A 1 6  ? 16.527  -0.778  9.360   1.00 26.59 ? 10  ALA A CA  1 
ATOM   44  C C   . ALA A 1 6  ? 17.504  -0.995  8.210   1.00 31.34 ? 10  ALA A C   1 
ATOM   45  O O   . ALA A 1 6  ? 18.671  -1.314  8.457   1.00 28.80 ? 10  ALA A O   1 
ATOM   46  C CB  . ALA A 1 6  ? 16.012  -2.129  9.855   1.00 28.08 ? 10  ALA A CB  1 
ATOM   47  N N   . LYS A 1 7  ? 17.064  -0.823  6.964   1.00 27.82 ? 11  LYS A N   1 
ATOM   48  C CA  . LYS A 1 7  ? 17.918  -1.036  5.802   1.00 33.20 ? 11  LYS A CA  1 
ATOM   49  C C   . LYS A 1 7  ? 18.368  0.263   5.145   1.00 34.60 ? 11  LYS A C   1 
ATOM   50  O O   . LYS A 1 7  ? 18.929  0.223   4.046   1.00 38.70 ? 11  LYS A O   1 
ATOM   51  C CB  . LYS A 1 7  ? 17.197  -1.918  4.776   1.00 33.79 ? 11  LYS A CB  1 
ATOM   52  C CG  . LYS A 1 7  ? 17.170  -3.398  5.152   1.00 39.94 ? 11  LYS A CG  1 
ATOM   53  C CD  . LYS A 1 7  ? 18.417  -4.125  4.638   1.00 46.89 ? 11  LYS A CD  1 
ATOM   54  C CE  . LYS A 1 7  ? 18.679  -5.426  5.404   1.00 52.55 ? 11  LYS A CE  1 
ATOM   55  N NZ  . LYS A 1 7  ? 17.767  -6.537  4.982   1.00 54.37 ? 11  LYS A NZ  1 
ATOM   56  N N   . GLY A 1 8  ? 18.127  1.405   5.773   1.00 31.13 ? 12  GLY A N   1 
ATOM   57  C CA  . GLY A 1 8  ? 18.598  2.689   5.287   1.00 34.01 ? 12  GLY A CA  1 
ATOM   58  C C   . GLY A 1 8  ? 17.474  3.696   5.130   1.00 33.41 ? 12  GLY A C   1 
ATOM   59  O O   . GLY A 1 8  ? 16.303  3.421   5.388   1.00 30.81 ? 12  GLY A O   1 
ATOM   60  N N   . ILE A 1 9  ? 17.862  4.896   4.689   1.00 31.24 ? 13  ILE A N   1 
ATOM   61  C CA  . ILE A 1 9  ? 16.905  5.977   4.489   1.00 32.06 ? 13  ILE A CA  1 
ATOM   62  C C   . ILE A 1 9  ? 16.046  5.691   3.263   1.00 33.28 ? 13  ILE A C   1 
ATOM   63  O O   . ILE A 1 9  ? 16.544  5.229   2.225   1.00 30.52 ? 13  ILE A O   1 
ATOM   64  C CB  . ILE A 1 9  ? 17.646  7.320   4.357   1.00 33.89 ? 13  ILE A CB  1 
ATOM   65  C CG1 . ILE A 1 9  ? 18.408  7.611   5.651   1.00 34.69 ? 13  ILE A CG1 1 
ATOM   66  C CG2 . ILE A 1 9  ? 16.674  8.453   4.021   1.00 33.48 ? 13  ILE A CG2 1 
ATOM   67  C CD1 . ILE A 1 9  ? 19.303  8.827   5.586   1.00 37.97 ? 13  ILE A CD1 1 
ATOM   68  N N   . ARG A 1 10 ? 14.742  5.964   3.378   1.00 29.08 ? 14  ARG A N   1 
ATOM   69  C CA  . ARG A 1 10 ? 13.802  5.753   2.282   1.00 28.77 ? 14  ARG A CA  1 
ATOM   70  C C   . ARG A 1 10 ? 12.868  6.951   2.154   1.00 28.35 ? 14  ARG A C   1 
ATOM   71  O O   . ARG A 1 10 ? 12.699  7.746   3.082   1.00 29.66 ? 14  ARG A O   1 
ATOM   72  C CB  . ARG A 1 10 ? 12.951  4.485   2.472   1.00 28.48 ? 14  ARG A CB  1 
ATOM   73  C CG  . ARG A 1 10 ? 13.717  3.171   2.469   1.00 32.28 ? 14  ARG A CG  1 
ATOM   74  C CD  . ARG A 1 10 ? 14.363  2.887   1.113   1.00 32.77 ? 14  ARG A CD  1 
ATOM   75  N NE  . ARG A 1 10 ? 15.079  1.612   1.142   1.00 39.51 ? 14  ARG A NE  1 
ATOM   76  C CZ  . ARG A 1 10 ? 16.348  1.470   1.528   1.00 40.87 ? 14  ARG A CZ  1 
ATOM   77  N NH1 . ARG A 1 10 ? 17.059  2.528   1.908   1.00 37.54 ? 14  ARG A NH1 1 
ATOM   78  N NH2 . ARG A 1 10 ? 16.908  0.263   1.535   1.00 37.90 ? 14  ARG A NH2 1 
ATOM   79  N N   . ASP A 1 11 ? 12.244  7.052   0.982   1.00 29.80 ? 15  ASP A N   1 
ATOM   80  C CA  . ASP A 1 11 ? 11.242  8.075   0.729   1.00 31.22 ? 15  ASP A CA  1 
ATOM   81  C C   . ASP A 1 11 ? 9.905   7.677   1.337   1.00 30.83 ? 15  ASP A C   1 
ATOM   82  O O   . ASP A 1 11 ? 9.494   6.516   1.266   1.00 30.17 ? 15  ASP A O   1 
ATOM   83  C CB  . ASP A 1 11 ? 11.062  8.278   -0.777  1.00 35.73 ? 15  ASP A CB  1 
ATOM   84  C CG  . ASP A 1 11 ? 12.254  8.933   -1.426  1.00 42.20 ? 15  ASP A CG  1 
ATOM   85  O OD1 . ASP A 1 11 ? 13.024  9.622   -0.728  1.00 46.35 ? 15  ASP A OD1 1 
ATOM   86  O OD2 . ASP A 1 11 ? 12.427  8.748   -2.648  1.00 52.36 ? 15  ASP A OD2 1 
ATOM   87  N N   . ARG A 1 12 ? 9.207   8.654   1.910   1.00 25.30 ? 16  ARG A N   1 
ATOM   88  C CA  . ARG A 1 12 ? 7.861   8.382   2.394   1.00 24.21 ? 16  ARG A CA  1 
ATOM   89  C C   . ARG A 1 12 ? 6.852   8.286   1.255   1.00 28.03 ? 16  ARG A C   1 
ATOM   90  O O   . ARG A 1 12 ? 5.803   7.663   1.433   1.00 28.04 ? 16  ARG A O   1 
ATOM   91  C CB  . ARG A 1 12 ? 7.427   9.454   3.388   1.00 27.14 ? 16  ARG A CB  1 
ATOM   92  C CG  . ARG A 1 12 ? 8.208   9.356   4.700   1.00 30.34 ? 16  ARG A CG  1 
ATOM   93  C CD  . ARG A 1 12 ? 7.778   10.404  5.694   1.00 33.24 ? 16  ARG A CD  1 
ATOM   94  N NE  . ARG A 1 12 ? 6.331   10.525  5.817   1.00 31.17 ? 16  ARG A NE  1 
ATOM   95  C CZ  . ARG A 1 12 ? 5.735   11.570  6.378   1.00 36.11 ? 16  ARG A CZ  1 
ATOM   96  N NH1 . ARG A 1 12 ? 6.478   12.555  6.873   1.00 38.51 ? 16  ARG A NH1 1 
ATOM   97  N NH2 . ARG A 1 12 ? 4.411   11.634  6.455   1.00 32.74 ? 16  ARG A NH2 1 
ATOM   98  N N   . ARG A 1 13 ? 7.149   8.874   0.100   1.00 27.45 ? 17  ARG A N   1 
ATOM   99  C CA  . ARG A 1 13 ? 6.258   8.776   -1.051  1.00 26.87 ? 17  ARG A CA  1 
ATOM   100 C C   . ARG A 1 13 ? 6.613   7.557   -1.890  1.00 28.09 ? 17  ARG A C   1 
ATOM   101 O O   . ARG A 1 13 ? 7.783   7.352   -2.233  1.00 32.77 ? 17  ARG A O   1 
ATOM   102 C CB  . ARG A 1 13 ? 6.328   10.045  -1.903  1.00 36.28 ? 17  ARG A CB  1 
ATOM   103 C CG  . ARG A 1 13 ? 5.006   10.793  -1.981  1.00 43.76 ? 17  ARG A CG  1 
ATOM   104 C CD  . ARG A 1 13 ? 5.067   12.029  -2.875  1.00 47.90 ? 17  ARG A CD  1 
ATOM   105 N NE  . ARG A 1 13 ? 3.922   12.905  -2.625  1.00 58.49 ? 17  ARG A NE  1 
ATOM   106 C CZ  . ARG A 1 13 ? 3.464   13.814  -3.482  1.00 59.71 ? 17  ARG A CZ  1 
ATOM   107 N NH1 . ARG A 1 13 ? 4.053   13.977  -4.662  1.00 55.42 ? 17  ARG A NH1 1 
ATOM   108 N NH2 . ARG A 1 13 ? 2.415   14.563  -3.158  1.00 60.13 ? 17  ARG A NH2 1 
ATOM   109 N N   . VAL A 1 14 ? 5.603   6.753   -2.225  1.00 25.18 ? 18  VAL A N   1 
ATOM   110 C CA  . VAL A 1 14 ? 5.778   5.583   -3.072  1.00 25.53 ? 18  VAL A CA  1 
ATOM   111 C C   . VAL A 1 14 ? 4.928   5.778   -4.316  1.00 27.05 ? 18  VAL A C   1 
ATOM   112 O O   . VAL A 1 14 ? 3.827   6.326   -4.243  1.00 27.40 ? 18  VAL A O   1 
ATOM   113 C CB  . VAL A 1 14 ? 5.401   4.268   -2.352  1.00 29.46 ? 18  VAL A CB  1 
ATOM   114 C CG1 . VAL A 1 14 ? 6.256   4.087   -1.089  1.00 28.90 ? 18  VAL A CG1 1 
ATOM   115 C CG2 . VAL A 1 14 ? 3.950   4.252   -1.985  1.00 30.50 ? 18  VAL A CG2 1 
ATOM   116 N N   . ARG A 1 15 ? 5.449   5.347   -5.452  1.00 23.92 ? 19  ARG A N   1 
ATOM   117 C CA  . ARG A 1 15 ? 4.788   5.522   -6.738  1.00 26.26 ? 19  ARG A CA  1 
ATOM   118 C C   . ARG A 1 15 ? 4.150   4.201   -7.151  1.00 26.40 ? 19  ARG A C   1 
ATOM   119 O O   . ARG A 1 15 ? 4.844   3.185   -7.296  1.00 30.52 ? 19  ARG A O   1 
ATOM   120 C CB  . ARG A 1 15 ? 5.797   6.004   -7.781  1.00 29.29 ? 19  ARG A CB  1 
ATOM   121 C CG  . ARG A 1 15 ? 5.228   6.259   -9.145  1.00 33.15 ? 19  ARG A CG  1 
ATOM   122 C CD  . ARG A 1 15 ? 6.359   6.663   -10.086 1.00 37.28 ? 19  ARG A CD  1 
ATOM   123 N NE  . ARG A 1 15 ? 5.868   6.891   -11.437 1.00 44.38 ? 19  ARG A NE  1 
ATOM   124 C CZ  . ARG A 1 15 ? 5.310   8.028   -11.836 1.00 46.61 ? 19  ARG A CZ  1 
ATOM   125 N NH1 . ARG A 1 15 ? 5.187   9.040   -10.984 1.00 50.24 ? 19  ARG A NH1 1 
ATOM   126 N NH2 . ARG A 1 15 ? 4.880   8.155   -13.086 1.00 47.74 ? 19  ARG A NH2 1 
ATOM   127 N N   . LEU A 1 16 ? 2.836   4.211   -7.331  1.00 26.15 ? 20  LEU A N   1 
ATOM   128 C CA  . LEU A 1 16 ? 2.122   3.011   -7.743  1.00 23.33 ? 20  LEU A CA  1 
ATOM   129 C C   . LEU A 1 16 ? 2.045   2.953   -9.266  1.00 26.17 ? 20  LEU A C   1 
ATOM   130 O O   . LEU A 1 16 ? 1.999   3.987   -9.935  1.00 26.89 ? 20  LEU A O   1 
ATOM   131 C CB  . LEU A 1 16 ? 0.714   2.999   -7.153  1.00 26.28 ? 20  LEU A CB  1 
ATOM   132 C CG  . LEU A 1 16 ? 0.585   2.656   -5.660  1.00 26.06 ? 20  LEU A CG  1 
ATOM   133 C CD1 . LEU A 1 16 ? 1.284   3.666   -4.768  1.00 32.28 ? 20  LEU A CD1 1 
ATOM   134 C CD2 . LEU A 1 16 ? -0.890  2.553   -5.275  1.00 28.09 ? 20  LEU A CD2 1 
ATOM   135 N N   . SER A 1 17 ? 2.054   1.734   -9.806  1.00 24.09 ? 21  SER A N   1 
ATOM   136 C CA  . SER A 1 17 ? 1.747   1.544   -11.219 1.00 26.20 ? 21  SER A CA  1 
ATOM   137 C C   . SER A 1 17 ? 0.319   2.001   -11.498 1.00 27.40 ? 21  SER A C   1 
ATOM   138 O O   . SER A 1 17 ? -0.495  2.165   -10.584 1.00 25.48 ? 21  SER A O   1 
ATOM   139 C CB  . SER A 1 17 ? 1.939   0.076   -11.610 1.00 28.21 ? 21  SER A CB  1 
ATOM   140 O OG  . SER A 1 17 ? 0.884   -0.743  -11.124 1.00 25.37 ? 21  SER A OG  1 
ATOM   141 N N   . VAL A 1 18 ? 0.003   2.218   -12.781 1.00 25.67 ? 22  VAL A N   1 
ATOM   142 C CA  . VAL A 1 18 ? -1.362  2.613   -13.112 1.00 24.46 ? 22  VAL A CA  1 
ATOM   143 C C   . VAL A 1 18 ? -2.339  1.546   -12.640 1.00 24.08 ? 22  VAL A C   1 
ATOM   144 O O   . VAL A 1 18 ? -3.363  1.849   -12.013 1.00 25.91 ? 22  VAL A O   1 
ATOM   145 C CB  . VAL A 1 18 ? -1.515  2.874   -14.624 1.00 27.30 ? 22  VAL A CB  1 
ATOM   146 C CG1 . VAL A 1 18 ? -2.989  3.008   -14.961 1.00 30.91 ? 22  VAL A CG1 1 
ATOM   147 C CG2 . VAL A 1 18 ? -0.760  4.126   -15.022 1.00 28.55 ? 22  VAL A CG2 1 
ATOM   148 N N   . SER A 1 19 ? -2.028  0.282   -12.925 1.00 26.30 ? 23  SER A N   1 
ATOM   149 C CA  . SER A 1 19 ? -2.945  -0.805  -12.613 1.00 28.23 ? 23  SER A CA  1 
ATOM   150 C C   . SER A 1 19 ? -3.116  -0.965  -11.108 1.00 27.04 ? 23  SER A C   1 
ATOM   151 O O   . SER A 1 19 ? -4.237  -1.118  -10.614 1.00 26.32 ? 23  SER A O   1 
ATOM   152 C CB  . SER A 1 19 ? -2.432  -2.099  -13.241 1.00 35.55 ? 23  SER A CB  1 
ATOM   153 O OG  . SER A 1 19 ? -3.079  -3.224  -12.687 1.00 46.35 ? 23  SER A OG  1 
ATOM   154 N N   . THR A 1 20 ? -2.014  -0.907  -10.366 1.00 25.11 ? 24  THR A N   1 
ATOM   155 C CA  . THR A 1 20 ? -2.098  -1.020  -8.914  1.00 25.31 ? 24  THR A CA  1 
ATOM   156 C C   . THR A 1 20 ? -2.787  0.193   -8.297  1.00 24.06 ? 24  THR A C   1 
ATOM   157 O O   . THR A 1 20 ? -3.559  0.056   -7.344  1.00 24.91 ? 24  THR A O   1 
ATOM   158 C CB  . THR A 1 20 ? -0.701  -1.218  -8.348  1.00 26.88 ? 24  THR A CB  1 
ATOM   159 O OG1 . THR A 1 20 ? -0.176  -2.449  -8.870  1.00 28.54 ? 24  THR A OG1 1 
ATOM   160 C CG2 . THR A 1 20 ? -0.734  -1.284  -6.817  1.00 23.36 ? 24  THR A CG2 1 
ATOM   161 N N   . ALA A 1 21 ? -2.535  1.390   -8.832  1.00 22.59 ? 25  ALA A N   1 
ATOM   162 C CA  . ALA A 1 21 ? -3.216  2.574   -8.316  1.00 23.66 ? 25  ALA A CA  1 
ATOM   163 C C   . ALA A 1 21 ? -4.731  2.472   -8.476  1.00 25.13 ? 25  ALA A C   1 
ATOM   164 O O   . ALA A 1 21 ? -5.480  2.833   -7.562  1.00 24.67 ? 25  ALA A O   1 
ATOM   165 C CB  . ALA A 1 21 ? -2.683  3.836   -9.003  1.00 23.47 ? 25  ALA A CB  1 
ATOM   166 N N   . ILE A 1 22 ? -5.209  1.997   -9.630  1.00 23.96 ? 26  ILE A N   1 
ATOM   167 C CA  . ILE A 1 22 ? -6.651  1.841   -9.818  1.00 25.31 ? 26  ILE A CA  1 
ATOM   168 C C   . ILE A 1 22 ? -7.237  0.915   -8.755  1.00 25.28 ? 26  ILE A C   1 
ATOM   169 O O   . ILE A 1 22 ? -8.279  1.212   -8.155  1.00 27.07 ? 26  ILE A O   1 
ATOM   170 C CB  . ILE A 1 22 ? -6.962  1.327   -11.231 1.00 30.49 ? 26  ILE A CB  1 
ATOM   171 C CG1 . ILE A 1 22 ? -6.634  2.404   -12.268 1.00 26.40 ? 26  ILE A CG1 1 
ATOM   172 C CG2 . ILE A 1 22 ? -8.424  0.873   -11.312 1.00 29.81 ? 26  ILE A CG2 1 
ATOM   173 C CD1 . ILE A 1 22 ? -6.483  1.833   -13.689 1.00 33.09 ? 26  ILE A CD1 1 
ATOM   174 N N   . GLN A 1 23 ? -6.570  -0.215  -8.499  1.00 23.71 ? 27  GLN A N   1 
ATOM   175 C CA  . GLN A 1 23 ? -7.063  -1.150  -7.492  1.00 27.12 ? 27  GLN A CA  1 
ATOM   176 C C   . GLN A 1 23 ? -6.988  -0.546  -6.098  1.00 26.01 ? 27  GLN A C   1 
ATOM   177 O O   . GLN A 1 23 ? -7.908  -0.715  -5.287  1.00 26.28 ? 27  GLN A O   1 
ATOM   178 C CB  . GLN A 1 23 ? -6.259  -2.450  -7.531  1.00 29.19 ? 27  GLN A CB  1 
ATOM   179 C CG  . GLN A 1 23 ? -6.407  -3.238  -8.820  1.00 35.32 ? 27  GLN A CG  1 
ATOM   180 C CD  . GLN A 1 23 ? -5.723  -4.581  -8.736  1.00 43.45 ? 27  GLN A CD  1 
ATOM   181 O OE1 . GLN A 1 23 ? -5.682  -5.199  -7.673  1.00 42.78 ? 27  GLN A OE1 1 
ATOM   182 N NE2 . GLN A 1 23 ? -5.182  -5.046  -9.856  1.00 42.31 ? 27  GLN A NE2 1 
ATOM   183 N N   . PHE A 1 24 ? -5.888  0.149   -5.800  1.00 23.92 ? 28  PHE A N   1 
ATOM   184 C CA  . PHE A 1 24 ? -5.698  0.685   -4.453  1.00 20.77 ? 28  PHE A CA  1 
ATOM   185 C C   . PHE A 1 24 ? -6.753  1.738   -4.121  1.00 22.85 ? 28  PHE A C   1 
ATOM   186 O O   . PHE A 1 24 ? -7.308  1.755   -3.016  1.00 23.00 ? 28  PHE A O   1 
ATOM   187 C CB  . PHE A 1 24 ? -4.297  1.283   -4.328  1.00 22.31 ? 28  PHE A CB  1 
ATOM   188 C CG  . PHE A 1 24 ? -4.099  2.050   -3.055  1.00 22.22 ? 28  PHE A CG  1 
ATOM   189 C CD1 . PHE A 1 24 ? -3.968  1.382   -1.850  1.00 22.93 ? 28  PHE A CD1 1 
ATOM   190 C CD2 . PHE A 1 24 ? -4.092  3.437   -3.058  1.00 27.35 ? 28  PHE A CD2 1 
ATOM   191 C CE1 . PHE A 1 24 ? -3.819  2.103   -0.661  1.00 24.72 ? 28  PHE A CE1 1 
ATOM   192 C CE2 . PHE A 1 24 ? -3.936  4.154   -1.882  1.00 29.90 ? 28  PHE A CE2 1 
ATOM   193 C CZ  . PHE A 1 24 ? -3.795  3.483   -0.684  1.00 24.20 ? 28  PHE A CZ  1 
ATOM   194 N N   . TYR A 1 25 ? -7.031  2.641   -5.061  1.00 24.75 ? 29  TYR A N   1 
ATOM   195 C CA  . TYR A 1 25 ? -7.989  3.693   -4.765  1.00 26.50 ? 29  TYR A CA  1 
ATOM   196 C C   . TYR A 1 25 ? -9.401  3.142   -4.680  1.00 27.48 ? 29  TYR A C   1 
ATOM   197 O O   . TYR A 1 25 ? -10.211 3.659   -3.901  1.00 28.81 ? 29  TYR A O   1 
ATOM   198 C CB  . TYR A 1 25 ? -7.872  4.815   -5.805  1.00 31.71 ? 29  TYR A CB  1 
ATOM   199 C CG  . TYR A 1 25 ? -6.673  5.694   -5.527  1.00 28.31 ? 29  TYR A CG  1 
ATOM   200 C CD1 . TYR A 1 25 ? -6.486  6.261   -4.272  1.00 32.64 ? 29  TYR A CD1 1 
ATOM   201 C CD2 . TYR A 1 25 ? -5.708  5.917   -6.497  1.00 29.02 ? 29  TYR A CD2 1 
ATOM   202 C CE1 . TYR A 1 25 ? -5.386  7.046   -4.002  1.00 33.36 ? 29  TYR A CE1 1 
ATOM   203 C CE2 . TYR A 1 25 ? -4.608  6.700   -6.243  1.00 29.25 ? 29  TYR A CE2 1 
ATOM   204 C CZ  . TYR A 1 25 ? -4.446  7.267   -4.992  1.00 31.89 ? 29  TYR A CZ  1 
ATOM   205 O OH  . TYR A 1 25 ? -3.340  8.060   -4.734  1.00 32.71 ? 29  TYR A OH  1 
ATOM   206 N N   . ASP A 1 26 ? -9.711  2.086   -5.441  1.00 26.60 ? 30  ASP A N   1 
ATOM   207 C CA  . ASP A 1 26 ? -10.998 1.421   -5.268  1.00 28.27 ? 30  ASP A CA  1 
ATOM   208 C C   . ASP A 1 26 ? -11.126 0.883   -3.856  1.00 32.06 ? 30  ASP A C   1 
ATOM   209 O O   . ASP A 1 26 ? -12.178 1.014   -3.218  1.00 31.64 ? 30  ASP A O   1 
ATOM   210 C CB  . ASP A 1 26 ? -11.166 0.292   -6.283  1.00 30.91 ? 30  ASP A CB  1 
ATOM   211 C CG  . ASP A 1 26 ? -11.668 0.788   -7.632  1.00 44.27 ? 30  ASP A CG  1 
ATOM   212 O OD1 . ASP A 1 26 ? -12.301 1.870   -7.673  1.00 48.23 ? 30  ASP A OD1 1 
ATOM   213 O OD2 . ASP A 1 26 ? -11.424 0.096   -8.653  1.00 46.62 ? 30  ASP A OD2 1 
ATOM   214 N N   . LEU A 1 27 ? -10.043 0.298   -3.342  1.00 28.90 ? 31  LEU A N   1 
ATOM   215 C CA  . LEU A 1 27 ? -10.061 -0.222  -1.983  1.00 29.77 ? 31  LEU A CA  1 
ATOM   216 C C   . LEU A 1 27 ? -10.121 0.902   -0.956  1.00 27.72 ? 31  LEU A C   1 
ATOM   217 O O   . LEU A 1 27 ? -10.856 0.802   0.030   1.00 29.42 ? 31  LEU A O   1 
ATOM   218 C CB  . LEU A 1 27 ? -8.842  -1.104  -1.755  1.00 26.87 ? 31  LEU A CB  1 
ATOM   219 C CG  . LEU A 1 27 ? -8.644  -1.531  -0.309  1.00 30.15 ? 31  LEU A CG  1 
ATOM   220 C CD1 . LEU A 1 27 ? -9.832  -2.382  0.149   1.00 29.67 ? 31  LEU A CD1 1 
ATOM   221 C CD2 . LEU A 1 27 ? -7.370  -2.318  -0.210  1.00 32.74 ? 31  LEU A CD2 1 
ATOM   222 N N   . GLN A 1 28 ? -9.344  1.975   -1.153  1.00 26.71 ? 32  GLN A N   1 
ATOM   223 C CA  . GLN A 1 28 ? -9.395  3.085   -0.202  1.00 29.12 ? 32  GLN A CA  1 
ATOM   224 C C   . GLN A 1 28 ? -10.811 3.635   -0.080  1.00 32.00 ? 32  GLN A C   1 
ATOM   225 O O   . GLN A 1 28 ? -11.268 3.959   1.023   1.00 30.54 ? 32  GLN A O   1 
ATOM   226 C CB  . GLN A 1 28 ? -8.437  4.204   -0.611  1.00 24.45 ? 32  GLN A CB  1 
ATOM   227 C CG  . GLN A 1 28 ? -8.247  5.273   0.478   1.00 31.39 ? 32  GLN A CG  1 
ATOM   228 C CD  . GLN A 1 28 ? -7.662  6.572   -0.059  1.00 33.05 ? 32  GLN A CD  1 
ATOM   229 O OE1 . GLN A 1 28 ? -7.142  6.615   -1.174  1.00 35.20 ? 32  GLN A OE1 1 
ATOM   230 N NE2 . GLN A 1 28 ? -7.750  7.638   0.733   1.00 34.99 ? 32  GLN A NE2 1 
ATOM   231 N N   . ASP A 1 29 ? -11.519 3.745   -1.204  1.00 31.69 ? 33  ASP A N   1 
ATOM   232 C CA  . ASP A 1 29 ? -12.896 4.228   -1.165  1.00 35.09 ? 33  ASP A CA  1 
ATOM   233 C C   . ASP A 1 29 ? -13.787 3.269   -0.381  1.00 33.70 ? 33  ASP A C   1 
ATOM   234 O O   . ASP A 1 29 ? -14.584 3.705   0.458   1.00 37.16 ? 33  ASP A O   1 
ATOM   235 C CB  . ASP A 1 29 ? -13.425 4.423   -2.587  1.00 37.18 ? 33  ASP A CB  1 
ATOM   236 C CG  . ASP A 1 29 ? -12.678 5.515   -3.350  1.00 44.50 ? 33  ASP A CG  1 
ATOM   237 O OD1 . ASP A 1 29 ? -11.858 6.232   -2.735  1.00 47.35 ? 33  ASP A OD1 1 
ATOM   238 O OD2 . ASP A 1 29 ? -12.912 5.654   -4.571  1.00 46.85 ? 33  ASP A OD2 1 
ATOM   239 N N   . ARG A 1 30 ? -13.660 1.962   -0.637  1.00 28.29 ? 34  ARG A N   1 
ATOM   240 C CA  . ARG A 1 30 ? -14.479 0.979   0.075   1.00 34.53 ? 34  ARG A CA  1 
ATOM   241 C C   . ARG A 1 30 ? -14.194 0.995   1.571   1.00 33.18 ? 34  ARG A C   1 
ATOM   242 O O   . ARG A 1 30 ? -15.112 0.840   2.384   1.00 35.45 ? 34  ARG A O   1 
ATOM   243 C CB  . ARG A 1 30 ? -14.244 -0.429  -0.470  1.00 33.28 ? 34  ARG A CB  1 
ATOM   244 C CG  . ARG A 1 30 ? -14.573 -0.630  -1.924  1.00 39.61 ? 34  ARG A CG  1 
ATOM   245 C CD  . ARG A 1 30 ? -14.442 -2.094  -2.281  1.00 40.98 ? 34  ARG A CD  1 
ATOM   246 N NE  . ARG A 1 30 ? -15.479 -2.909  -1.650  1.00 47.57 ? 34  ARG A NE  1 
ATOM   247 C CZ  . ARG A 1 30 ? -15.555 -4.236  -1.755  1.00 47.44 ? 34  ARG A CZ  1 
ATOM   248 N NH1 . ARG A 1 30 ? -14.650 -4.897  -2.462  1.00 48.27 ? 34  ARG A NH1 1 
ATOM   249 N NH2 . ARG A 1 30 ? -16.531 -4.904  -1.152  1.00 44.78 ? 34  ARG A NH2 1 
ATOM   250 N N   . LEU A 1 31 ? -12.927 1.162   1.958   1.00 27.13 ? 35  LEU A N   1 
ATOM   251 C CA  . LEU A 1 31 ? -12.603 1.186   3.381   1.00 26.19 ? 35  LEU A CA  1 
ATOM   252 C C   . LEU A 1 31 ? -13.116 2.452   4.049   1.00 30.56 ? 35  LEU A C   1 
ATOM   253 O O   . LEU A 1 31 ? -13.498 2.421   5.224   1.00 30.56 ? 35  LEU A O   1 
ATOM   254 C CB  . LEU A 1 31 ? -11.091 1.066   3.580   1.00 26.54 ? 35  LEU A CB  1 
ATOM   255 C CG  . LEU A 1 31 ? -10.526 -0.323  3.286   1.00 24.07 ? 35  LEU A CG  1 
ATOM   256 C CD1 . LEU A 1 31 ? -8.994  -0.275  3.146   1.00 25.27 ? 35  LEU A CD1 1 
ATOM   257 C CD2 . LEU A 1 31 ? -10.937 -1.295  4.402   1.00 23.43 ? 35  LEU A CD2 1 
ATOM   258 N N   . GLY A 1 32 ? -13.121 3.570   3.325   1.00 28.60 ? 36  GLY A N   1 
ATOM   259 C CA  . GLY A 1 32 ? -13.594 4.840   3.842   1.00 30.12 ? 36  GLY A CA  1 
ATOM   260 C C   . GLY A 1 32 ? -12.551 5.696   4.521   1.00 34.69 ? 36  GLY A C   1 
ATOM   261 O O   . GLY A 1 32 ? -12.910 6.722   5.119   1.00 34.52 ? 36  GLY A O   1 
ATOM   262 N N   . TYR A 1 33 ? -11.278 5.307   4.468   1.00 31.85 ? 37  TYR A N   1 
ATOM   263 C CA  . TYR A 1 33 ? -10.222 6.092   5.091   1.00 30.14 ? 37  TYR A CA  1 
ATOM   264 C C   . TYR A 1 33 ? -9.966  7.374   4.311   1.00 34.74 ? 37  TYR A C   1 
ATOM   265 O O   . TYR A 1 33 ? -9.959  7.377   3.075   1.00 35.16 ? 37  TYR A O   1 
ATOM   266 C CB  . TYR A 1 33 ? -8.928  5.284   5.165   1.00 28.02 ? 37  TYR A CB  1 
ATOM   267 C CG  . TYR A 1 33 ? -8.941  4.212   6.221   1.00 27.50 ? 37  TYR A CG  1 
ATOM   268 C CD1 . TYR A 1 33 ? -9.196  4.517   7.549   1.00 28.97 ? 37  TYR A CD1 1 
ATOM   269 C CD2 . TYR A 1 33 ? -8.717  2.888   5.884   1.00 27.46 ? 37  TYR A CD2 1 
ATOM   270 C CE1 . TYR A 1 33 ? -9.212  3.520   8.524   1.00 27.91 ? 37  TYR A CE1 1 
ATOM   271 C CE2 . TYR A 1 33 ? -8.732  1.891   6.842   1.00 25.87 ? 37  TYR A CE2 1 
ATOM   272 C CZ  . TYR A 1 33 ? -8.984  2.204   8.149   1.00 25.98 ? 37  TYR A CZ  1 
ATOM   273 O OH  . TYR A 1 33 ? -8.996  1.207   9.091   1.00 28.22 ? 37  TYR A OH  1 
ATOM   274 N N   . ASP A 1 34 ? -9.721  8.457   5.050   1.00 35.97 ? 38  ASP A N   1 
ATOM   275 C CA  . ASP A 1 34 ? -9.456  9.752   4.434   1.00 41.63 ? 38  ASP A CA  1 
ATOM   276 C C   . ASP A 1 34 ? -8.051  9.822   3.843   1.00 39.94 ? 38  ASP A C   1 
ATOM   277 O O   . ASP A 1 34 ? -7.854  10.382  2.757   1.00 41.58 ? 38  ASP A O   1 
ATOM   278 C CB  . ASP A 1 34 ? -9.664  10.859  5.472   1.00 46.72 ? 38  ASP A CB  1 
ATOM   279 C CG  . ASP A 1 34 ? -9.123  10.484  6.853   1.00 49.94 ? 38  ASP A CG  1 
ATOM   280 O OD1 . ASP A 1 34 ? -9.023  9.272   7.165   1.00 51.47 ? 38  ASP A OD1 1 
ATOM   281 O OD2 . ASP A 1 34 ? -8.803  11.408  7.637   1.00 56.72 ? 38  ASP A OD2 1 
ATOM   282 N N   . GLN A 1 35 ? -7.073  9.273   4.535   1.00 35.98 ? 39  GLN A N   1 
ATOM   283 C CA  . GLN A 1 35 ? -5.678  9.316   4.116   1.00 32.83 ? 39  GLN A CA  1 
ATOM   284 C C   . GLN A 1 35 ? -5.300  8.000   3.469   1.00 27.66 ? 39  GLN A C   1 
ATOM   285 O O   . GLN A 1 35 ? -5.542  6.944   4.068   1.00 28.57 ? 39  GLN A O   1 
ATOM   286 C CB  . GLN A 1 35 ? -4.759  9.562   5.309   1.00 36.80 ? 39  GLN A CB  1 
ATOM   287 C CG  . GLN A 1 35 ? -5.179  10.654  6.279   1.00 44.45 ? 39  GLN A CG  1 
ATOM   288 C CD  . GLN A 1 35 ? -4.326  10.628  7.540   1.00 51.39 ? 39  GLN A CD  1 
ATOM   289 O OE1 . GLN A 1 35 ? -4.618  11.312  8.524   1.00 56.69 ? 39  GLN A OE1 1 
ATOM   290 N NE2 . GLN A 1 35 ? -3.269  9.816   7.519   1.00 50.87 ? 39  GLN A NE2 1 
ATOM   291 N N   . PRO A 1 36 ? -4.692  8.011   2.284   1.00 26.97 ? 40  PRO A N   1 
ATOM   292 C CA  . PRO A 1 36 ? -4.269  6.744   1.665   1.00 24.10 ? 40  PRO A CA  1 
ATOM   293 C C   . PRO A 1 36 ? -3.326  5.940   2.544   1.00 22.55 ? 40  PRO A C   1 
ATOM   294 O O   . PRO A 1 36 ? -3.326  4.710   2.472   1.00 23.75 ? 40  PRO A O   1 
ATOM   295 C CB  . PRO A 1 36 ? -3.586  7.192   0.367   1.00 30.88 ? 40  PRO A CB  1 
ATOM   296 C CG  . PRO A 1 36 ? -4.231  8.521   0.054   1.00 32.09 ? 40  PRO A CG  1 
ATOM   297 C CD  . PRO A 1 36 ? -4.502  9.166   1.387   1.00 31.59 ? 40  PRO A CD  1 
ATOM   298 N N   . SER A 1 37 ? -2.515  6.600   3.372   1.00 22.18 ? 41  SER A N   1 
ATOM   299 C CA  . SER A 1 37 ? -1.598  5.857   4.239   1.00 21.96 ? 41  SER A CA  1 
ATOM   300 C C   . SER A 1 37 ? -2.349  4.886   5.153   1.00 23.28 ? 41  SER A C   1 
ATOM   301 O O   . SER A 1 37 ? -1.872  3.772   5.414   1.00 22.00 ? 41  SER A O   1 
ATOM   302 C CB  . SER A 1 37 ? -0.747  6.831   5.058   1.00 24.90 ? 41  SER A CB  1 
ATOM   303 O OG  . SER A 1 37 ? 0.141   6.120   5.907   1.00 23.93 ? 41  SER A OG  1 
ATOM   304 N N   . LYS A 1 38 ? -3.538  5.272   5.634   1.00 21.37 ? 42  LYS A N   1 
ATOM   305 C CA  . LYS A 1 38 ? -4.290  4.379   6.511   1.00 22.66 ? 42  LYS A CA  1 
ATOM   306 C C   . LYS A 1 38 ? -4.806  3.144   5.778   1.00 21.28 ? 42  LYS A C   1 
ATOM   307 O O   . LYS A 1 38 ? -4.955  2.079   6.398   1.00 20.78 ? 42  LYS A O   1 
ATOM   308 C CB  . LYS A 1 38 ? -5.460  5.122   7.164   1.00 25.63 ? 42  LYS A CB  1 
ATOM   309 C CG  . LYS A 1 38 ? -5.028  6.163   8.194   1.00 30.11 ? 42  LYS A CG  1 
ATOM   310 C CD  . LYS A 1 38 ? -6.239  6.740   8.903   1.00 38.63 ? 42  LYS A CD  1 
ATOM   311 C CE  . LYS A 1 38 ? -5.838  7.534   10.134  1.00 44.71 ? 42  LYS A CE  1 
ATOM   312 N NZ  . LYS A 1 38 ? -7.039  8.063   10.841  1.00 42.49 ? 42  LYS A NZ  1 
ATOM   313 N N   . ALA A 1 39 ? -5.111  3.255   4.478   1.00 21.17 ? 43  ALA A N   1 
ATOM   314 C CA  . ALA A 1 39 ? -5.487  2.061   3.725   1.00 21.68 ? 43  ALA A CA  1 
ATOM   315 C C   . ALA A 1 39 ? -4.294  1.125   3.548   1.00 22.25 ? 43  ALA A C   1 
ATOM   316 O O   . ALA A 1 39 ? -4.457  -0.099  3.552   1.00 19.72 ? 43  ALA A O   1 
ATOM   317 C CB  . ALA A 1 39 ? -6.069  2.443   2.361   1.00 20.53 ? 43  ALA A CB  1 
ATOM   318 N N   . ILE A 1 40 ? -3.090  1.680   3.377   1.00 20.27 ? 44  ILE A N   1 
ATOM   319 C CA  . ILE A 1 40 ? -1.896  0.834   3.312   1.00 20.29 ? 44  ILE A CA  1 
ATOM   320 C C   . ILE A 1 40 ? -1.687  0.126   4.639   1.00 19.79 ? 44  ILE A C   1 
ATOM   321 O O   . ILE A 1 40 ? -1.412  -1.078  4.681   1.00 20.08 ? 44  ILE A O   1 
ATOM   322 C CB  . ILE A 1 40 ? -0.652  1.651   2.920   1.00 20.02 ? 44  ILE A CB  1 
ATOM   323 C CG1 . ILE A 1 40 ? -0.779  2.193   1.495   1.00 21.42 ? 44  ILE A CG1 1 
ATOM   324 C CG2 . ILE A 1 40 ? 0.605   0.787   3.038   1.00 21.91 ? 44  ILE A CG2 1 
ATOM   325 C CD1 . ILE A 1 40 ? -0.668  1.103   0.388   1.00 29.43 ? 44  ILE A CD1 1 
ATOM   326 N N   . GLU A 1 41 ? -1.812  0.862   5.747   1.00 19.67 ? 45  GLU A N   1 
ATOM   327 C CA  . GLU A 1 41 ? -1.692  0.239   7.064   1.00 18.40 ? 45  GLU A CA  1 
ATOM   328 C C   . GLU A 1 41 ? -2.736  -0.860  7.253   1.00 21.53 ? 45  GLU A C   1 
ATOM   329 O O   . GLU A 1 41 ? -2.443  -1.927  7.807   1.00 21.34 ? 45  GLU A O   1 
ATOM   330 C CB  . GLU A 1 41 ? -1.830  1.308   8.150   1.00 19.81 ? 45  GLU A CB  1 
ATOM   331 C CG  . GLU A 1 41 ? -1.487  0.802   9.570   1.00 26.45 ? 45  GLU A CG  1 
ATOM   332 C CD  . GLU A 1 41 ? -0.066  0.253   9.687   1.00 28.68 ? 45  GLU A CD  1 
ATOM   333 O OE1 . GLU A 1 41 ? 0.115   -0.815  10.313  1.00 31.97 ? 45  GLU A OE1 1 
ATOM   334 O OE2 . GLU A 1 41 ? 0.882   0.886   9.171   1.00 27.92 ? 45  GLU A OE2 1 
ATOM   335 N N   . TRP A 1 42 ? -3.961  -0.621  6.788   1.00 19.10 ? 46  TRP A N   1 
ATOM   336 C CA  . TRP A 1 42 ? -5.004  -1.628  6.922   1.00 20.03 ? 46  TRP A CA  1 
ATOM   337 C C   . TRP A 1 42 ? -4.636  -2.886  6.151   1.00 19.29 ? 46  TRP A C   1 
ATOM   338 O O   . TRP A 1 42 ? -4.804  -4.003  6.652   1.00 21.43 ? 46  TRP A O   1 
ATOM   339 C CB  . TRP A 1 42 ? -6.340  -1.069  6.429   1.00 20.13 ? 46  TRP A CB  1 
ATOM   340 C CG  . TRP A 1 42 ? -7.511  -2.014  6.588   1.00 18.08 ? 46  TRP A CG  1 
ATOM   341 C CD1 . TRP A 1 42 ? -8.393  -2.059  7.628   1.00 19.57 ? 46  TRP A CD1 1 
ATOM   342 C CD2 . TRP A 1 42 ? -7.940  -3.005  5.648   1.00 19.25 ? 46  TRP A CD2 1 
ATOM   343 N NE1 . TRP A 1 42 ? -9.336  -3.038  7.403   1.00 19.78 ? 46  TRP A NE1 1 
ATOM   344 C CE2 . TRP A 1 42 ? -9.077  -3.635  6.197   1.00 18.52 ? 46  TRP A CE2 1 
ATOM   345 C CE3 . TRP A 1 42 ? -7.464  -3.431  4.401   1.00 21.76 ? 46  TRP A CE3 1 
ATOM   346 C CZ2 . TRP A 1 42 ? -9.746  -4.676  5.533   1.00 20.38 ? 46  TRP A CZ2 1 
ATOM   347 C CZ3 . TRP A 1 42 ? -8.129  -4.457  3.747   1.00 24.15 ? 46  TRP A CZ3 1 
ATOM   348 C CH2 . TRP A 1 42 ? -9.252  -5.072  4.320   1.00 23.43 ? 46  TRP A CH2 1 
ATOM   349 N N   . LEU A 1 43 ? -4.126  -2.720  4.930   1.00 18.74 ? 47  LEU A N   1 
ATOM   350 C CA  . LEU A 1 43 ? -3.683  -3.875  4.153   1.00 20.95 ? 47  LEU A CA  1 
ATOM   351 C C   . LEU A 1 43 ? -2.615  -4.665  4.889   1.00 20.56 ? 47  LEU A C   1 
ATOM   352 O O   . LEU A 1 43 ? -2.639  -5.898  4.895   1.00 19.94 ? 47  LEU A O   1 
ATOM   353 C CB  . LEU A 1 43 ? -3.140  -3.417  2.798   1.00 21.16 ? 47  LEU A CB  1 
ATOM   354 C CG  . LEU A 1 43 ? -4.188  -3.024  1.774   1.00 17.67 ? 47  LEU A CG  1 
ATOM   355 C CD1 . LEU A 1 43 ? -3.477  -2.362  0.596   1.00 22.11 ? 47  LEU A CD1 1 
ATOM   356 C CD2 . LEU A 1 43 ? -4.960  -4.262  1.328   1.00 24.31 ? 47  LEU A CD2 1 
ATOM   357 N N   . ILE A 1 44 ? -1.639  -3.974  5.485   1.00 21.00 ? 48  ILE A N   1 
ATOM   358 C CA  . ILE A 1 44 ? -0.584  -4.682  6.202   1.00 21.04 ? 48  ILE A CA  1 
ATOM   359 C C   . ILE A 1 44 ? -1.184  -5.514  7.333   1.00 24.08 ? 48  ILE A C   1 
ATOM   360 O O   . ILE A 1 44 ? -0.832  -6.685  7.521   1.00 25.55 ? 48  ILE A O   1 
ATOM   361 C CB  . ILE A 1 44 ? 0.470   -3.678  6.710   1.00 21.11 ? 48  ILE A CB  1 
ATOM   362 C CG1 . ILE A 1 44 ? 1.221   -3.075  5.508   1.00 23.88 ? 48  ILE A CG1 1 
ATOM   363 C CG2 . ILE A 1 44 ? 1.448   -4.364  7.664   1.00 24.74 ? 48  ILE A CG2 1 
ATOM   364 C CD1 . ILE A 1 44 ? 2.201   -1.944  5.872   1.00 23.64 ? 48  ILE A CD1 1 
ATOM   365 N N   . LYS A 1 45 ? -2.139  -4.936  8.068   1.00 21.95 ? 49  LYS A N   1 
ATOM   366 C CA  . LYS A 1 45 ? -2.784  -5.677  9.146   1.00 22.09 ? 49  LYS A CA  1 
ATOM   367 C C   . LYS A 1 45 ? -3.612  -6.835  8.608   1.00 25.12 ? 49  LYS A C   1 
ATOM   368 O O   . LYS A 1 45 ? -3.577  -7.941  9.162   1.00 24.01 ? 49  LYS A O   1 
ATOM   369 C CB  . LYS A 1 45 ? -3.662  -4.741  9.970   1.00 23.24 ? 49  LYS A CB  1 
ATOM   370 C CG  . LYS A 1 45 ? -2.934  -3.535  10.548  1.00 29.11 ? 49  LYS A CG  1 
ATOM   371 C CD  . LYS A 1 45 ? -1.867  -3.948  11.540  1.00 31.88 ? 49  LYS A CD  1 
ATOM   372 C CE  . LYS A 1 45 ? -1.525  -2.774  12.458  1.00 35.67 ? 49  LYS A CE  1 
ATOM   373 N NZ  . LYS A 1 45 ? -0.471  -3.132  13.448  1.00 39.23 ? 49  LYS A NZ  1 
ATOM   374 N N   . ALA A 1 46 ? -4.358  -6.604  7.523   1.00 22.44 ? 50  ALA A N   1 
ATOM   375 C CA  . ALA A 1 46 ? -5.261  -7.626  7.013   1.00 19.19 ? 50  ALA A CA  1 
ATOM   376 C C   . ALA A 1 46 ? -4.513  -8.756  6.315   1.00 24.14 ? 50  ALA A C   1 
ATOM   377 O O   . ALA A 1 46 ? -5.072  -9.847  6.152   1.00 25.82 ? 50  ALA A O   1 
ATOM   378 C CB  . ALA A 1 46 ? -6.285  -6.981  6.076   1.00 20.57 ? 50  ALA A CB  1 
ATOM   379 N N   . ALA A 1 47 ? -3.268  -8.527  5.900   1.00 22.17 ? 51  ALA A N   1 
ATOM   380 C CA  . ALA A 1 47 ? -2.462  -9.559  5.259   1.00 22.12 ? 51  ALA A CA  1 
ATOM   381 C C   . ALA A 1 47 ? -1.629  -10.358 6.259   1.00 26.73 ? 51  ALA A C   1 
ATOM   382 O O   . ALA A 1 47 ? -0.744  -11.116 5.849   1.00 25.34 ? 51  ALA A O   1 
ATOM   383 C CB  . ALA A 1 47 ? -1.548  -8.929  4.201   1.00 24.38 ? 51  ALA A CB  1 
ATOM   384 N N   . ALA A 1 48 ? -1.912  -10.219 7.556   1.00 26.90 ? 52  ALA A N   1 
ATOM   385 C CA  . ALA A 1 48 ? -1.034  -10.760 8.593   1.00 30.05 ? 52  ALA A CA  1 
ATOM   386 C C   . ALA A 1 48 ? -0.796  -12.260 8.437   1.00 32.27 ? 52  ALA A C   1 
ATOM   387 O O   . ALA A 1 48 ? 0.319   -12.743 8.676   1.00 35.51 ? 52  ALA A O   1 
ATOM   388 C CB  . ALA A 1 48 ? -1.620  -10.460 9.975   1.00 31.01 ? 52  ALA A CB  1 
ATOM   389 N N   . ALA A 1 49 ? -1.825  -13.019 8.053   1.00 30.52 ? 53  ALA A N   1 
ATOM   390 C CA  . ALA A 1 49 ? -1.656  -14.466 7.945   1.00 34.92 ? 53  ALA A CA  1 
ATOM   391 C C   . ALA A 1 49 ? -0.668  -14.815 6.838   1.00 39.44 ? 53  ALA A C   1 
ATOM   392 O O   . ALA A 1 49 ? 0.250   -15.620 7.041   1.00 40.39 ? 53  ALA A O   1 
ATOM   393 C CB  . ALA A 1 49 ? -3.007  -15.146 7.710   1.00 37.01 ? 53  ALA A CB  1 
ATOM   394 N N   . ALA A 1 50 ? -0.818  -14.193 5.666   1.00 34.29 ? 54  ALA A N   1 
ATOM   395 C CA  . ALA A 1 50 ? 0.123   -14.444 4.583   1.00 33.04 ? 54  ALA A CA  1 
ATOM   396 C C   . ALA A 1 50 ? 1.514   -13.916 4.917   1.00 38.37 ? 54  ALA A C   1 
ATOM   397 O O   . ALA A 1 50 ? 2.519   -14.535 4.541   1.00 39.86 ? 54  ALA A O   1 
ATOM   398 C CB  . ALA A 1 50 ? -0.397  -13.827 3.283   1.00 33.08 ? 54  ALA A CB  1 
ATOM   399 N N   . ILE A 1 51 ? 1.597   -12.787 5.626   1.00 32.87 ? 55  ILE A N   1 
ATOM   400 C CA  . ILE A 1 51 ? 2.897   -12.239 6.001   1.00 28.58 ? 55  ILE A CA  1 
ATOM   401 C C   . ILE A 1 51 ? 3.600   -13.160 6.988   1.00 40.07 ? 55  ILE A C   1 
ATOM   402 O O   . ILE A 1 51 ? 4.818   -13.372 6.902   1.00 42.02 ? 55  ILE A O   1 
ATOM   403 C CB  . ILE A 1 51 ? 2.733   -10.825 6.581   1.00 33.20 ? 55  ILE A CB  1 
ATOM   404 C CG1 . ILE A 1 51 ? 2.353   -9.850  5.470   1.00 26.80 ? 55  ILE A CG1 1 
ATOM   405 C CG2 . ILE A 1 51 ? 4.015   -10.379 7.251   1.00 38.61 ? 55  ILE A CG2 1 
ATOM   406 C CD1 . ILE A 1 51 ? 1.968   -8.492  5.998   1.00 29.61 ? 55  ILE A CD1 1 
ATOM   407 N N   . ASP A 1 52 ? 2.851   -13.716 7.942   1.00 37.90 ? 56  ASP A N   1 
ATOM   408 C CA  . ASP A 1 52 ? 3.452   -14.619 8.921   1.00 46.47 ? 56  ASP A CA  1 
ATOM   409 C C   . ASP A 1 52 ? 4.056   -15.836 8.233   1.00 46.26 ? 56  ASP A C   1 
ATOM   410 O O   . ASP A 1 52 ? 5.158   -16.274 8.584   1.00 53.58 ? 56  ASP A O   1 
ATOM   411 C CB  . ASP A 1 52 ? 2.413   -15.056 9.958   1.00 43.48 ? 56  ASP A CB  1 
ATOM   412 C CG  . ASP A 1 52 ? 1.979   -13.921 10.876  1.00 52.30 ? 56  ASP A CG  1 
ATOM   413 O OD1 . ASP A 1 52 ? 2.648   -12.863 10.891  1.00 52.14 ? 56  ASP A OD1 1 
ATOM   414 O OD2 . ASP A 1 52 ? 0.957   -14.090 11.577  1.00 55.27 ? 56  ASP A OD2 1 
ATOM   415 N N   . LYS A 1 53 ? 3.355   -16.378 7.232   1.00 46.05 ? 57  LYS A N   1 
ATOM   416 C CA  . LYS A 1 53 ? 3.796   -17.559 6.498   1.00 50.09 ? 57  LYS A CA  1 
ATOM   417 C C   . LYS A 1 53 ? 4.914   -17.257 5.509   1.00 54.18 ? 57  LYS A C   1 
ATOM   418 O O   . LYS A 1 53 ? 5.200   -18.100 4.650   1.00 55.96 ? 57  LYS A O   1 
ATOM   419 C CB  . LYS A 1 53 ? 2.608   -18.196 5.767   1.00 48.68 ? 57  LYS A CB  1 
ATOM   420 C CG  . LYS A 1 53 ? 1.537   -18.755 6.706   1.00 53.73 ? 57  LYS A CG  1 
ATOM   421 C CD  . LYS A 1 53 ? 0.264   -19.189 5.974   1.00 51.82 ? 57  LYS A CD  1 
ATOM   422 C CE  . LYS A 1 53 ? -0.307  -18.061 5.117   1.00 52.71 ? 57  LYS A CE  1 
ATOM   423 N NZ  . LYS A 1 53 ? -1.804  -18.014 5.133   1.00 49.23 ? 57  LYS A NZ  1 
ATOM   424 N N   . LEU A 1 54 ? 5.534   -16.081 5.621   1.00 54.76 ? 58  LEU A N   1 
ATOM   425 C CA  . LEU A 1 54 ? 6.643   -15.641 4.770   1.00 56.68 ? 58  LEU A CA  1 
ATOM   426 C C   . LEU A 1 54 ? 6.231   -15.534 3.302   1.00 61.39 ? 58  LEU A C   1 
ATOM   427 O O   . LEU A 1 54 ? 5.870   -16.524 2.660   1.00 65.93 ? 58  LEU A O   1 
ATOM   428 C CB  . LEU A 1 54 ? 7.849   -16.576 4.926   1.00 58.53 ? 58  LEU A CB  1 
ATOM   429 C CG  . LEU A 1 54 ? 8.926   -16.165 5.942   1.00 59.35 ? 58  LEU A CG  1 
ATOM   430 C CD1 . LEU A 1 54 ? 9.877   -15.124 5.356   1.00 55.82 ? 58  LEU A CD1 1 
ATOM   431 C CD2 . LEU A 1 54 ? 8.305   -15.651 7.235   1.00 58.15 ? 58  LEU A CD2 1 
ATOM   432 N N   . SER B 1 1  ? 2.172   11.544  -13.465 1.00 36.19 ? 5   SER B N   1 
ATOM   433 C CA  . SER B 1 1  ? 1.830   10.749  -12.289 1.00 37.00 ? 5   SER B CA  1 
ATOM   434 C C   . SER B 1 1  ? 0.324   10.727  -11.982 1.00 38.77 ? 5   SER B C   1 
ATOM   435 O O   . SER B 1 1  ? -0.095  10.267  -10.917 1.00 39.77 ? 5   SER B O   1 
ATOM   436 C CB  . SER B 1 1  ? 2.595   11.270  -11.076 1.00 44.20 ? 5   SER B CB  1 
ATOM   437 O OG  . SER B 1 1  ? 2.102   12.537  -10.680 1.00 51.75 ? 5   SER B OG  1 
ATOM   438 N N   . LYS B 1 2  ? -0.499  11.207  -12.908 1.00 39.43 ? 6   LYS B N   1 
ATOM   439 C CA  . LYS B 1 2  ? -1.939  11.171  -12.710 1.00 37.15 ? 6   LYS B CA  1 
ATOM   440 C C   . LYS B 1 2  ? -2.515  9.849   -13.201 1.00 38.15 ? 6   LYS B C   1 
ATOM   441 O O   . LYS B 1 2  ? -2.017  9.244   -14.154 1.00 38.80 ? 6   LYS B O   1 
ATOM   442 C CB  . LYS B 1 2  ? -2.621  12.336  -13.432 1.00 41.45 ? 6   LYS B CB  1 
ATOM   443 C CG  . LYS B 1 2  ? -2.260  13.702  -12.855 1.00 44.12 ? 6   LYS B CG  1 
ATOM   444 C CD  . LYS B 1 2  ? -2.548  13.773  -11.357 1.00 47.57 ? 6   LYS B CD  1 
ATOM   445 C CE  . LYS B 1 2  ? -1.467  14.559  -10.619 1.00 50.38 ? 6   LYS B CE  1 
ATOM   446 N NZ  . LYS B 1 2  ? -1.814  14.795  -9.185  1.00 50.12 ? 6   LYS B NZ  1 
ATOM   447 N N   . VAL B 1 3  ? -3.565  9.390   -12.524 1.00 30.75 ? 7   VAL B N   1 
ATOM   448 C CA  . VAL B 1 3  ? -4.348  8.251   -12.983 1.00 31.78 ? 7   VAL B CA  1 
ATOM   449 C C   . VAL B 1 3  ? -5.805  8.683   -13.097 1.00 34.18 ? 7   VAL B C   1 
ATOM   450 O O   . VAL B 1 3  ? -6.330  9.396   -12.234 1.00 27.59 ? 7   VAL B O   1 
ATOM   451 C CB  . VAL B 1 3  ? -4.191  7.021   -12.064 1.00 32.95 ? 7   VAL B CB  1 
ATOM   452 C CG1 . VAL B 1 3  ? -4.680  7.311   -10.654 1.00 31.24 ? 7   VAL B CG1 1 
ATOM   453 C CG2 . VAL B 1 3  ? -4.910  5.812   -12.665 1.00 34.69 ? 7   VAL B CG2 1 
ATOM   454 N N   . TYR B 1 4  ? -6.447  8.290   -14.189 1.00 32.78 ? 8   TYR B N   1 
ATOM   455 C CA  . TYR B 1 4  ? -7.852  8.599   -14.389 1.00 32.86 ? 8   TYR B CA  1 
ATOM   456 C C   . TYR B 1 4  ? -8.711  7.463   -13.863 1.00 30.01 ? 8   TYR B C   1 
ATOM   457 O O   . TYR B 1 4  ? -8.422  6.286   -14.090 1.00 33.27 ? 8   TYR B O   1 
ATOM   458 C CB  . TYR B 1 4  ? -8.143  8.844   -15.871 1.00 30.96 ? 8   TYR B CB  1 
ATOM   459 C CG  . TYR B 1 4  ? -7.533  10.121  -16.381 1.00 29.87 ? 8   TYR B CG  1 
ATOM   460 C CD1 . TYR B 1 4  ? -6.153  10.245  -16.533 1.00 34.16 ? 8   TYR B CD1 1 
ATOM   461 C CD2 . TYR B 1 4  ? -8.331  11.207  -16.716 1.00 29.06 ? 8   TYR B CD2 1 
ATOM   462 C CE1 . TYR B 1 4  ? -5.593  11.415  -17.007 1.00 34.45 ? 8   TYR B CE1 1 
ATOM   463 C CE2 . TYR B 1 4  ? -7.780  12.377  -17.191 1.00 35.00 ? 8   TYR B CE2 1 
ATOM   464 C CZ  . TYR B 1 4  ? -6.410  12.479  -17.333 1.00 38.71 ? 8   TYR B CZ  1 
ATOM   465 O OH  . TYR B 1 4  ? -5.859  13.652  -17.802 1.00 43.49 ? 8   TYR B OH  1 
ATOM   466 N N   . THR B 1 5  ? -9.761  7.816   -13.133 1.00 31.54 ? 9   THR B N   1 
ATOM   467 C CA  . THR B 1 5  ? -10.697 6.829   -12.627 1.00 33.28 ? 9   THR B CA  1 
ATOM   468 C C   . THR B 1 5  ? -12.113 7.270   -12.953 1.00 31.67 ? 9   THR B C   1 
ATOM   469 O O   . THR B 1 5  ? -12.356 8.412   -13.365 1.00 31.10 ? 9   THR B O   1 
ATOM   470 C CB  . THR B 1 5  ? -10.546 6.614   -11.113 1.00 33.73 ? 9   THR B CB  1 
ATOM   471 O OG1 . THR B 1 5  ? -11.154 7.707   -10.416 1.00 33.56 ? 9   THR B OG1 1 
ATOM   472 C CG2 . THR B 1 5  ? -9.074  6.519   -10.713 1.00 36.94 ? 9   THR B CG2 1 
ATOM   473 N N   . ALA B 1 6  ? -13.053 6.341   -12.759 1.00 33.97 ? 10  ALA B N   1 
ATOM   474 C CA  . ALA B 1 6  ? -14.467 6.653   -12.947 1.00 35.97 ? 10  ALA B CA  1 
ATOM   475 C C   . ALA B 1 6  ? -14.952 7.733   -11.991 1.00 34.46 ? 10  ALA B C   1 
ATOM   476 O O   . ALA B 1 6  ? -16.004 8.332   -12.232 1.00 38.05 ? 10  ALA B O   1 
ATOM   477 C CB  . ALA B 1 6  ? -15.322 5.393   -12.769 1.00 40.36 ? 10  ALA B CB  1 
ATOM   478 N N   . LYS B 1 7  ? -14.211 7.992   -10.918 1.00 32.92 ? 11  LYS B N   1 
ATOM   479 C CA  . LYS B 1 7  ? -14.558 9.009   -9.936  1.00 34.66 ? 11  LYS B CA  1 
ATOM   480 C C   . LYS B 1 7  ? -13.743 10.286  -10.091 1.00 38.80 ? 11  LYS B C   1 
ATOM   481 O O   . LYS B 1 7  ? -13.902 11.211  -9.285  1.00 39.69 ? 11  LYS B O   1 
ATOM   482 C CB  . LYS B 1 7  ? -14.364 8.449   -8.525  1.00 37.88 ? 11  LYS B CB  1 
ATOM   483 C CG  . LYS B 1 7  ? -15.303 7.305   -8.184  1.00 42.41 ? 11  LYS B CG  1 
ATOM   484 C CD  . LYS B 1 7  ? -15.194 6.947   -6.710  1.00 51.79 ? 11  LYS B CD  1 
ATOM   485 C CE  . LYS B 1 7  ? -16.494 6.378   -6.158  1.00 54.90 ? 11  LYS B CE  1 
ATOM   486 N NZ  . LYS B 1 7  ? -16.633 4.915   -6.418  1.00 58.09 ? 11  LYS B NZ  1 
ATOM   487 N N   . GLY B 1 8  ? -12.870 10.354  -11.089 1.00 32.99 ? 12  GLY B N   1 
ATOM   488 C CA  . GLY B 1 8  ? -12.029 11.506  -11.331 1.00 34.90 ? 12  GLY B CA  1 
ATOM   489 C C   . GLY B 1 8  ? -10.559 11.139  -11.274 1.00 34.09 ? 12  GLY B C   1 
ATOM   490 O O   . GLY B 1 8  ? -10.179 9.967   -11.218 1.00 32.99 ? 12  GLY B O   1 
ATOM   491 N N   . ILE B 1 9  ? -9.724  12.175  -11.264 1.00 34.58 ? 13  ILE B N   1 
ATOM   492 C CA  . ILE B 1 9  ? -8.279  11.997  -11.349 1.00 31.57 ? 13  ILE B CA  1 
ATOM   493 C C   . ILE B 1 9  ? -7.709  11.800  -9.954  1.00 32.59 ? 13  ILE B C   1 
ATOM   494 O O   . ILE B 1 9  ? -8.168  12.422  -8.990  1.00 30.20 ? 13  ILE B O   1 
ATOM   495 C CB  . ILE B 1 9  ? -7.633  13.192  -12.067 1.00 34.30 ? 13  ILE B CB  1 
ATOM   496 C CG1 . ILE B 1 9  ? -8.248  13.328  -13.464 1.00 38.63 ? 13  ILE B CG1 1 
ATOM   497 C CG2 . ILE B 1 9  ? -6.125  13.021  -12.168 1.00 34.22 ? 13  ILE B CG2 1 
ATOM   498 C CD1 . ILE B 1 9  ? -7.953  14.646  -14.130 1.00 41.23 ? 13  ILE B CD1 1 
ATOM   499 N N   . ARG B 1 10 ? -6.744  10.890  -9.839  1.00 27.84 ? 14  ARG B N   1 
ATOM   500 C CA  . ARG B 1 10 ? -6.034  10.642  -8.591  1.00 30.65 ? 14  ARG B CA  1 
ATOM   501 C C   . ARG B 1 10 ? -4.532  10.653  -8.852  1.00 31.22 ? 14  ARG B C   1 
ATOM   502 O O   . ARG B 1 10 ? -4.075  10.555  -9.992  1.00 30.60 ? 14  ARG B O   1 
ATOM   503 C CB  . ARG B 1 10 ? -6.449  9.299   -7.963  1.00 30.39 ? 14  ARG B CB  1 
ATOM   504 C CG  . ARG B 1 10 ? -7.951  9.105   -7.781  1.00 33.20 ? 14  ARG B CG  1 
ATOM   505 C CD  . ARG B 1 10 ? -8.487  9.928   -6.609  1.00 42.90 ? 14  ARG B CD  1 
ATOM   506 N NE  . ARG B 1 10 ? -8.506  9.194   -5.339  1.00 48.34 ? 14  ARG B NE  1 
ATOM   507 C CZ  . ARG B 1 10 ? -9.465  8.343   -4.967  1.00 48.07 ? 14  ARG B CZ  1 
ATOM   508 N NH1 . ARG B 1 10 ? -10.494 8.092   -5.769  1.00 43.89 ? 14  ARG B NH1 1 
ATOM   509 N NH2 . ARG B 1 10 ? -9.390  7.737   -3.790  1.00 45.56 ? 14  ARG B NH2 1 
ATOM   510 N N   . ASP B 1 11 ? -3.755  10.757  -7.776  1.00 30.63 ? 15  ASP B N   1 
ATOM   511 C CA  . ASP B 1 11 ? -2.301  10.776  -7.885  1.00 32.13 ? 15  ASP B CA  1 
ATOM   512 C C   . ASP B 1 11 ? -1.749  9.366   -7.731  1.00 29.74 ? 15  ASP B C   1 
ATOM   513 O O   . ASP B 1 11 ? -2.164  8.628   -6.836  1.00 32.54 ? 15  ASP B O   1 
ATOM   514 C CB  . ASP B 1 11 ? -1.692  11.699  -6.828  1.00 34.50 ? 15  ASP B CB  1 
ATOM   515 C CG  . ASP B 1 11 ? -0.354  12.289  -7.265  1.00 41.86 ? 15  ASP B CG  1 
ATOM   516 O OD1 . ASP B 1 11 ? 0.556   11.518  -7.644  1.00 37.32 ? 15  ASP B OD1 1 
ATOM   517 O OD2 . ASP B 1 11 ? -0.212  13.530  -7.231  1.00 49.95 ? 15  ASP B OD2 1 
ATOM   518 N N   . ARG B 1 12 ? -0.811  8.993   -8.604  1.00 27.42 ? 16  ARG B N   1 
ATOM   519 C CA  . ARG B 1 12 ? -0.177  7.688   -8.466  1.00 26.11 ? 16  ARG B CA  1 
ATOM   520 C C   . ARG B 1 12 ? 0.837   7.649   -7.337  1.00 27.04 ? 16  ARG B C   1 
ATOM   521 O O   . ARG B 1 12 ? 1.279   6.559   -6.974  1.00 27.99 ? 16  ARG B O   1 
ATOM   522 C CB  . ARG B 1 12 ? 0.513   7.267   -9.757  1.00 32.08 ? 16  ARG B CB  1 
ATOM   523 C CG  . ARG B 1 12 ? -0.476  6.862   -10.833 1.00 32.19 ? 16  ARG B CG  1 
ATOM   524 C CD  . ARG B 1 12 ? 0.221   6.651   -12.150 1.00 34.43 ? 16  ARG B CD  1 
ATOM   525 N NE  . ARG B 1 12 ? 1.352   5.739   -12.037 1.00 34.19 ? 16  ARG B NE  1 
ATOM   526 C CZ  . ARG B 1 12 ? 2.265   5.590   -12.985 1.00 38.31 ? 16  ARG B CZ  1 
ATOM   527 N NH1 . ARG B 1 12 ? 2.161   6.293   -14.106 1.00 40.16 ? 16  ARG B NH1 1 
ATOM   528 N NH2 . ARG B 1 12 ? 3.273   4.740   -12.823 1.00 38.03 ? 16  ARG B NH2 1 
ATOM   529 N N   . ARG B 1 13 ? 1.213   8.795   -6.790  1.00 25.85 ? 17  ARG B N   1 
ATOM   530 C CA  . ARG B 1 13 ? 2.115   8.837   -5.649  1.00 28.71 ? 17  ARG B CA  1 
ATOM   531 C C   . ARG B 1 13 ? 1.305   8.899   -4.360  1.00 29.57 ? 17  ARG B C   1 
ATOM   532 O O   . ARG B 1 13 ? 0.393   9.728   -4.224  1.00 30.81 ? 17  ARG B O   1 
ATOM   533 C CB  . ARG B 1 13 ? 3.054   10.035  -5.759  1.00 33.80 ? 17  ARG B CB  1 
ATOM   534 C CG  . ARG B 1 13 ? 3.866   10.036  -7.042  1.00 38.07 ? 17  ARG B CG  1 
ATOM   535 C CD  . ARG B 1 13 ? 4.412   11.420  -7.367  1.00 46.43 ? 17  ARG B CD  1 
ATOM   536 N NE  . ARG B 1 13 ? 3.367   12.386  -7.706  1.00 46.63 ? 17  ARG B NE  1 
ATOM   537 C CZ  . ARG B 1 13 ? 3.610   13.645  -8.058  1.00 49.72 ? 17  ARG B CZ  1 
ATOM   538 N NH1 . ARG B 1 13 ? 4.861   14.085  -8.115  1.00 48.65 ? 17  ARG B NH1 1 
ATOM   539 N NH2 . ARG B 1 13 ? 2.608   14.464  -8.352  1.00 49.48 ? 17  ARG B NH2 1 
ATOM   540 N N   . VAL B 1 14 ? 1.628   8.008   -3.425  1.00 28.54 ? 18  VAL B N   1 
ATOM   541 C CA  . VAL B 1 14 ? 0.957   7.918   -2.133  1.00 27.06 ? 18  VAL B CA  1 
ATOM   542 C C   . VAL B 1 14 ? 1.986   8.249   -1.060  1.00 25.61 ? 18  VAL B C   1 
ATOM   543 O O   . VAL B 1 14 ? 3.069   7.660   -1.046  1.00 27.93 ? 18  VAL B O   1 
ATOM   544 C CB  . VAL B 1 14 ? 0.363   6.512   -1.913  1.00 26.34 ? 18  VAL B CB  1 
ATOM   545 C CG1 . VAL B 1 14 ? -0.111  6.342   -0.482  1.00 32.06 ? 18  VAL B CG1 1 
ATOM   546 C CG2 . VAL B 1 14 ? -0.783  6.255   -2.889  1.00 31.66 ? 18  VAL B CG2 1 
ATOM   547 N N   . ARG B 1 15 ? 1.660   9.188   -0.173  1.00 24.92 ? 19  ARG B N   1 
ATOM   548 C CA  . ARG B 1 15 ? 2.571   9.572   0.906   1.00 27.12 ? 19  ARG B CA  1 
ATOM   549 C C   . ARG B 1 15 ? 2.235   8.780   2.163   1.00 26.51 ? 19  ARG B C   1 
ATOM   550 O O   . ARG B 1 15 ? 1.140   8.924   2.726   1.00 28.95 ? 19  ARG B O   1 
ATOM   551 C CB  . ARG B 1 15 ? 2.489   11.074  1.187   1.00 34.67 ? 19  ARG B CB  1 
ATOM   552 C CG  . ARG B 1 15 ? 3.425   11.561  2.284   1.00 34.91 ? 19  ARG B CG  1 
ATOM   553 C CD  . ARG B 1 15 ? 3.413   13.086  2.314   1.00 44.33 ? 19  ARG B CD  1 
ATOM   554 N NE  . ARG B 1 15 ? 4.078   13.628  3.493   1.00 51.28 ? 19  ARG B NE  1 
ATOM   555 C CZ  . ARG B 1 15 ? 5.313   14.121  3.490   1.00 50.19 ? 19  ARG B CZ  1 
ATOM   556 N NH1 . ARG B 1 15 ? 6.019   14.138  2.364   1.00 53.23 ? 19  ARG B NH1 1 
ATOM   557 N NH2 . ARG B 1 15 ? 5.840   14.598  4.612   1.00 47.83 ? 19  ARG B NH2 1 
ATOM   558 N N   . LEU B 1 16 ? 3.176   7.956   2.613   1.00 23.96 ? 20  LEU B N   1 
ATOM   559 C CA  . LEU B 1 16 ? 2.958   7.160   3.811   1.00 21.78 ? 20  LEU B CA  1 
ATOM   560 C C   . LEU B 1 16 ? 3.345   7.956   5.048   1.00 24.01 ? 20  LEU B C   1 
ATOM   561 O O   . LEU B 1 16 ? 4.269   8.774   5.017   1.00 26.85 ? 20  LEU B O   1 
ATOM   562 C CB  . LEU B 1 16 ? 3.774   5.872   3.754   1.00 23.00 ? 20  LEU B CB  1 
ATOM   563 C CG  . LEU B 1 16 ? 3.579   5.035   2.491   1.00 25.43 ? 20  LEU B CG  1 
ATOM   564 C CD1 . LEU B 1 16 ? 4.491   3.816   2.526   1.00 26.82 ? 20  LEU B CD1 1 
ATOM   565 C CD2 . LEU B 1 16 ? 2.131   4.623   2.369   1.00 30.22 ? 20  LEU B CD2 1 
ATOM   566 N N   . SER B 1 17 ? 2.624   7.707   6.139   1.00 23.88 ? 21  SER B N   1 
ATOM   567 C CA  . SER B 1 17 ? 3.053   8.206   7.438   1.00 24.70 ? 21  SER B CA  1 
ATOM   568 C C   . SER B 1 17 ? 4.401   7.594   7.808   1.00 24.31 ? 21  SER B C   1 
ATOM   569 O O   . SER B 1 17 ? 4.835   6.592   7.239   1.00 22.55 ? 21  SER B O   1 
ATOM   570 C CB  . SER B 1 17 ? 2.016   7.857   8.502   1.00 26.24 ? 21  SER B CB  1 
ATOM   571 O OG  . SER B 1 17 ? 2.102   6.476   8.850   1.00 24.07 ? 21  SER B OG  1 
ATOM   572 N N   . VAL B 1 18 ? 5.076   8.207   8.788   1.00 24.13 ? 22  VAL B N   1 
ATOM   573 C CA  . VAL B 1 18 ? 6.384   7.690   9.181   1.00 23.05 ? 22  VAL B CA  1 
ATOM   574 C C   . VAL B 1 18 ? 6.264   6.240   9.629   1.00 23.19 ? 22  VAL B C   1 
ATOM   575 O O   . VAL B 1 18 ? 7.026   5.372   9.187   1.00 21.95 ? 22  VAL B O   1 
ATOM   576 C CB  . VAL B 1 18 ? 7.014   8.567   10.278  1.00 24.33 ? 22  VAL B CB  1 
ATOM   577 C CG1 . VAL B 1 18 ? 8.212   7.857   10.866  1.00 26.71 ? 22  VAL B CG1 1 
ATOM   578 C CG2 . VAL B 1 18 ? 7.428   9.908   9.695   1.00 26.34 ? 22  VAL B CG2 1 
ATOM   579 N N   . SER B 1 19 ? 5.298   5.954   10.513  1.00 23.76 ? 23  SER B N   1 
ATOM   580 C CA  . SER B 1 19 ? 5.181   4.606   11.063  1.00 22.40 ? 23  SER B CA  1 
ATOM   581 C C   . SER B 1 19 ? 4.767   3.607   10.001  1.00 22.61 ? 23  SER B C   1 
ATOM   582 O O   . SER B 1 19 ? 5.290   2.486   9.954   1.00 21.86 ? 23  SER B O   1 
ATOM   583 C CB  . SER B 1 19 ? 4.168   4.578   12.206  1.00 28.98 ? 23  SER B CB  1 
ATOM   584 O OG  . SER B 1 19 ? 4.724   5.154   13.374  1.00 31.82 ? 23  SER B OG  1 
ATOM   585 N N   . THR B 1 20 ? 3.815   3.985   9.153   1.00 19.74 ? 24  THR B N   1 
ATOM   586 C CA  . THR B 1 20 ? 3.399   3.060   8.096   1.00 20.86 ? 24  THR B CA  1 
ATOM   587 C C   . THR B 1 20 ? 4.531   2.825   7.101   1.00 22.04 ? 24  THR B C   1 
ATOM   588 O O   . THR B 1 20 ? 4.700   1.707   6.589   1.00 20.51 ? 24  THR B O   1 
ATOM   589 C CB  . THR B 1 20 ? 2.146   3.595   7.398   1.00 21.44 ? 24  THR B CB  1 
ATOM   590 O OG1 . THR B 1 20 ? 1.079   3.682   8.354   1.00 24.45 ? 24  THR B OG1 1 
ATOM   591 C CG2 . THR B 1 20 ? 1.719   2.659   6.263   1.00 23.50 ? 24  THR B CG2 1 
ATOM   592 N N   . ALA B 1 21 ? 5.326   3.861   6.811   1.00 19.05 ? 25  ALA B N   1 
ATOM   593 C CA  . ALA B 1 21 ? 6.464   3.669   5.912   1.00 19.79 ? 25  ALA B CA  1 
ATOM   594 C C   . ALA B 1 21 ? 7.445   2.654   6.481   1.00 19.71 ? 25  ALA B C   1 
ATOM   595 O O   . ALA B 1 21 ? 7.952   1.791   5.755   1.00 20.38 ? 25  ALA B O   1 
ATOM   596 C CB  . ALA B 1 21 ? 7.174   4.998   5.655   1.00 22.05 ? 25  ALA B CB  1 
ATOM   597 N N   . ILE B 1 22 ? 7.734   2.741   7.781   1.00 20.39 ? 26  ILE B N   1 
ATOM   598 C CA  . ILE B 1 22 ? 8.678   1.792   8.366   1.00 20.68 ? 26  ILE B CA  1 
ATOM   599 C C   . ILE B 1 22 ? 8.155   0.365   8.238   1.00 22.63 ? 26  ILE B C   1 
ATOM   600 O O   . ILE B 1 22 ? 8.893   -0.550  7.846   1.00 23.89 ? 26  ILE B O   1 
ATOM   601 C CB  . ILE B 1 22 ? 8.983   2.181   9.825   1.00 23.10 ? 26  ILE B CB  1 
ATOM   602 C CG1 . ILE B 1 22 ? 9.743   3.511   9.824   1.00 21.34 ? 26  ILE B CG1 1 
ATOM   603 C CG2 . ILE B 1 22 ? 9.817   1.087   10.487  1.00 27.68 ? 26  ILE B CG2 1 
ATOM   604 C CD1 . ILE B 1 22 ? 9.902   4.210   11.183  1.00 22.02 ? 26  ILE B CD1 1 
ATOM   605 N N   . GLN B 1 23 ? 6.867   0.155   8.534   1.00 20.71 ? 27  GLN B N   1 
ATOM   606 C CA  . GLN B 1 23 ? 6.279   -1.176  8.408   1.00 19.38 ? 27  GLN B CA  1 
ATOM   607 C C   . GLN B 1 23 ? 6.234   -1.639  6.957   1.00 23.08 ? 27  GLN B C   1 
ATOM   608 O O   . GLN B 1 23 ? 6.492   -2.811  6.657   1.00 23.51 ? 27  GLN B O   1 
ATOM   609 C CB  . GLN B 1 23 ? 4.872   -1.182  8.991   1.00 22.95 ? 27  GLN B CB  1 
ATOM   610 C CG  . GLN B 1 23 ? 4.842   -1.039  10.515  1.00 24.66 ? 27  GLN B CG  1 
ATOM   611 C CD  . GLN B 1 23 ? 3.446   -0.811  11.035  1.00 28.95 ? 27  GLN B CD  1 
ATOM   612 O OE1 . GLN B 1 23 ? 3.173   0.183   11.705  1.00 39.79 ? 27  GLN B OE1 1 
ATOM   613 N NE2 . GLN B 1 23 ? 2.546   -1.725  10.716  1.00 27.70 ? 27  GLN B NE2 1 
ATOM   614 N N   . PHE B 1 24 ? 5.867   -0.737  6.051   1.00 19.85 ? 28  PHE B N   1 
ATOM   615 C CA  . PHE B 1 24 ? 5.743   -1.116  4.651   1.00 17.50 ? 28  PHE B CA  1 
ATOM   616 C C   . PHE B 1 24 ? 7.092   -1.518  4.069   1.00 20.47 ? 28  PHE B C   1 
ATOM   617 O O   . PHE B 1 24 ? 7.197   -2.524  3.355   1.00 22.89 ? 28  PHE B O   1 
ATOM   618 C CB  . PHE B 1 24 ? 5.144   0.044   3.856   1.00 19.45 ? 28  PHE B CB  1 
ATOM   619 C CG  . PHE B 1 24 ? 5.120   -0.209  2.380   1.00 20.75 ? 28  PHE B CG  1 
ATOM   620 C CD1 . PHE B 1 24 ? 4.090   -0.931  1.811   1.00 22.18 ? 28  PHE B CD1 1 
ATOM   621 C CD2 . PHE B 1 24 ? 6.143   0.259   1.569   1.00 23.38 ? 28  PHE B CD2 1 
ATOM   622 C CE1 . PHE B 1 24 ? 4.089   -1.191  0.449   1.00 22.26 ? 28  PHE B CE1 1 
ATOM   623 C CE2 . PHE B 1 24 ? 6.141   0.009   0.231   1.00 21.88 ? 28  PHE B CE2 1 
ATOM   624 C CZ  . PHE B 1 24 ? 5.120   -0.719  -0.334  1.00 23.09 ? 28  PHE B CZ  1 
ATOM   625 N N   . TYR B 1 25 ? 8.141   -0.747  4.364   1.00 19.96 ? 29  TYR B N   1 
ATOM   626 C CA  . TYR B 1 25 ? 9.438   -1.071  3.790   1.00 22.28 ? 29  TYR B CA  1 
ATOM   627 C C   . TYR B 1 25 ? 10.015  -2.341  4.399   1.00 24.04 ? 29  TYR B C   1 
ATOM   628 O O   . TYR B 1 25 ? 10.728  -3.082  3.709   1.00 25.03 ? 29  TYR B O   1 
ATOM   629 C CB  . TYR B 1 25 ? 10.381  0.118   3.949   1.00 25.73 ? 29  TYR B CB  1 
ATOM   630 C CG  . TYR B 1 25 ? 10.086  1.207   2.942   1.00 21.72 ? 29  TYR B CG  1 
ATOM   631 C CD1 . TYR B 1 25 ? 10.022  0.918   1.584   1.00 28.60 ? 29  TYR B CD1 1 
ATOM   632 C CD2 . TYR B 1 25 ? 9.868   2.520   3.346   1.00 22.11 ? 29  TYR B CD2 1 
ATOM   633 C CE1 . TYR B 1 25 ? 9.752   1.913   0.652   1.00 28.68 ? 29  TYR B CE1 1 
ATOM   634 C CE2 . TYR B 1 25 ? 9.597   3.520   2.423   1.00 25.73 ? 29  TYR B CE2 1 
ATOM   635 C CZ  . TYR B 1 25 ? 9.541   3.213   1.080   1.00 29.81 ? 29  TYR B CZ  1 
ATOM   636 O OH  . TYR B 1 25 ? 9.269   4.222   0.168   1.00 32.79 ? 29  TYR B OH  1 
ATOM   637 N N   . ASP B 1 26 ? 9.694   -2.635  5.661   1.00 23.37 ? 30  ASP B N   1 
ATOM   638 C CA  . ASP B 1 26 ? 10.103  -3.919  6.231   1.00 26.56 ? 30  ASP B CA  1 
ATOM   639 C C   . ASP B 1 26 ? 9.480   -5.070  5.458   1.00 26.11 ? 30  ASP B C   1 
ATOM   640 O O   . ASP B 1 26 ? 10.151  -6.068  5.159   1.00 26.51 ? 30  ASP B O   1 
ATOM   641 C CB  . ASP B 1 26 ? 9.720   -4.007  7.713   1.00 26.86 ? 30  ASP B CB  1 
ATOM   642 C CG  . ASP B 1 26 ? 10.231  -5.293  8.387   1.00 32.71 ? 30  ASP B CG  1 
ATOM   643 O OD1 . ASP B 1 26 ? 11.442  -5.601  8.294   1.00 33.51 ? 30  ASP B OD1 1 
ATOM   644 O OD2 . ASP B 1 26 ? 9.424   -5.993  9.028   1.00 37.39 ? 30  ASP B OD2 1 
ATOM   645 N N   . LEU B 1 27 ? 8.192   -4.941  5.128   1.00 25.19 ? 31  LEU B N   1 
ATOM   646 C CA  . LEU B 1 27 ? 7.515   -5.948  4.316   1.00 23.99 ? 31  LEU B CA  1 
ATOM   647 C C   . LEU B 1 27 ? 8.123   -6.043  2.921   1.00 25.01 ? 31  LEU B C   1 
ATOM   648 O O   . LEU B 1 27 ? 8.366   -7.147  2.411   1.00 27.55 ? 31  LEU B O   1 
ATOM   649 C CB  . LEU B 1 27 ? 6.024   -5.627  4.228   1.00 23.82 ? 31  LEU B CB  1 
ATOM   650 C CG  . LEU B 1 27 ? 5.253   -6.565  3.295   1.00 28.91 ? 31  LEU B CG  1 
ATOM   651 C CD1 . LEU B 1 27 ? 5.309   -8.012  3.797   1.00 26.35 ? 31  LEU B CD1 1 
ATOM   652 C CD2 . LEU B 1 27 ? 3.824   -6.083  3.168   1.00 28.49 ? 31  LEU B CD2 1 
ATOM   653 N N   . GLN B 1 28 ? 8.337   -4.898  2.261   1.00 21.63 ? 32  GLN B N   1 
ATOM   654 C CA  . GLN B 1 28 ? 8.935   -4.928  0.931   1.00 22.87 ? 32  GLN B CA  1 
ATOM   655 C C   . GLN B 1 28 ? 10.270  -5.666  0.959   1.00 28.68 ? 32  GLN B C   1 
ATOM   656 O O   . GLN B 1 28 ? 10.565  -6.479  0.070   1.00 28.45 ? 32  GLN B O   1 
ATOM   657 C CB  . GLN B 1 28 ? 9.110   -3.498  0.397   1.00 26.38 ? 32  GLN B CB  1 
ATOM   658 C CG  . GLN B 1 28 ? 9.611   -3.443  -1.051  1.00 30.00 ? 32  GLN B CG  1 
ATOM   659 C CD  . GLN B 1 28 ? 10.030  -2.050  -1.489  1.00 34.94 ? 32  GLN B CD  1 
ATOM   660 O OE1 . GLN B 1 28 ? 9.601   -1.050  -0.917  1.00 32.91 ? 32  GLN B OE1 1 
ATOM   661 N NE2 . GLN B 1 28 ? 10.880  -1.980  -2.512  1.00 36.00 ? 32  GLN B NE2 1 
ATOM   662 N N   . ASP B 1 29 ? 11.071  -5.418  1.999   1.00 27.50 ? 33  ASP B N   1 
ATOM   663 C CA  . ASP B 1 29 ? 12.343  -6.120  2.160   1.00 30.32 ? 33  ASP B CA  1 
ATOM   664 C C   . ASP B 1 29 ? 12.139  -7.618  2.370   1.00 32.03 ? 33  ASP B C   1 
ATOM   665 O O   . ASP B 1 29 ? 12.865  -8.433  1.789   1.00 35.07 ? 33  ASP B O   1 
ATOM   666 C CB  . ASP B 1 29 ? 13.116  -5.528  3.340   1.00 34.19 ? 33  ASP B CB  1 
ATOM   667 C CG  . ASP B 1 29 ? 14.422  -6.263  3.614   1.00 42.85 ? 33  ASP B CG  1 
ATOM   668 O OD1 . ASP B 1 29 ? 15.287  -6.279  2.711   1.00 46.57 ? 33  ASP B OD1 1 
ATOM   669 O OD2 . ASP B 1 29 ? 14.589  -6.815  4.726   1.00 46.85 ? 33  ASP B OD2 1 
ATOM   670 N N   . ARG B 1 30 ? 11.177  -8.004  3.216   1.00 29.15 ? 34  ARG B N   1 
ATOM   671 C CA  . ARG B 1 30 ? 10.932  -9.430  3.427   1.00 29.35 ? 34  ARG B CA  1 
ATOM   672 C C   . ARG B 1 30 ? 10.442  -10.110 2.153   1.00 34.72 ? 34  ARG B C   1 
ATOM   673 O O   . ARG B 1 30 ? 10.771  -11.277 1.909   1.00 33.64 ? 34  ARG B O   1 
ATOM   674 C CB  . ARG B 1 30 ? 9.938   -9.637  4.564   1.00 28.49 ? 34  ARG B CB  1 
ATOM   675 C CG  . ARG B 1 30 ? 10.495  -9.222  5.939   1.00 36.03 ? 34  ARG B CG  1 
ATOM   676 C CD  . ARG B 1 30 ? 9.406   -9.147  7.007   1.00 38.24 ? 34  ARG B CD  1 
ATOM   677 N NE  . ARG B 1 30 ? 8.883   -10.466 7.353   1.00 45.48 ? 34  ARG B NE  1 
ATOM   678 C CZ  . ARG B 1 30 ? 7.944   -10.681 8.273   1.00 47.49 ? 34  ARG B CZ  1 
ATOM   679 N NH1 . ARG B 1 30 ? 7.413   -9.663  8.942   1.00 46.87 ? 34  ARG B NH1 1 
ATOM   680 N NH2 . ARG B 1 30 ? 7.531   -11.918 8.521   1.00 48.59 ? 34  ARG B NH2 1 
ATOM   681 N N   . LEU B 1 31 ? 9.683   -9.397  1.323   1.00 28.36 ? 35  LEU B N   1 
ATOM   682 C CA  . LEU B 1 31 ? 9.218   -9.946  0.061   1.00 28.28 ? 35  LEU B CA  1 
ATOM   683 C C   . LEU B 1 31 ? 10.321  -10.019 -0.989  1.00 34.00 ? 35  LEU B C   1 
ATOM   684 O O   . LEU B 1 31 ? 10.219  -10.823 -1.926  1.00 36.71 ? 35  LEU B O   1 
ATOM   685 C CB  . LEU B 1 31 ? 8.055   -9.103  -0.480  1.00 30.97 ? 35  LEU B CB  1 
ATOM   686 C CG  . LEU B 1 31 ? 6.715   -9.153  0.250   1.00 27.88 ? 35  LEU B CG  1 
ATOM   687 C CD1 . LEU B 1 31 ? 5.783   -8.055  -0.281  1.00 26.89 ? 35  LEU B CD1 1 
ATOM   688 C CD2 . LEU B 1 31 ? 6.069   -10.528 0.096   1.00 28.90 ? 35  LEU B CD2 1 
ATOM   689 N N   . GLY B 1 32 ? 11.355  -9.190  -0.873  1.00 34.82 ? 36  GLY B N   1 
ATOM   690 C CA  . GLY B 1 32 ? 12.423  -9.162  -1.855  1.00 35.81 ? 36  GLY B CA  1 
ATOM   691 C C   . GLY B 1 32 ? 12.134  -8.365  -3.108  1.00 39.93 ? 36  GLY B C   1 
ATOM   692 O O   . GLY B 1 32 ? 12.883  -8.480  -4.084  1.00 38.09 ? 36  GLY B O   1 
ATOM   693 N N   . TYR B 1 33 ? 11.071  -7.571  -3.119  1.00 33.19 ? 37  TYR B N   1 
ATOM   694 C CA  . TYR B 1 33 ? 10.739  -6.750  -4.272  1.00 33.64 ? 37  TYR B CA  1 
ATOM   695 C C   . TYR B 1 33 ? 11.538  -5.452  -4.250  1.00 37.88 ? 37  TYR B C   1 
ATOM   696 O O   . TYR B 1 33 ? 11.779  -4.862  -3.191  1.00 39.17 ? 37  TYR B O   1 
ATOM   697 C CB  . TYR B 1 33 ? 9.245   -6.416  -4.284  1.00 34.61 ? 37  TYR B CB  1 
ATOM   698 C CG  . TYR B 1 33 ? 8.316   -7.598  -4.436  1.00 35.03 ? 37  TYR B CG  1 
ATOM   699 C CD1 . TYR B 1 33 ? 8.716   -8.755  -5.097  1.00 40.35 ? 37  TYR B CD1 1 
ATOM   700 C CD2 . TYR B 1 33 ? 7.024   -7.551  -3.930  1.00 30.85 ? 37  TYR B CD2 1 
ATOM   701 C CE1 . TYR B 1 33 ? 7.848   -9.831  -5.243  1.00 40.97 ? 37  TYR B CE1 1 
ATOM   702 C CE2 . TYR B 1 33 ? 6.158   -8.614  -4.072  1.00 32.74 ? 37  TYR B CE2 1 
ATOM   703 C CZ  . TYR B 1 33 ? 6.572   -9.752  -4.728  1.00 39.58 ? 37  TYR B CZ  1 
ATOM   704 O OH  . TYR B 1 33 ? 5.700   -10.808 -4.863  1.00 37.26 ? 37  TYR B OH  1 
ATOM   705 N N   . ASP B 1 34 ? 11.939  -4.995  -5.435  1.00 43.33 ? 38  ASP B N   1 
ATOM   706 C CA  . ASP B 1 34 ? 12.647  -3.727  -5.527  1.00 43.98 ? 38  ASP B CA  1 
ATOM   707 C C   . ASP B 1 34 ? 11.754  -2.584  -5.993  1.00 43.39 ? 38  ASP B C   1 
ATOM   708 O O   . ASP B 1 34 ? 12.220  -1.443  -6.069  1.00 47.65 ? 38  ASP B O   1 
ATOM   709 C CB  . ASP B 1 34 ? 13.878  -3.868  -6.432  1.00 52.40 ? 38  ASP B CB  1 
ATOM   710 C CG  . ASP B 1 34 ? 15.105  -4.360  -5.662  1.00 58.27 ? 38  ASP B CG  1 
ATOM   711 O OD1 . ASP B 1 34 ? 14.972  -5.329  -4.880  1.00 60.68 ? 38  ASP B OD1 1 
ATOM   712 O OD2 . ASP B 1 34 ? 16.199  -3.774  -5.817  1.00 63.22 ? 38  ASP B OD2 1 
ATOM   713 N N   . GLN B 1 35 ? 10.479  -2.848  -6.271  1.00 39.04 ? 39  GLN B N   1 
ATOM   714 C CA  . GLN B 1 35 ? 9.519   -1.794  -6.579  1.00 35.89 ? 39  GLN B CA  1 
ATOM   715 C C   . GLN B 1 35 ? 8.419   -1.792  -5.528  1.00 31.71 ? 39  GLN B C   1 
ATOM   716 O O   . GLN B 1 35 ? 7.741   -2.820  -5.359  1.00 29.61 ? 39  GLN B O   1 
ATOM   717 C CB  . GLN B 1 35 ? 8.913   -1.989  -7.970  1.00 37.00 ? 39  GLN B CB  1 
ATOM   718 C CG  . GLN B 1 35 ? 9.844   -1.600  -9.114  1.00 43.07 ? 39  GLN B CG  1 
ATOM   719 C CD  . GLN B 1 35 ? 9.968   -0.091  -9.283  1.00 48.14 ? 39  GLN B CD  1 
ATOM   720 O OE1 . GLN B 1 35 ? 9.335   0.682   -8.557  1.00 50.31 ? 39  GLN B OE1 1 
ATOM   721 N NE2 . GLN B 1 35 ? 10.788  0.333   -10.244 1.00 49.61 ? 39  GLN B NE2 1 
ATOM   722 N N   . PRO B 1 36 ? 8.181   -0.680  -4.824  1.00 32.05 ? 40  PRO B N   1 
ATOM   723 C CA  . PRO B 1 36 ? 7.097   -0.664  -3.822  1.00 28.39 ? 40  PRO B CA  1 
ATOM   724 C C   . PRO B 1 36 ? 5.740   -1.011  -4.398  1.00 28.02 ? 40  PRO B C   1 
ATOM   725 O O   . PRO B 1 36 ? 4.902   -1.591  -3.696  1.00 26.04 ? 40  PRO B O   1 
ATOM   726 C CB  . PRO B 1 36 ? 7.123   0.777   -3.293  1.00 31.45 ? 40  PRO B CB  1 
ATOM   727 C CG  . PRO B 1 36 ? 8.497   1.273   -3.589  1.00 38.18 ? 40  PRO B CG  1 
ATOM   728 C CD  . PRO B 1 36 ? 8.939   0.584   -4.843  1.00 33.76 ? 40  PRO B CD  1 
ATOM   729 N N   . SER B 1 37 ? 5.483   -0.654  -5.661  1.00 23.36 ? 41  SER B N   1 
ATOM   730 C CA  . SER B 1 37 ? 4.176   -0.946  -6.225  1.00 23.81 ? 41  SER B CA  1 
ATOM   731 C C   . SER B 1 37 ? 3.879   -2.437  -6.199  1.00 23.87 ? 41  SER B C   1 
ATOM   732 O O   . SER B 1 37 ? 2.726   -2.832  -5.992  1.00 23.49 ? 41  SER B O   1 
ATOM   733 C CB  . SER B 1 37 ? 4.085   -0.394  -7.651  1.00 26.67 ? 41  SER B CB  1 
ATOM   734 O OG  . SER B 1 37 ? 2.762   -0.528  -8.134  1.00 26.69 ? 41  SER B OG  1 
ATOM   735 N N   . LYS B 1 38 ? 4.899   -3.284  -6.395  1.00 24.39 ? 42  LYS B N   1 
ATOM   736 C CA  . LYS B 1 38 ? 4.660   -4.723  -6.395  1.00 23.11 ? 42  LYS B CA  1 
ATOM   737 C C   . LYS B 1 38 ? 4.319   -5.236  -5.001  1.00 22.52 ? 42  LYS B C   1 
ATOM   738 O O   . LYS B 1 38 ? 3.558   -6.204  -4.866  1.00 22.89 ? 42  LYS B O   1 
ATOM   739 C CB  . LYS B 1 38 ? 5.873   -5.467  -6.950  1.00 27.00 ? 42  LYS B CB  1 
ATOM   740 C CG  . LYS B 1 38 ? 6.099   -5.188  -8.433  1.00 30.76 ? 42  LYS B CG  1 
ATOM   741 C CD  . LYS B 1 38 ? 5.936   -6.449  -9.260  1.00 43.23 ? 42  LYS B CD  1 
ATOM   742 C CE  . LYS B 1 38 ? 5.451   -6.120  -10.676 1.00 47.96 ? 42  LYS B CE  1 
ATOM   743 N NZ  . LYS B 1 38 ? 4.494   -7.129  -11.211 1.00 47.99 ? 42  LYS B NZ  1 
ATOM   744 N N   . ALA B 1 39 ? 4.869   -4.613  -3.958  1.00 23.54 ? 43  ALA B N   1 
ATOM   745 C CA  . ALA B 1 39 ? 4.473   -4.986  -2.603  1.00 23.00 ? 43  ALA B CA  1 
ATOM   746 C C   . ALA B 1 39 ? 3.014   -4.635  -2.336  1.00 22.12 ? 43  ALA B C   1 
ATOM   747 O O   . ALA B 1 39 ? 2.315   -5.360  -1.620  1.00 22.90 ? 43  ALA B O   1 
ATOM   748 C CB  . ALA B 1 39 ? 5.388   -4.308  -1.579  1.00 22.97 ? 43  ALA B CB  1 
ATOM   749 N N   . ILE B 1 40 ? 2.530   -3.516  -2.885  1.00 22.30 ? 44  ILE B N   1 
ATOM   750 C CA  . ILE B 1 40 ? 1.124   -3.164  -2.691  1.00 22.33 ? 44  ILE B CA  1 
ATOM   751 C C   . ILE B 1 40 ? 0.226   -4.145  -3.434  1.00 23.30 ? 44  ILE B C   1 
ATOM   752 O O   . ILE B 1 40 ? -0.803  -4.595  -2.914  1.00 24.49 ? 44  ILE B O   1 
ATOM   753 C CB  . ILE B 1 40 ? 0.885   -1.705  -3.130  1.00 21.41 ? 44  ILE B CB  1 
ATOM   754 C CG1 . ILE B 1 40 ? 1.649   -0.758  -2.184  1.00 23.64 ? 44  ILE B CG1 1 
ATOM   755 C CG2 . ILE B 1 40 ? -0.595  -1.394  -3.139  1.00 21.49 ? 44  ILE B CG2 1 
ATOM   756 C CD1 . ILE B 1 40 ? 1.893   0.635   -2.726  1.00 30.14 ? 44  ILE B CD1 1 
ATOM   757 N N   . GLU B 1 41 ? 0.627   -4.523  -4.650  1.00 21.90 ? 45  GLU B N   1 
ATOM   758 C CA  . GLU B 1 41 ? -0.065  -5.566  -5.401  1.00 24.25 ? 45  GLU B CA  1 
ATOM   759 C C   . GLU B 1 41 ? -0.143  -6.859  -4.594  1.00 23.40 ? 45  GLU B C   1 
ATOM   760 O O   . GLU B 1 41 ? -1.205  -7.494  -4.503  1.00 25.13 ? 45  GLU B O   1 
ATOM   761 C CB  . GLU B 1 41 ? 0.681   -5.776  -6.720  1.00 28.38 ? 45  GLU B CB  1 
ATOM   762 C CG  . GLU B 1 41 ? -0.103  -6.399  -7.846  1.00 35.78 ? 45  GLU B CG  1 
ATOM   763 C CD  . GLU B 1 41 ? 0.775   -6.641  -9.074  1.00 44.68 ? 45  GLU B CD  1 
ATOM   764 O OE1 . GLU B 1 41 ? 0.524   -7.629  -9.800  1.00 51.69 ? 45  GLU B OE1 1 
ATOM   765 O OE2 . GLU B 1 41 ? 1.725   -5.851  -9.307  1.00 41.24 ? 45  GLU B OE2 1 
ATOM   766 N N   . TRP B 1 42 ? 0.979   -7.245  -3.984  1.00 22.26 ? 46  TRP B N   1 
ATOM   767 C CA  . TRP B 1 42 ? 1.027   -8.436  -3.139  1.00 21.80 ? 46  TRP B CA  1 
ATOM   768 C C   . TRP B 1 42 ? 0.053   -8.319  -1.973  1.00 24.52 ? 46  TRP B C   1 
ATOM   769 O O   . TRP B 1 42 ? -0.684  -9.266  -1.666  1.00 22.12 ? 46  TRP B O   1 
ATOM   770 C CB  . TRP B 1 42 ? 2.458   -8.637  -2.634  1.00 23.69 ? 46  TRP B CB  1 
ATOM   771 C CG  . TRP B 1 42 ? 2.662   -9.917  -1.897  1.00 27.07 ? 46  TRP B CG  1 
ATOM   772 C CD1 . TRP B 1 42 ? 3.058   -11.111 -2.428  1.00 28.68 ? 46  TRP B CD1 1 
ATOM   773 C CD2 . TRP B 1 42 ? 2.476   -10.138 -0.501  1.00 24.41 ? 46  TRP B CD2 1 
ATOM   774 N NE1 . TRP B 1 42 ? 3.124   -12.068 -1.443  1.00 30.23 ? 46  TRP B NE1 1 
ATOM   775 C CE2 . TRP B 1 42 ? 2.772   -11.495 -0.248  1.00 28.13 ? 46  TRP B CE2 1 
ATOM   776 C CE3 . TRP B 1 42 ? 2.080   -9.323  0.567   1.00 23.62 ? 46  TRP B CE3 1 
ATOM   777 C CZ2 . TRP B 1 42 ? 2.689   -12.054 1.032   1.00 25.37 ? 46  TRP B CZ2 1 
ATOM   778 C CZ3 . TRP B 1 42 ? 2.010   -9.879  1.836   1.00 26.13 ? 46  TRP B CZ3 1 
ATOM   779 C CH2 . TRP B 1 42 ? 2.302   -11.231 2.057   1.00 23.04 ? 46  TRP B CH2 1 
ATOM   780 N N   . LEU B 1 43 ? 0.016   -7.149  -1.333  1.00 21.99 ? 47  LEU B N   1 
ATOM   781 C CA  . LEU B 1 43 ? -0.850  -6.962  -0.172  1.00 22.58 ? 47  LEU B CA  1 
ATOM   782 C C   . LEU B 1 43 ? -2.322  -7.115  -0.534  1.00 23.13 ? 47  LEU B C   1 
ATOM   783 O O   . LEU B 1 43 ? -3.109  -7.660  0.252   1.00 23.87 ? 47  LEU B O   1 
ATOM   784 C CB  . LEU B 1 43 ? -0.609  -5.585  0.437   1.00 23.26 ? 47  LEU B CB  1 
ATOM   785 C CG  . LEU B 1 43 ? 0.613   -5.423  1.334   1.00 21.76 ? 47  LEU B CG  1 
ATOM   786 C CD1 . LEU B 1 43 ? 0.891   -3.935  1.559   1.00 24.19 ? 47  LEU B CD1 1 
ATOM   787 C CD2 . LEU B 1 43 ? 0.383   -6.136  2.663   1.00 22.43 ? 47  LEU B CD2 1 
ATOM   788 N N   . ILE B 1 44 ? -2.723  -6.598  -1.695  1.00 21.35 ? 48  ILE B N   1 
ATOM   789 C CA  . ILE B 1 44 ? -4.126  -6.663  -2.080  1.00 23.02 ? 48  ILE B CA  1 
ATOM   790 C C   . ILE B 1 44 ? -4.550  -8.110  -2.311  1.00 26.57 ? 48  ILE B C   1 
ATOM   791 O O   . ILE B 1 44 ? -5.655  -8.518  -1.931  1.00 28.18 ? 48  ILE B O   1 
ATOM   792 C CB  . ILE B 1 44 ? -4.362  -5.768  -3.307  1.00 25.19 ? 48  ILE B CB  1 
ATOM   793 C CG1 . ILE B 1 44 ? -4.214  -4.298  -2.883  1.00 22.74 ? 48  ILE B CG1 1 
ATOM   794 C CG2 . ILE B 1 44 ? -5.735  -6.048  -3.917  1.00 25.96 ? 48  ILE B CG2 1 
ATOM   795 C CD1 . ILE B 1 44 ? -4.145  -3.315  -4.049  1.00 26.17 ? 48  ILE B CD1 1 
ATOM   796 N N   . LYS B 1 45 ? -3.668  -8.924  -2.891  1.00 24.54 ? 49  LYS B N   1 
ATOM   797 C CA  . LYS B 1 45 ? -3.957  -10.349 -3.000  1.00 25.05 ? 49  LYS B CA  1 
ATOM   798 C C   . LYS B 1 45 ? -3.927  -11.036 -1.639  1.00 24.70 ? 49  LYS B C   1 
ATOM   799 O O   . LYS B 1 45 ? -4.776  -11.890 -1.353  1.00 26.29 ? 49  LYS B O   1 
ATOM   800 C CB  . LYS B 1 45 ? -2.968  -11.010 -3.960  1.00 27.54 ? 49  LYS B CB  1 
ATOM   801 C CG  . LYS B 1 45 ? -3.194  -10.590 -5.412  1.00 29.94 ? 49  LYS B CG  1 
ATOM   802 C CD  . LYS B 1 45 ? -2.030  -11.006 -6.282  1.00 30.04 ? 49  LYS B CD  1 
ATOM   803 C CE  . LYS B 1 45 ? -2.143  -10.367 -7.652  1.00 37.73 ? 49  LYS B CE  1 
ATOM   804 N NZ  . LYS B 1 45 ? -1.054  -10.837 -8.552  1.00 40.66 ? 49  LYS B NZ  1 
ATOM   805 N N   . ALA B 1 46 ? -2.968  -10.671 -0.777  1.00 25.37 ? 50  ALA B N   1 
ATOM   806 C CA  . ALA B 1 46 ? -2.847  -11.325 0.522   1.00 24.70 ? 50  ALA B CA  1 
ATOM   807 C C   . ALA B 1 46 ? -3.975  -10.946 1.475   1.00 25.91 ? 50  ALA B C   1 
ATOM   808 O O   . ALA B 1 46 ? -4.271  -11.711 2.405   1.00 25.92 ? 50  ALA B O   1 
ATOM   809 C CB  . ALA B 1 46 ? -1.496  -10.983 1.166   1.00 22.32 ? 50  ALA B CB  1 
ATOM   810 N N   . ALA B 1 47 ? -4.607  -9.793  1.276   1.00 22.23 ? 51  ALA B N   1 
ATOM   811 C CA  . ALA B 1 47 ? -5.703  -9.354  2.130   1.00 22.69 ? 51  ALA B CA  1 
ATOM   812 C C   . ALA B 1 47 ? -7.067  -9.675  1.526   1.00 25.41 ? 51  ALA B C   1 
ATOM   813 O O   . ALA B 1 47 ? -8.087  -9.162  1.999   1.00 23.60 ? 51  ALA B O   1 
ATOM   814 C CB  . ALA B 1 47 ? -5.581  -7.849  2.403   1.00 23.96 ? 51  ALA B CB  1 
ATOM   815 N N   . ALA B 1 48 ? -7.103  -10.522 0.493   1.00 23.34 ? 52  ALA B N   1 
ATOM   816 C CA  . ALA B 1 48 ? -8.329  -10.730 -0.277  1.00 25.96 ? 52  ALA B CA  1 
ATOM   817 C C   . ALA B 1 48 ? -9.488  -11.181 0.601   1.00 23.80 ? 52  ALA B C   1 
ATOM   818 O O   . ALA B 1 48 ? -10.628 -10.753 0.401   1.00 25.97 ? 52  ALA B O   1 
ATOM   819 C CB  . ALA B 1 48 ? -8.084  -11.759 -1.384  1.00 28.11 ? 52  ALA B CB  1 
ATOM   820 N N   . ALA B 1 49 ? -9.219  -12.061 1.569   1.00 25.86 ? 53  ALA B N   1 
ATOM   821 C CA  . ALA B 1 49 ? -10.301 -12.577 2.402   1.00 28.28 ? 53  ALA B CA  1 
ATOM   822 C C   . ALA B 1 49 ? -10.968 -11.455 3.185   1.00 30.10 ? 53  ALA B C   1 
ATOM   823 O O   . ALA B 1 49 ? -12.202 -11.385 3.256   1.00 28.31 ? 53  ALA B O   1 
ATOM   824 C CB  . ALA B 1 49 ? -9.774  -13.665 3.336   1.00 32.29 ? 53  ALA B CB  1 
ATOM   825 N N   . ALA B 1 50 ? -10.170 -10.539 3.750   1.00 26.47 ? 54  ALA B N   1 
ATOM   826 C CA  . ALA B 1 50 ? -10.749 -9.427  4.499   1.00 25.90 ? 54  ALA B CA  1 
ATOM   827 C C   . ALA B 1 50 ? -11.463 -8.445  3.577   1.00 26.37 ? 54  ALA B C   1 
ATOM   828 O O   . ALA B 1 50 ? -12.529 -7.922  3.919   1.00 29.11 ? 54  ALA B O   1 
ATOM   829 C CB  . ALA B 1 50 ? -9.662  -8.714  5.304   1.00 26.22 ? 54  ALA B CB  1 
ATOM   830 N N   . ILE B 1 51 ? -10.880 -8.159  2.412   1.00 22.69 ? 55  ILE B N   1 
ATOM   831 C CA  . ILE B 1 51 ? -11.501 -7.215  1.492   1.00 21.00 ? 55  ILE B CA  1 
ATOM   832 C C   . ILE B 1 51 ? -12.888 -7.705  1.094   1.00 23.31 ? 55  ILE B C   1 
ATOM   833 O O   . ILE B 1 51 ? -13.831 -6.916  0.955   1.00 24.66 ? 55  ILE B O   1 
ATOM   834 C CB  . ILE B 1 51 ? -10.589 -7.015  0.262   1.00 25.53 ? 55  ILE B CB  1 
ATOM   835 C CG1 . ILE B 1 51 ? -9.268  -6.343  0.666   1.00 23.72 ? 55  ILE B CG1 1 
ATOM   836 C CG2 . ILE B 1 51 ? -11.299 -6.202  -0.801  1.00 26.42 ? 55  ILE B CG2 1 
ATOM   837 C CD1 . ILE B 1 51 ? -8.186  -6.423  -0.457  1.00 23.36 ? 55  ILE B CD1 1 
ATOM   838 N N   . ASP B 1 52 ? -13.033 -9.022  0.926   1.00 25.68 ? 56  ASP B N   1 
ATOM   839 C CA  . ASP B 1 52 ? -14.296 -9.634  0.518   1.00 25.32 ? 56  ASP B CA  1 
ATOM   840 C C   . ASP B 1 52 ? -15.362 -9.562  1.595   1.00 30.93 ? 56  ASP B C   1 
ATOM   841 O O   . ASP B 1 52 ? -16.534 -9.813  1.295   1.00 29.33 ? 56  ASP B O   1 
ATOM   842 C CB  . ASP B 1 52 ? -14.073 -11.090 0.135   1.00 25.61 ? 56  ASP B CB  1 
ATOM   843 C CG  . ASP B 1 52 ? -13.314 -11.227 -1.169  1.00 28.63 ? 56  ASP B CG  1 
ATOM   844 O OD1 . ASP B 1 52 ? -13.400 -10.302 -2.003  1.00 30.19 ? 56  ASP B OD1 1 
ATOM   845 O OD2 . ASP B 1 52 ? -12.633 -12.257 -1.335  1.00 31.36 ? 56  ASP B OD2 1 
ATOM   846 N N   . LYS B 1 53 ? -14.996 -9.221  2.829   1.00 28.67 ? 57  LYS B N   1 
ATOM   847 C CA  . LYS B 1 53 ? -15.990 -9.033  3.870   1.00 33.14 ? 57  LYS B CA  1 
ATOM   848 C C   . LYS B 1 53 ? -16.519 -7.608  3.931   1.00 29.76 ? 57  LYS B C   1 
ATOM   849 O O   . LYS B 1 53 ? -17.476 -7.362  4.662   1.00 35.17 ? 57  LYS B O   1 
ATOM   850 C CB  . LYS B 1 53 ? -15.414 -9.435  5.237   1.00 31.34 ? 57  LYS B CB  1 
ATOM   851 C CG  . LYS B 1 53 ? -14.906 -10.874 5.308   1.00 32.38 ? 57  LYS B CG  1 
ATOM   852 C CD  . LYS B 1 53 ? -14.302 -11.223 6.676   1.00 37.68 ? 57  LYS B CD  1 
ATOM   853 C CE  . LYS B 1 53 ? -13.335 -10.130 7.168   1.00 43.45 ? 57  LYS B CE  1 
ATOM   854 N NZ  . LYS B 1 53 ? -12.217 -10.619 8.058   1.00 41.66 ? 57  LYS B NZ  1 
ATOM   855 N N   . LEU B 1 54 ? -15.956 -6.681  3.166   1.00 28.23 ? 58  LEU B N   1 
ATOM   856 C CA  . LEU B 1 54 ? -16.391 -5.291  3.218   1.00 32.73 ? 58  LEU B CA  1 
ATOM   857 C C   . LEU B 1 54 ? -17.800 -5.161  2.656   1.00 42.51 ? 58  LEU B C   1 
ATOM   858 O O   . LEU B 1 54 ? -18.000 -5.433  1.462   1.00 43.64 ? 58  LEU B O   1 
ATOM   859 C CB  . LEU B 1 54 ? -15.419 -4.390  2.453   1.00 29.57 ? 58  LEU B CB  1 
ATOM   860 C CG  . LEU B 1 54 ? -13.978 -4.365  2.984   1.00 27.80 ? 58  LEU B CG  1 
ATOM   861 C CD1 . LEU B 1 54 ? -13.068 -3.561  2.088   1.00 26.76 ? 58  LEU B CD1 1 
ATOM   862 C CD2 . LEU B 1 54 ? -13.903 -3.823  4.408   1.00 26.42 ? 58  LEU B CD2 1 
ATOM   863 N N   . PRO B 1 55 ? -18.814 -4.806  3.475   1.00 43.29 ? 59  PRO B N   1 
ATOM   864 C CA  . PRO B 1 55 ? -20.182 -4.556  2.993   1.00 48.37 ? 59  PRO B CA  1 
ATOM   865 C C   . PRO B 1 55 ? -20.329 -3.185  2.332   1.00 50.06 ? 59  PRO B C   1 
ATOM   866 O O   . PRO B 1 55 ? -20.794 -2.259  3.001   1.00 53.89 ? 59  PRO B O   1 
ATOM   867 C CB  . PRO B 1 55 ? -21.037 -4.643  4.273   1.00 44.82 ? 59  PRO B CB  1 
ATOM   868 C CG  . PRO B 1 55 ? -20.080 -4.348  5.424   1.00 29.59 ? 59  PRO B CG  1 
ATOM   869 C CD  . PRO B 1 55 ? -18.738 -4.839  4.957   1.00 42.45 ? 59  PRO B CD  1 
HETATM 870 O O   . HOH C 2 .  ? -11.053 7.862   -1.062  1.00 55.79 ? 101 HOH A O   1 
HETATM 871 O O   . HOH C 2 .  ? 13.355  0.034   0.206   1.00 45.42 ? 102 HOH A O   1 
HETATM 872 O O   . HOH C 2 .  ? -1.326  10.641  6.096   1.00 48.63 ? 103 HOH A O   1 
HETATM 873 O O   . HOH C 2 .  ? -15.821 1.176   5.363   1.00 34.89 ? 104 HOH A O   1 
HETATM 874 O O   . HOH C 2 .  ? -10.425 1.609   11.278  1.00 25.97 ? 105 HOH A O   1 
HETATM 875 O O   . HOH C 2 .  ? -1.044  5.583   8.270   1.00 30.59 ? 106 HOH A O   1 
HETATM 876 O O   . HOH C 2 .  ? 6.807   1.327   -7.227  1.00 32.27 ? 107 HOH A O   1 
HETATM 877 O O   . HOH C 2 .  ? -4.611  -12.232 7.347   1.00 34.61 ? 108 HOH A O   1 
HETATM 878 O O   . HOH C 2 .  ? 9.505   5.690   -3.505  1.00 44.21 ? 109 HOH A O   1 
HETATM 879 O O   . HOH C 2 .  ? -13.954 3.690   -6.138  1.00 48.44 ? 110 HOH A O   1 
HETATM 880 O O   . HOH C 2 .  ? 0.838   -7.541  9.542   1.00 34.98 ? 111 HOH A O   1 
HETATM 881 O O   . HOH C 2 .  ? -2.954  -4.767  -7.768  1.00 47.88 ? 112 HOH A O   1 
HETATM 882 O O   . HOH C 2 .  ? 9.189   12.747  7.420   1.00 40.21 ? 113 HOH A O   1 
HETATM 883 O O   . HOH C 2 .  ? -11.933 7.522   1.111   1.00 48.12 ? 114 HOH A O   1 
HETATM 884 O O   . HOH C 2 .  ? 20.916  -2.700  7.528   1.00 39.80 ? 115 HOH A O   1 
HETATM 885 O O   . HOH C 2 .  ? -5.781  -7.941  -7.098  1.00 36.08 ? 116 HOH A O   1 
HETATM 886 O O   . HOH C 2 .  ? -12.590 4.126   7.277   1.00 32.22 ? 117 HOH A O   1 
HETATM 887 O O   . HOH C 2 .  ? -3.059  -7.999  11.934  1.00 30.40 ? 118 HOH A O   1 
HETATM 888 O O   . HOH C 2 .  ? 14.030  -0.670  4.089   1.00 36.41 ? 119 HOH A O   1 
HETATM 889 O O   . HOH C 2 .  ? 1.925   1.871   -14.829 1.00 36.08 ? 120 HOH A O   1 
HETATM 890 O O   . HOH C 2 .  ? 2.729   -16.022 2.134   1.00 51.05 ? 121 HOH A O   1 
HETATM 891 O O   . HOH C 2 .  ? 9.335   11.007  -0.313  1.00 39.85 ? 122 HOH A O   1 
HETATM 892 O O   . HOH C 2 .  ? 12.892  5.249   -1.142  1.00 37.08 ? 123 HOH A O   1 
HETATM 893 O O   . HOH C 2 .  ? -13.074 6.388   8.013   1.00 41.04 ? 124 HOH A O   1 
HETATM 894 O O   . HOH C 2 .  ? 3.600   14.657  -0.301  1.00 59.57 ? 125 HOH A O   1 
HETATM 895 O O   . HOH C 2 .  ? -1.794  -5.076  15.195  1.00 46.49 ? 126 HOH A O   1 
HETATM 896 O O   . HOH C 2 .  ? 1.243   -3.283  -12.540 1.00 55.11 ? 127 HOH A O   1 
HETATM 897 O O   . HOH C 2 .  ? -6.489  -2.328  -12.073 1.00 37.55 ? 128 HOH A O   1 
HETATM 898 O O   . HOH C 2 .  ? -7.409  -11.243 5.016   1.00 31.80 ? 129 HOH A O   1 
HETATM 899 O O   . HOH C 2 .  ? 8.217   4.320   -5.580  1.00 34.74 ? 130 HOH A O   1 
HETATM 900 O O   . HOH C 2 .  ? -9.941  3.532   -8.951  1.00 35.90 ? 131 HOH A O   1 
HETATM 901 O O   . HOH C 2 .  ? 20.793  4.902   4.216   1.00 41.46 ? 132 HOH A O   1 
HETATM 902 O O   . HOH C 2 .  ? 12.504  8.606   10.451  1.00 34.72 ? 133 HOH A O   1 
HETATM 903 O O   . HOH C 2 .  ? -14.760 1.438   -4.733  1.00 42.88 ? 134 HOH A O   1 
HETATM 904 O O   . HOH C 2 .  ? 0.049   -0.778  -14.990 1.00 33.83 ? 135 HOH A O   1 
HETATM 905 O O   . HOH C 2 .  ? -10.103 -2.807  -8.818  1.00 45.33 ? 136 HOH A O   1 
HETATM 906 O O   . HOH C 2 .  ? 1.434   11.090  5.324   1.00 48.48 ? 137 HOH A O   1 
HETATM 907 O O   . HOH C 2 .  ? -3.924  -15.880 3.703   1.00 46.63 ? 138 HOH A O   1 
HETATM 908 O O   . HOH C 2 .  ? 20.578  4.955   6.995   1.00 35.81 ? 139 HOH A O   1 
HETATM 909 O O   . HOH C 2 .  ? -16.222 7.296   3.921   1.00 50.55 ? 140 HOH A O   1 
HETATM 910 O O   . HOH C 2 .  ? 13.398  -2.158  6.477   1.00 33.04 ? 141 HOH A O   1 
HETATM 911 O O   . HOH C 2 .  ? -14.775 2.275   -11.006 1.00 62.00 ? 142 HOH A O   1 
HETATM 912 O O   . HOH C 2 .  ? -6.172  -1.452  -14.880 1.00 48.87 ? 143 HOH A O   1 
HETATM 913 O O   . HOH C 2 .  ? -8.805  -2.919  -11.103 1.00 48.48 ? 144 HOH A O   1 
HETATM 914 O O   . HOH C 2 .  ? -0.278  -7.612  12.115  1.00 40.44 ? 145 HOH A O   1 
HETATM 915 O O   . HOH C 2 .  ? 8.670   13.453  -2.050  1.00 52.70 ? 146 HOH A O   1 
HETATM 916 O O   . HOH C 2 .  ? 22.256  8.975   7.644   1.00 40.00 ? 147 HOH A O   1 
HETATM 917 O O   . HOH C 2 .  ? 1.167   -9.139  13.311  1.00 53.42 ? 148 HOH A O   1 
HETATM 918 O O   . HOH C 2 .  ? -17.270 -0.222  -8.168  1.00 49.25 ? 149 HOH A O   1 
HETATM 919 O O   . HOH D 2 .  ? 4.226   3.759   15.515  1.00 39.43 ? 101 HOH B O   1 
HETATM 920 O O   . HOH D 2 .  ? 1.657   -4.104  11.375  1.00 40.66 ? 102 HOH B O   1 
HETATM 921 O O   . HOH D 2 .  ? -11.240 10.357  -14.927 1.00 35.40 ? 103 HOH B O   1 
HETATM 922 O O   . HOH D 2 .  ? -3.480  -13.142 4.636   1.00 32.92 ? 104 HOH B O   1 
HETATM 923 O O   . HOH D 2 .  ? 13.778  -4.560  7.228   1.00 37.44 ? 105 HOH B O   1 
HETATM 924 O O   . HOH D 2 .  ? -6.672  -13.150 2.711   1.00 34.50 ? 106 HOH B O   1 
HETATM 925 O O   . HOH D 2 .  ? -12.589 -6.644  6.444   1.00 31.94 ? 107 HOH B O   1 
HETATM 926 O O   . HOH D 2 .  ? -11.091 14.600  -11.796 1.00 46.76 ? 108 HOH B O   1 
HETATM 927 O O   . HOH D 2 .  ? 2.620   -3.143  -9.284  1.00 33.90 ? 109 HOH B O   1 
HETATM 928 O O   . HOH D 2 .  ? 3.968   10.518  10.070  1.00 31.29 ? 110 HOH B O   1 
HETATM 929 O O   . HOH D 2 .  ? -5.407  -14.244 0.159   1.00 35.76 ? 111 HOH B O   1 
HETATM 930 O O   . HOH D 2 .  ? -5.033  11.459  -5.293  1.00 35.75 ? 112 HOH B O   1 
HETATM 931 O O   . HOH D 2 .  ? -1.686  9.407   3.022   1.00 32.51 ? 113 HOH B O   1 
HETATM 932 O O   . HOH D 2 .  ? 3.758   -14.847 -2.024  1.00 44.77 ? 114 HOH B O   1 
HETATM 933 O O   . HOH D 2 .  ? 0.415   6.235   11.232  1.00 45.78 ? 115 HOH B O   1 
HETATM 934 O O   . HOH D 2 .  ? 10.978  3.792   -2.172  1.00 41.64 ? 116 HOH B O   1 
HETATM 935 O O   . HOH D 2 .  ? -0.837  10.683  -0.511  1.00 32.33 ? 117 HOH B O   1 
HETATM 936 O O   . HOH D 2 .  ? 5.711   -5.148  8.320   1.00 36.65 ? 118 HOH B O   1 
HETATM 937 O O   . HOH D 2 .  ? 1.088   -0.381  13.799  1.00 50.88 ? 119 HOH B O   1 
HETATM 938 O O   . HOH D 2 .  ? -11.627 10.618  -7.066  1.00 49.22 ? 120 HOH B O   1 
HETATM 939 O O   . HOH D 2 .  ? -14.382 -13.588 3.390   1.00 57.23 ? 121 HOH B O   1 
HETATM 940 O O   . HOH D 2 .  ? 7.066   14.249  -0.556  1.00 51.62 ? 122 HOH B O   1 
HETATM 941 O O   . HOH D 2 .  ? -3.211  -7.098  -6.846  1.00 33.62 ? 123 HOH B O   1 
HETATM 942 O O   . HOH D 2 .  ? 12.152  0.804   -1.700  1.00 51.01 ? 124 HOH B O   1 
HETATM 943 O O   . HOH D 2 .  ? -9.582  -12.074 6.883   1.00 42.17 ? 125 HOH B O   1 
HETATM 944 O O   . HOH D 2 .  ? 4.911   -8.421  10.864  1.00 53.55 ? 126 HOH B O   1 
HETATM 945 O O   . HOH D 2 .  ? 0.092   -12.896 -2.857  1.00 45.09 ? 127 HOH B O   1 
HETATM 946 O O   . HOH D 2 .  ? 12.801  -2.005  1.060   1.00 58.79 ? 128 HOH B O   1 
HETATM 947 O O   . HOH D 2 .  ? -17.044 3.368   -10.084 1.00 52.90 ? 129 HOH B O   1 
HETATM 948 O O   . HOH D 2 .  ? -2.493  4.170   10.485  1.00 51.86 ? 130 HOH B O   1 
HETATM 949 O O   . HOH D 2 .  ? -1.599  -14.628 -1.432  1.00 42.16 ? 131 HOH B O   1 
HETATM 950 O O   . HOH D 2 .  ? -1.729  12.021  2.208   1.00 48.97 ? 132 HOH B O   1 
HETATM 951 O O   . HOH D 2 .  ? 1.877   15.687  -14.428 1.00 46.27 ? 133 HOH B O   1 
HETATM 952 O O   . HOH D 2 .  ? -13.573 2.634   -14.933 1.00 46.80 ? 134 HOH B O   1 
HETATM 953 O O   . HOH D 2 .  ? 6.582   -15.105 -5.172  1.00 51.23 ? 135 HOH B O   1 
HETATM 954 O O   . HOH D 2 .  ? 3.784   -6.638  9.591   1.00 51.48 ? 136 HOH B O   1 
HETATM 955 O O   . HOH D 2 .  ? -20.645 9.473   -11.739 1.00 53.45 ? 137 HOH B O   1 
# 
